data_2XOW
# 
_entry.id   2XOW 
# 
_audit_conform.dict_name       mmcif_pdbx.dic 
_audit_conform.dict_version    5.398 
_audit_conform.dict_location   http://mmcif.pdb.org/dictionaries/ascii/mmcif_pdbx.dic 
# 
loop_
_database_2.database_id 
_database_2.database_code 
_database_2.pdbx_database_accession 
_database_2.pdbx_DOI 
PDB   2XOW         pdb_00002xow 10.2210/pdb2xow/pdb 
PDBE  EBI-45136    ?            ?                   
WWPDB D_1290045136 ?            ?                   
# 
loop_
_pdbx_audit_revision_history.ordinal 
_pdbx_audit_revision_history.data_content_type 
_pdbx_audit_revision_history.major_revision 
_pdbx_audit_revision_history.minor_revision 
_pdbx_audit_revision_history.revision_date 
1 'Structure model' 1 0 2010-10-13 
2 'Structure model' 1 1 2011-05-26 
3 'Structure model' 1 2 2011-07-13 
4 'Structure model' 1 3 2019-02-27 
5 'Structure model' 1 4 2020-07-29 
6 'Structure model' 1 5 2023-12-20 
7 'Structure model' 1 6 2024-11-13 
# 
loop_
_pdbx_audit_revision_details.ordinal 
_pdbx_audit_revision_details.revision_ordinal 
_pdbx_audit_revision_details.data_content_type 
_pdbx_audit_revision_details.provider 
_pdbx_audit_revision_details.type 
_pdbx_audit_revision_details.description 
_pdbx_audit_revision_details.details 
1 1 'Structure model' repository 'Initial release' ?                          ? 
2 5 'Structure model' repository Remediation       'Carbohydrate remediation' ? 
# 
loop_
_pdbx_audit_revision_group.ordinal 
_pdbx_audit_revision_group.revision_ordinal 
_pdbx_audit_revision_group.data_content_type 
_pdbx_audit_revision_group.group 
1  2 'Structure model' 'Version format compliance' 
2  3 'Structure model' 'Version format compliance' 
3  4 'Structure model' 'Data collection'           
4  4 'Structure model' 'Derived calculations'      
5  4 'Structure model' 'Experimental preparation'  
6  4 'Structure model' Other                       
7  5 'Structure model' 'Data collection'           
8  5 'Structure model' 'Derived calculations'      
9  5 'Structure model' Other                       
10 5 'Structure model' 'Structure summary'         
11 6 'Structure model' 'Data collection'           
12 6 'Structure model' 'Database references'       
13 6 'Structure model' 'Refinement description'    
14 6 'Structure model' 'Structure summary'         
15 7 'Structure model' 'Structure summary'         
# 
loop_
_pdbx_audit_revision_category.ordinal 
_pdbx_audit_revision_category.revision_ordinal 
_pdbx_audit_revision_category.data_content_type 
_pdbx_audit_revision_category.category 
1  4 'Structure model' exptl_crystal_grow            
2  4 'Structure model' pdbx_database_proc            
3  4 'Structure model' pdbx_database_status          
4  4 'Structure model' struct_biol                   
5  4 'Structure model' struct_conn                   
6  5 'Structure model' chem_comp                     
7  5 'Structure model' entity                        
8  5 'Structure model' pdbx_chem_comp_identifier     
9  5 'Structure model' pdbx_database_status          
10 5 'Structure model' pdbx_entity_nonpoly           
11 5 'Structure model' struct_site                   
12 5 'Structure model' struct_site_gen               
13 6 'Structure model' chem_comp                     
14 6 'Structure model' chem_comp_atom                
15 6 'Structure model' chem_comp_bond                
16 6 'Structure model' database_2                    
17 6 'Structure model' pdbx_initial_refinement_model 
18 7 'Structure model' pdbx_entry_details            
19 7 'Structure model' pdbx_modification_feature     
# 
loop_
_pdbx_audit_revision_item.ordinal 
_pdbx_audit_revision_item.revision_ordinal 
_pdbx_audit_revision_item.data_content_type 
_pdbx_audit_revision_item.item 
1  4 'Structure model' '_exptl_crystal_grow.method'                   
2  4 'Structure model' '_exptl_crystal_grow.temp'                     
3  4 'Structure model' '_pdbx_database_status.recvd_author_approval'  
4  4 'Structure model' '_struct_conn.pdbx_leaving_atom_flag'          
5  5 'Structure model' '_chem_comp.mon_nstd_flag'                     
6  5 'Structure model' '_chem_comp.name'                              
7  5 'Structure model' '_chem_comp.type'                              
8  5 'Structure model' '_entity.pdbx_description'                     
9  5 'Structure model' '_pdbx_database_status.status_code_sf'         
10 5 'Structure model' '_pdbx_entity_nonpoly.name'                    
11 6 'Structure model' '_chem_comp.pdbx_synonyms'                     
12 6 'Structure model' '_database_2.pdbx_DOI'                         
13 6 'Structure model' '_database_2.pdbx_database_accession'          
14 7 'Structure model' '_pdbx_entry_details.has_protein_modification' 
# 
_pdbx_database_status.status_code                     REL 
_pdbx_database_status.entry_id                        2XOW 
_pdbx_database_status.deposit_site                    PDBE 
_pdbx_database_status.process_site                    PDBE 
_pdbx_database_status.SG_entry                        . 
_pdbx_database_status.recvd_initial_deposition_date   2010-08-24 
_pdbx_database_status.pdb_format_compatible           Y 
_pdbx_database_status.status_code_sf                  REL 
_pdbx_database_status.status_code_mr                  ? 
_pdbx_database_status.status_code_cs                  ? 
_pdbx_database_status.methods_development_category    ? 
_pdbx_database_status.status_code_nmr_data            ? 
# 
loop_
_pdbx_database_related.db_name 
_pdbx_database_related.db_id 
_pdbx_database_related.content_type 
_pdbx_database_related.details 
PDB 2IC8 unspecified 'CRYSTAL STRUCTURE OF GLPG'                                          
PDB 2XOV unspecified 'CRYSTAL STRUCTURE OF E.COLI RHOMBOID PROTEASE GLPG, NATIVE ENZYME'  
PDB 2IRV unspecified 'CRYSTAL STRUCTURE OF GLPG, A RHOMBOID INTRAMEMBRANE SERINEPROTEASE' 
# 
loop_
_audit_author.name 
_audit_author.pdbx_ordinal 
_audit_author.identifier_ORCID 
'Vinothkumar, K.R.' 1 ? 
'Strisovsky, K.'    2 ? 
'Andreeva, A.'      3 ? 
'Christova, Y.'     4 ? 
'Verhelst, S.'      5 ? 
'Freeman, M.'       6 ? 
# 
_citation.id                        primary 
_citation.title                     'The Structural Basis for Catalysis and Substrate Specificity of a Rhomboid Protease' 
_citation.journal_abbrev            'Embo J.' 
_citation.journal_volume            29 
_citation.page_first                3797 
_citation.page_last                 ? 
_citation.year                      2010 
_citation.journal_id_ASTM           EMJODG 
_citation.country                   UK 
_citation.journal_id_ISSN           0261-4189 
_citation.journal_id_CSD            0897 
_citation.book_publisher            ? 
_citation.pdbx_database_id_PubMed   20890268 
_citation.pdbx_database_id_DOI      10.1038/EMBOJ.2010.243 
# 
loop_
_citation_author.citation_id 
_citation_author.name 
_citation_author.ordinal 
_citation_author.identifier_ORCID 
primary 'Vinothkumar, K.R.' 1 ? 
primary 'Strisovsky, K.'    2 ? 
primary 'Andreeva, A.'      3 ? 
primary 'Christova, Y.'     4 ? 
primary 'Verhelst, S.'      5 ? 
primary 'Freeman, M.'       6 ? 
# 
loop_
_entity.id 
_entity.type 
_entity.src_method 
_entity.pdbx_description 
_entity.formula_weight 
_entity.pdbx_number_of_molecules 
_entity.pdbx_ec 
_entity.pdbx_mutation 
_entity.pdbx_fragment 
_entity.details 
1 polymer     man 'RHOMBOID PROTEASE GLPG'                       20214.020 1  3.4.21.105 ? 'CORE TM DOMAIN, RESIDUES 92-270' ? 
2 non-polymer syn '5-AMINO-2-(2-METHOXY-2-OXOETHYL)BENZOIC ACID' 209.199   1  ?          ? ?                                 ? 
3 non-polymer man 'nonyl beta-D-glucopyranoside'                 306.395   16 ?          ? ?                                 ? 
4 water       nat water                                          18.015    38 ?          ? ?                                 ? 
# 
_entity_name_com.entity_id   1 
_entity_name_com.name        'INTRAMEMBRANE SERINE PROTEASE, GLPG' 
# 
_entity_poly.entity_id                      1 
_entity_poly.type                           'polypeptide(L)' 
_entity_poly.nstd_linkage                   no 
_entity_poly.nstd_monomer                   no 
_entity_poly.pdbx_seq_one_letter_code       
;RAGPVTWVMMIACVVVFIAMQILGDQEVMLWLAWPFDPTLKFEFWRYFTHALMHFSLMHILFNLLWWWYLGGAVEKRLGS
GKLIVITLISALLSGYVQQKFSGPWFGGLSGVVYALMGYVWLRGERDPQSGIYLQRGLIIFALIWIVAGWFDLFGMSMAN
GAHIAGLAVGLAMAFVDSL
;
_entity_poly.pdbx_seq_one_letter_code_can   
;RAGPVTWVMMIACVVVFIAMQILGDQEVMLWLAWPFDPTLKFEFWRYFTHALMHFSLMHILFNLLWWWYLGGAVEKRLGS
GKLIVITLISALLSGYVQQKFSGPWFGGLSGVVYALMGYVWLRGERDPQSGIYLQRGLIIFALIWIVAGWFDLFGMSMAN
GAHIAGLAVGLAMAFVDSL
;
_entity_poly.pdbx_strand_id                 A 
_entity_poly.pdbx_target_identifier         ? 
# 
loop_
_pdbx_entity_nonpoly.entity_id 
_pdbx_entity_nonpoly.name 
_pdbx_entity_nonpoly.comp_id 
2 '5-AMINO-2-(2-METHOXY-2-OXOETHYL)BENZOIC ACID' ISM 
3 'nonyl beta-D-glucopyranoside'                 BNG 
4 water                                          HOH 
# 
loop_
_entity_poly_seq.entity_id 
_entity_poly_seq.num 
_entity_poly_seq.mon_id 
_entity_poly_seq.hetero 
1 1   ARG n 
1 2   ALA n 
1 3   GLY n 
1 4   PRO n 
1 5   VAL n 
1 6   THR n 
1 7   TRP n 
1 8   VAL n 
1 9   MET n 
1 10  MET n 
1 11  ILE n 
1 12  ALA n 
1 13  CYS n 
1 14  VAL n 
1 15  VAL n 
1 16  VAL n 
1 17  PHE n 
1 18  ILE n 
1 19  ALA n 
1 20  MET n 
1 21  GLN n 
1 22  ILE n 
1 23  LEU n 
1 24  GLY n 
1 25  ASP n 
1 26  GLN n 
1 27  GLU n 
1 28  VAL n 
1 29  MET n 
1 30  LEU n 
1 31  TRP n 
1 32  LEU n 
1 33  ALA n 
1 34  TRP n 
1 35  PRO n 
1 36  PHE n 
1 37  ASP n 
1 38  PRO n 
1 39  THR n 
1 40  LEU n 
1 41  LYS n 
1 42  PHE n 
1 43  GLU n 
1 44  PHE n 
1 45  TRP n 
1 46  ARG n 
1 47  TYR n 
1 48  PHE n 
1 49  THR n 
1 50  HIS n 
1 51  ALA n 
1 52  LEU n 
1 53  MET n 
1 54  HIS n 
1 55  PHE n 
1 56  SER n 
1 57  LEU n 
1 58  MET n 
1 59  HIS n 
1 60  ILE n 
1 61  LEU n 
1 62  PHE n 
1 63  ASN n 
1 64  LEU n 
1 65  LEU n 
1 66  TRP n 
1 67  TRP n 
1 68  TRP n 
1 69  TYR n 
1 70  LEU n 
1 71  GLY n 
1 72  GLY n 
1 73  ALA n 
1 74  VAL n 
1 75  GLU n 
1 76  LYS n 
1 77  ARG n 
1 78  LEU n 
1 79  GLY n 
1 80  SER n 
1 81  GLY n 
1 82  LYS n 
1 83  LEU n 
1 84  ILE n 
1 85  VAL n 
1 86  ILE n 
1 87  THR n 
1 88  LEU n 
1 89  ILE n 
1 90  SER n 
1 91  ALA n 
1 92  LEU n 
1 93  LEU n 
1 94  SER n 
1 95  GLY n 
1 96  TYR n 
1 97  VAL n 
1 98  GLN n 
1 99  GLN n 
1 100 LYS n 
1 101 PHE n 
1 102 SER n 
1 103 GLY n 
1 104 PRO n 
1 105 TRP n 
1 106 PHE n 
1 107 GLY n 
1 108 GLY n 
1 109 LEU n 
1 110 SER n 
1 111 GLY n 
1 112 VAL n 
1 113 VAL n 
1 114 TYR n 
1 115 ALA n 
1 116 LEU n 
1 117 MET n 
1 118 GLY n 
1 119 TYR n 
1 120 VAL n 
1 121 TRP n 
1 122 LEU n 
1 123 ARG n 
1 124 GLY n 
1 125 GLU n 
1 126 ARG n 
1 127 ASP n 
1 128 PRO n 
1 129 GLN n 
1 130 SER n 
1 131 GLY n 
1 132 ILE n 
1 133 TYR n 
1 134 LEU n 
1 135 GLN n 
1 136 ARG n 
1 137 GLY n 
1 138 LEU n 
1 139 ILE n 
1 140 ILE n 
1 141 PHE n 
1 142 ALA n 
1 143 LEU n 
1 144 ILE n 
1 145 TRP n 
1 146 ILE n 
1 147 VAL n 
1 148 ALA n 
1 149 GLY n 
1 150 TRP n 
1 151 PHE n 
1 152 ASP n 
1 153 LEU n 
1 154 PHE n 
1 155 GLY n 
1 156 MET n 
1 157 SER n 
1 158 MET n 
1 159 ALA n 
1 160 ASN n 
1 161 GLY n 
1 162 ALA n 
1 163 HIS n 
1 164 ILE n 
1 165 ALA n 
1 166 GLY n 
1 167 LEU n 
1 168 ALA n 
1 169 VAL n 
1 170 GLY n 
1 171 LEU n 
1 172 ALA n 
1 173 MET n 
1 174 ALA n 
1 175 PHE n 
1 176 VAL n 
1 177 ASP n 
1 178 SER n 
1 179 LEU n 
# 
_entity_src_gen.entity_id                          1 
_entity_src_gen.pdbx_src_id                        1 
_entity_src_gen.pdbx_alt_source_flag               sample 
_entity_src_gen.pdbx_seq_type                      ? 
_entity_src_gen.pdbx_beg_seq_num                   ? 
_entity_src_gen.pdbx_end_seq_num                   ? 
_entity_src_gen.gene_src_common_name               ? 
_entity_src_gen.gene_src_genus                     ? 
_entity_src_gen.pdbx_gene_src_gene                 ? 
_entity_src_gen.gene_src_species                   ? 
_entity_src_gen.gene_src_strain                    ? 
_entity_src_gen.gene_src_tissue                    ? 
_entity_src_gen.gene_src_tissue_fraction           ? 
_entity_src_gen.gene_src_details                   ? 
_entity_src_gen.pdbx_gene_src_fragment             ? 
_entity_src_gen.pdbx_gene_src_scientific_name      'ESCHERICHIA COLI' 
_entity_src_gen.pdbx_gene_src_ncbi_taxonomy_id     562 
_entity_src_gen.pdbx_gene_src_variant              ? 
_entity_src_gen.pdbx_gene_src_cell_line            ? 
_entity_src_gen.pdbx_gene_src_atcc                 ? 
_entity_src_gen.pdbx_gene_src_organ                ? 
_entity_src_gen.pdbx_gene_src_organelle            ? 
_entity_src_gen.pdbx_gene_src_cell                 ? 
_entity_src_gen.pdbx_gene_src_cellular_location    ? 
_entity_src_gen.host_org_common_name               ? 
_entity_src_gen.pdbx_host_org_scientific_name      'ESCHERICHIA COLI' 
_entity_src_gen.pdbx_host_org_ncbi_taxonomy_id     469008 
_entity_src_gen.host_org_genus                     ? 
_entity_src_gen.pdbx_host_org_gene                 ? 
_entity_src_gen.pdbx_host_org_organ                ? 
_entity_src_gen.host_org_species                   ? 
_entity_src_gen.pdbx_host_org_tissue               ? 
_entity_src_gen.pdbx_host_org_tissue_fraction      ? 
_entity_src_gen.pdbx_host_org_strain               'BL21(DE3)' 
_entity_src_gen.pdbx_host_org_variant              C43 
_entity_src_gen.pdbx_host_org_cell_line            ? 
_entity_src_gen.pdbx_host_org_atcc                 ? 
_entity_src_gen.pdbx_host_org_culture_collection   ? 
_entity_src_gen.pdbx_host_org_cell                 ? 
_entity_src_gen.pdbx_host_org_organelle            ? 
_entity_src_gen.pdbx_host_org_cellular_location    ? 
_entity_src_gen.pdbx_host_org_vector_type          PLASMID 
_entity_src_gen.pdbx_host_org_vector               ? 
_entity_src_gen.host_org_details                   ? 
_entity_src_gen.expression_system_id               ? 
_entity_src_gen.plasmid_name                       PET 
_entity_src_gen.plasmid_details                    ? 
_entity_src_gen.pdbx_description                   ? 
# 
loop_
_chem_comp.id 
_chem_comp.type 
_chem_comp.mon_nstd_flag 
_chem_comp.name 
_chem_comp.pdbx_synonyms 
_chem_comp.formula 
_chem_comp.formula_weight 
ALA 'L-peptide linking' y ALANINE                                        ? 'C3 H7 N O2'     89.093  
ARG 'L-peptide linking' y ARGININE                                       ? 'C6 H15 N4 O2 1' 175.209 
ASN 'L-peptide linking' y ASPARAGINE                                     ? 'C4 H8 N2 O3'    132.118 
ASP 'L-peptide linking' y 'ASPARTIC ACID'                                ? 'C4 H7 N O4'     133.103 
BNG D-saccharide        n 'nonyl beta-D-glucopyranoside'                 
'Beta-NONYLGLUCOSIDE; nonyl beta-D-glucoside; nonyl D-glucoside; nonyl glucoside' 'C15 H30 O6'     306.395 
CYS 'L-peptide linking' y CYSTEINE                                       ? 'C3 H7 N O2 S'   121.158 
GLN 'L-peptide linking' y GLUTAMINE                                      ? 'C5 H10 N2 O3'   146.144 
GLU 'L-peptide linking' y 'GLUTAMIC ACID'                                ? 'C5 H9 N O4'     147.129 
GLY 'peptide linking'   y GLYCINE                                        ? 'C2 H5 N O2'     75.067  
HIS 'L-peptide linking' y HISTIDINE                                      ? 'C6 H10 N3 O2 1' 156.162 
HOH non-polymer         . WATER                                          ? 'H2 O'           18.015  
ILE 'L-peptide linking' y ISOLEUCINE                                     ? 'C6 H13 N O2'    131.173 
ISM non-polymer         . '5-AMINO-2-(2-METHOXY-2-OXOETHYL)BENZOIC ACID' ? 'C10 H11 N O4'   209.199 
LEU 'L-peptide linking' y LEUCINE                                        ? 'C6 H13 N O2'    131.173 
LYS 'L-peptide linking' y LYSINE                                         ? 'C6 H15 N2 O2 1' 147.195 
MET 'L-peptide linking' y METHIONINE                                     ? 'C5 H11 N O2 S'  149.211 
PHE 'L-peptide linking' y PHENYLALANINE                                  ? 'C9 H11 N O2'    165.189 
PRO 'L-peptide linking' y PROLINE                                        ? 'C5 H9 N O2'     115.130 
SER 'L-peptide linking' y SERINE                                         ? 'C3 H7 N O3'     105.093 
THR 'L-peptide linking' y THREONINE                                      ? 'C4 H9 N O3'     119.119 
TRP 'L-peptide linking' y TRYPTOPHAN                                     ? 'C11 H12 N2 O2'  204.225 
TYR 'L-peptide linking' y TYROSINE                                       ? 'C9 H11 N O3'    181.189 
VAL 'L-peptide linking' y VALINE                                         ? 'C5 H11 N O2'    117.146 
# 
_pdbx_chem_comp_identifier.comp_id           BNG 
_pdbx_chem_comp_identifier.type              'IUPAC CARBOHYDRATE SYMBOL' 
_pdbx_chem_comp_identifier.program           PDB-CARE 
_pdbx_chem_comp_identifier.program_version   1.0 
_pdbx_chem_comp_identifier.identifier        b-nonylglucoside 
# 
loop_
_pdbx_poly_seq_scheme.asym_id 
_pdbx_poly_seq_scheme.entity_id 
_pdbx_poly_seq_scheme.seq_id 
_pdbx_poly_seq_scheme.mon_id 
_pdbx_poly_seq_scheme.ndb_seq_num 
_pdbx_poly_seq_scheme.pdb_seq_num 
_pdbx_poly_seq_scheme.auth_seq_num 
_pdbx_poly_seq_scheme.pdb_mon_id 
_pdbx_poly_seq_scheme.auth_mon_id 
_pdbx_poly_seq_scheme.pdb_strand_id 
_pdbx_poly_seq_scheme.pdb_ins_code 
_pdbx_poly_seq_scheme.hetero 
A 1 1   ARG 1   92  92  ARG ARG A . n 
A 1 2   ALA 2   93  93  ALA ALA A . n 
A 1 3   GLY 3   94  94  GLY GLY A . n 
A 1 4   PRO 4   95  95  PRO PRO A . n 
A 1 5   VAL 5   96  96  VAL VAL A . n 
A 1 6   THR 6   97  97  THR THR A . n 
A 1 7   TRP 7   98  98  TRP TRP A . n 
A 1 8   VAL 8   99  99  VAL VAL A . n 
A 1 9   MET 9   100 100 MET MET A . n 
A 1 10  MET 10  101 101 MET MET A . n 
A 1 11  ILE 11  102 102 ILE ILE A . n 
A 1 12  ALA 12  103 103 ALA ALA A . n 
A 1 13  CYS 13  104 104 CYS CYS A . n 
A 1 14  VAL 14  105 105 VAL VAL A . n 
A 1 15  VAL 15  106 106 VAL VAL A . n 
A 1 16  VAL 16  107 107 VAL VAL A . n 
A 1 17  PHE 17  108 108 PHE PHE A . n 
A 1 18  ILE 18  109 109 ILE ILE A . n 
A 1 19  ALA 19  110 110 ALA ALA A . n 
A 1 20  MET 20  111 111 MET MET A . n 
A 1 21  GLN 21  112 112 GLN GLN A . n 
A 1 22  ILE 22  113 113 ILE ILE A . n 
A 1 23  LEU 23  114 114 LEU LEU A . n 
A 1 24  GLY 24  115 115 GLY GLY A . n 
A 1 25  ASP 25  116 116 ASP ASP A . n 
A 1 26  GLN 26  117 117 GLN GLN A . n 
A 1 27  GLU 27  118 118 GLU GLU A . n 
A 1 28  VAL 28  119 119 VAL VAL A . n 
A 1 29  MET 29  120 120 MET MET A . n 
A 1 30  LEU 30  121 121 LEU LEU A . n 
A 1 31  TRP 31  122 122 TRP TRP A . n 
A 1 32  LEU 32  123 123 LEU LEU A . n 
A 1 33  ALA 33  124 124 ALA ALA A . n 
A 1 34  TRP 34  125 125 TRP TRP A . n 
A 1 35  PRO 35  126 126 PRO PRO A . n 
A 1 36  PHE 36  127 127 PHE PHE A . n 
A 1 37  ASP 37  128 128 ASP ASP A . n 
A 1 38  PRO 38  129 129 PRO PRO A . n 
A 1 39  THR 39  130 130 THR THR A . n 
A 1 40  LEU 40  131 131 LEU LEU A . n 
A 1 41  LYS 41  132 132 LYS LYS A . n 
A 1 42  PHE 42  133 133 PHE PHE A . n 
A 1 43  GLU 43  134 134 GLU GLU A . n 
A 1 44  PHE 44  135 135 PHE PHE A . n 
A 1 45  TRP 45  136 136 TRP TRP A . n 
A 1 46  ARG 46  137 137 ARG ARG A . n 
A 1 47  TYR 47  138 138 TYR TYR A . n 
A 1 48  PHE 48  139 139 PHE PHE A . n 
A 1 49  THR 49  140 140 THR THR A . n 
A 1 50  HIS 50  141 141 HIS HIS A . n 
A 1 51  ALA 51  142 142 ALA ALA A . n 
A 1 52  LEU 52  143 143 LEU LEU A . n 
A 1 53  MET 53  144 144 MET MET A . n 
A 1 54  HIS 54  145 145 HIS HIS A . n 
A 1 55  PHE 55  146 146 PHE PHE A . n 
A 1 56  SER 56  147 147 SER SER A . n 
A 1 57  LEU 57  148 148 LEU LEU A . n 
A 1 58  MET 58  149 149 MET MET A . n 
A 1 59  HIS 59  150 150 HIS HIS A . n 
A 1 60  ILE 60  151 151 ILE ILE A . n 
A 1 61  LEU 61  152 152 LEU LEU A . n 
A 1 62  PHE 62  153 153 PHE PHE A . n 
A 1 63  ASN 63  154 154 ASN ASN A . n 
A 1 64  LEU 64  155 155 LEU LEU A . n 
A 1 65  LEU 65  156 156 LEU LEU A . n 
A 1 66  TRP 66  157 157 TRP TRP A . n 
A 1 67  TRP 67  158 158 TRP TRP A . n 
A 1 68  TRP 68  159 159 TRP TRP A . n 
A 1 69  TYR 69  160 160 TYR TYR A . n 
A 1 70  LEU 70  161 161 LEU LEU A . n 
A 1 71  GLY 71  162 162 GLY GLY A . n 
A 1 72  GLY 72  163 163 GLY GLY A . n 
A 1 73  ALA 73  164 164 ALA ALA A . n 
A 1 74  VAL 74  165 165 VAL VAL A . n 
A 1 75  GLU 75  166 166 GLU GLU A . n 
A 1 76  LYS 76  167 167 LYS LYS A . n 
A 1 77  ARG 77  168 168 ARG ARG A . n 
A 1 78  LEU 78  169 169 LEU LEU A . n 
A 1 79  GLY 79  170 170 GLY GLY A . n 
A 1 80  SER 80  171 171 SER SER A . n 
A 1 81  GLY 81  172 172 GLY GLY A . n 
A 1 82  LYS 82  173 173 LYS LYS A . n 
A 1 83  LEU 83  174 174 LEU LEU A . n 
A 1 84  ILE 84  175 175 ILE ILE A . n 
A 1 85  VAL 85  176 176 VAL VAL A . n 
A 1 86  ILE 86  177 177 ILE ILE A . n 
A 1 87  THR 87  178 178 THR THR A . n 
A 1 88  LEU 88  179 179 LEU LEU A . n 
A 1 89  ILE 89  180 180 ILE ILE A . n 
A 1 90  SER 90  181 181 SER SER A . n 
A 1 91  ALA 91  182 182 ALA ALA A . n 
A 1 92  LEU 92  183 183 LEU LEU A . n 
A 1 93  LEU 93  184 184 LEU LEU A . n 
A 1 94  SER 94  185 185 SER SER A . n 
A 1 95  GLY 95  186 186 GLY GLY A . n 
A 1 96  TYR 96  187 187 TYR TYR A . n 
A 1 97  VAL 97  188 188 VAL VAL A . n 
A 1 98  GLN 98  189 189 GLN GLN A . n 
A 1 99  GLN 99  190 190 GLN GLN A . n 
A 1 100 LYS 100 191 191 LYS LYS A . n 
A 1 101 PHE 101 192 192 PHE PHE A . n 
A 1 102 SER 102 193 193 SER SER A . n 
A 1 103 GLY 103 194 194 GLY GLY A . n 
A 1 104 PRO 104 195 195 PRO PRO A . n 
A 1 105 TRP 105 196 196 TRP TRP A . n 
A 1 106 PHE 106 197 197 PHE PHE A . n 
A 1 107 GLY 107 198 198 GLY GLY A . n 
A 1 108 GLY 108 199 199 GLY GLY A . n 
A 1 109 LEU 109 200 200 LEU LEU A . n 
A 1 110 SER 110 201 201 SER SER A . n 
A 1 111 GLY 111 202 202 GLY GLY A . n 
A 1 112 VAL 112 203 203 VAL VAL A . n 
A 1 113 VAL 113 204 204 VAL VAL A . n 
A 1 114 TYR 114 205 205 TYR TYR A . n 
A 1 115 ALA 115 206 206 ALA ALA A . n 
A 1 116 LEU 116 207 207 LEU LEU A . n 
A 1 117 MET 117 208 208 MET MET A . n 
A 1 118 GLY 118 209 209 GLY GLY A . n 
A 1 119 TYR 119 210 210 TYR TYR A . n 
A 1 120 VAL 120 211 211 VAL VAL A . n 
A 1 121 TRP 121 212 212 TRP TRP A . n 
A 1 122 LEU 122 213 213 LEU LEU A . n 
A 1 123 ARG 123 214 214 ARG ARG A . n 
A 1 124 GLY 124 215 215 GLY GLY A . n 
A 1 125 GLU 125 216 216 GLU GLU A . n 
A 1 126 ARG 126 217 217 ARG ARG A . n 
A 1 127 ASP 127 218 218 ASP ASP A . n 
A 1 128 PRO 128 219 219 PRO PRO A . n 
A 1 129 GLN 129 220 220 GLN GLN A . n 
A 1 130 SER 130 221 221 SER SER A . n 
A 1 131 GLY 131 222 222 GLY GLY A . n 
A 1 132 ILE 132 223 223 ILE ILE A . n 
A 1 133 TYR 133 224 224 TYR TYR A . n 
A 1 134 LEU 134 225 225 LEU LEU A . n 
A 1 135 GLN 135 226 226 GLN GLN A . n 
A 1 136 ARG 136 227 227 ARG ARG A . n 
A 1 137 GLY 137 228 228 GLY GLY A . n 
A 1 138 LEU 138 229 229 LEU LEU A . n 
A 1 139 ILE 139 230 230 ILE ILE A . n 
A 1 140 ILE 140 231 231 ILE ILE A . n 
A 1 141 PHE 141 232 232 PHE PHE A . n 
A 1 142 ALA 142 233 233 ALA ALA A . n 
A 1 143 LEU 143 234 234 LEU LEU A . n 
A 1 144 ILE 144 235 235 ILE ILE A . n 
A 1 145 TRP 145 236 236 TRP TRP A . n 
A 1 146 ILE 146 237 237 ILE ILE A . n 
A 1 147 VAL 147 238 238 VAL VAL A . n 
A 1 148 ALA 148 239 239 ALA ALA A . n 
A 1 149 GLY 149 240 240 GLY GLY A . n 
A 1 150 TRP 150 241 241 TRP TRP A . n 
A 1 151 PHE 151 242 242 PHE PHE A . n 
A 1 152 ASP 152 243 243 ASP ASP A . n 
A 1 153 LEU 153 244 244 LEU LEU A . n 
A 1 154 PHE 154 245 245 PHE PHE A . n 
A 1 155 GLY 155 246 246 GLY GLY A . n 
A 1 156 MET 156 247 247 MET MET A . n 
A 1 157 SER 157 248 248 SER SER A . n 
A 1 158 MET 158 249 249 MET MET A . n 
A 1 159 ALA 159 250 250 ALA ALA A . n 
A 1 160 ASN 160 251 251 ASN ASN A . n 
A 1 161 GLY 161 252 252 GLY GLY A . n 
A 1 162 ALA 162 253 253 ALA ALA A . n 
A 1 163 HIS 163 254 254 HIS HIS A . n 
A 1 164 ILE 164 255 255 ILE ILE A . n 
A 1 165 ALA 165 256 256 ALA ALA A . n 
A 1 166 GLY 166 257 257 GLY GLY A . n 
A 1 167 LEU 167 258 258 LEU LEU A . n 
A 1 168 ALA 168 259 259 ALA ALA A . n 
A 1 169 VAL 169 260 260 VAL VAL A . n 
A 1 170 GLY 170 261 261 GLY GLY A . n 
A 1 171 LEU 171 262 262 LEU LEU A . n 
A 1 172 ALA 172 263 263 ALA ALA A . n 
A 1 173 MET 173 264 264 MET MET A . n 
A 1 174 ALA 174 265 265 ALA ALA A . n 
A 1 175 PHE 175 266 266 PHE PHE A . n 
A 1 176 VAL 176 267 267 VAL VAL A . n 
A 1 177 ASP 177 268 268 ASP ASP A . n 
A 1 178 SER 178 269 269 SER SER A . n 
A 1 179 LEU 179 270 270 LEU LEU A . n 
# 
loop_
_pdbx_nonpoly_scheme.asym_id 
_pdbx_nonpoly_scheme.entity_id 
_pdbx_nonpoly_scheme.mon_id 
_pdbx_nonpoly_scheme.ndb_seq_num 
_pdbx_nonpoly_scheme.pdb_seq_num 
_pdbx_nonpoly_scheme.auth_seq_num 
_pdbx_nonpoly_scheme.pdb_mon_id 
_pdbx_nonpoly_scheme.auth_mon_id 
_pdbx_nonpoly_scheme.pdb_strand_id 
_pdbx_nonpoly_scheme.pdb_ins_code 
B 2 ISM 1  401  401  ISM ISM A . 
C 3 BNG 1  501  501  BNG BNG A . 
D 3 BNG 1  502  502  BNG BNG A . 
E 3 BNG 1  503  503  BNG BNG A . 
F 3 BNG 1  504  504  BNG BNG A . 
G 3 BNG 1  505  505  BNG BNG A . 
H 3 BNG 1  506  506  BNG BNG A . 
I 3 BNG 1  507  507  BNG BNG A . 
J 3 BNG 1  508  508  BNG BNG A . 
K 3 BNG 1  509  509  BNG BNG A . 
L 3 BNG 1  510  510  BNG BNG A . 
M 3 BNG 1  511  511  BNG BNG A . 
N 3 BNG 1  512  512  BNG BNG A . 
O 3 BNG 1  513  513  BNG BNG A . 
P 3 BNG 1  514  514  BNG BNG A . 
Q 3 BNG 1  515  515  BNG BNG A . 
R 3 BNG 1  516  516  BNG BNG A . 
S 4 HOH 1  2001 2001 HOH HOH A . 
S 4 HOH 2  2002 2002 HOH HOH A . 
S 4 HOH 3  2003 2003 HOH HOH A . 
S 4 HOH 4  2004 2004 HOH HOH A . 
S 4 HOH 5  2005 2005 HOH HOH A . 
S 4 HOH 6  2006 2006 HOH HOH A . 
S 4 HOH 7  2007 2007 HOH HOH A . 
S 4 HOH 8  2008 2008 HOH HOH A . 
S 4 HOH 9  2009 2009 HOH HOH A . 
S 4 HOH 10 2010 2010 HOH HOH A . 
S 4 HOH 11 2011 2011 HOH HOH A . 
S 4 HOH 12 2012 2012 HOH HOH A . 
S 4 HOH 13 2013 2013 HOH HOH A . 
S 4 HOH 14 2014 2014 HOH HOH A . 
S 4 HOH 15 2015 2015 HOH HOH A . 
S 4 HOH 16 2016 2016 HOH HOH A . 
S 4 HOH 17 2017 2017 HOH HOH A . 
S 4 HOH 18 2018 2018 HOH HOH A . 
S 4 HOH 19 2019 2019 HOH HOH A . 
S 4 HOH 20 2020 2020 HOH HOH A . 
S 4 HOH 21 2021 2021 HOH HOH A . 
S 4 HOH 22 2022 2022 HOH HOH A . 
S 4 HOH 23 2023 2023 HOH HOH A . 
S 4 HOH 24 2024 2024 HOH HOH A . 
S 4 HOH 25 2025 2025 HOH HOH A . 
S 4 HOH 26 2026 2026 HOH HOH A . 
S 4 HOH 27 2027 2027 HOH HOH A . 
S 4 HOH 28 2028 2028 HOH HOH A . 
S 4 HOH 29 2029 2029 HOH HOH A . 
S 4 HOH 30 2030 2030 HOH HOH A . 
S 4 HOH 31 2031 2031 HOH HOH A . 
S 4 HOH 32 2032 2032 HOH HOH A . 
S 4 HOH 33 2033 2033 HOH HOH A . 
S 4 HOH 34 2034 2034 HOH HOH A . 
S 4 HOH 35 2035 2035 HOH HOH A . 
S 4 HOH 36 2036 2036 HOH HOH A . 
S 4 HOH 37 2037 2037 HOH HOH A . 
S 4 HOH 38 2038 2038 HOH HOH A . 
# 
loop_
_pdbx_unobs_or_zero_occ_atoms.id 
_pdbx_unobs_or_zero_occ_atoms.PDB_model_num 
_pdbx_unobs_or_zero_occ_atoms.polymer_flag 
_pdbx_unobs_or_zero_occ_atoms.occupancy_flag 
_pdbx_unobs_or_zero_occ_atoms.auth_asym_id 
_pdbx_unobs_or_zero_occ_atoms.auth_comp_id 
_pdbx_unobs_or_zero_occ_atoms.auth_seq_id 
_pdbx_unobs_or_zero_occ_atoms.PDB_ins_code 
_pdbx_unobs_or_zero_occ_atoms.auth_atom_id 
_pdbx_unobs_or_zero_occ_atoms.label_alt_id 
_pdbx_unobs_or_zero_occ_atoms.label_asym_id 
_pdbx_unobs_or_zero_occ_atoms.label_comp_id 
_pdbx_unobs_or_zero_occ_atoms.label_seq_id 
_pdbx_unobs_or_zero_occ_atoms.label_atom_id 
1   1 Y 1 A GLN 220 ? CG    ? A GLN 129 CG    
2   1 Y 1 A GLN 220 ? CD    ? A GLN 129 CD    
3   1 Y 1 A GLN 220 ? OE1   ? A GLN 129 OE1   
4   1 Y 1 A GLN 220 ? NE2   ? A GLN 129 NE2   
5   1 N 1 A BNG 501 ? C1    ? C BNG 1   C1    
6   1 N 1 A BNG 501 ? C2    ? C BNG 1   C2    
7   1 N 1 A BNG 501 ? C3    ? C BNG 1   C3    
8   1 N 1 A BNG 501 ? C4    ? C BNG 1   C4    
9   1 N 1 A BNG 501 ? C5    ? C BNG 1   C5    
10  1 N 1 A BNG 501 ? C6    ? C BNG 1   C6    
11  1 N 1 A BNG 501 ? "C9'" ? C BNG 1   "C9'" 
12  1 N 1 A BNG 501 ? O1    ? C BNG 1   O1    
13  1 N 1 A BNG 501 ? O2    ? C BNG 1   O2    
14  1 N 1 A BNG 501 ? O3    ? C BNG 1   O3    
15  1 N 1 A BNG 501 ? O4    ? C BNG 1   O4    
16  1 N 1 A BNG 501 ? O5    ? C BNG 1   O5    
17  1 N 1 A BNG 501 ? O6    ? C BNG 1   O6    
18  1 N 1 A BNG 502 ? C1    ? D BNG 1   C1    
19  1 N 1 A BNG 502 ? C2    ? D BNG 1   C2    
20  1 N 1 A BNG 502 ? C3    ? D BNG 1   C3    
21  1 N 1 A BNG 502 ? C4    ? D BNG 1   C4    
22  1 N 1 A BNG 502 ? C5    ? D BNG 1   C5    
23  1 N 1 A BNG 502 ? C6    ? D BNG 1   C6    
24  1 N 1 A BNG 502 ? "C9'" ? D BNG 1   "C9'" 
25  1 N 1 A BNG 502 ? O1    ? D BNG 1   O1    
26  1 N 1 A BNG 502 ? O2    ? D BNG 1   O2    
27  1 N 1 A BNG 502 ? O3    ? D BNG 1   O3    
28  1 N 1 A BNG 502 ? O4    ? D BNG 1   O4    
29  1 N 1 A BNG 502 ? O5    ? D BNG 1   O5    
30  1 N 1 A BNG 502 ? O6    ? D BNG 1   O6    
31  1 N 1 A BNG 503 ? C1    ? E BNG 1   C1    
32  1 N 1 A BNG 503 ? C2    ? E BNG 1   C2    
33  1 N 1 A BNG 503 ? C3    ? E BNG 1   C3    
34  1 N 1 A BNG 503 ? C4    ? E BNG 1   C4    
35  1 N 1 A BNG 503 ? C5    ? E BNG 1   C5    
36  1 N 1 A BNG 503 ? C6    ? E BNG 1   C6    
37  1 N 1 A BNG 503 ? "C9'" ? E BNG 1   "C9'" 
38  1 N 1 A BNG 503 ? O1    ? E BNG 1   O1    
39  1 N 1 A BNG 503 ? O2    ? E BNG 1   O2    
40  1 N 1 A BNG 503 ? O3    ? E BNG 1   O3    
41  1 N 1 A BNG 503 ? O4    ? E BNG 1   O4    
42  1 N 1 A BNG 503 ? O5    ? E BNG 1   O5    
43  1 N 1 A BNG 503 ? O6    ? E BNG 1   O6    
44  1 N 1 A BNG 504 ? C2    ? F BNG 1   C2    
45  1 N 1 A BNG 504 ? C3    ? F BNG 1   C3    
46  1 N 1 A BNG 504 ? C4    ? F BNG 1   C4    
47  1 N 1 A BNG 504 ? C5    ? F BNG 1   C5    
48  1 N 1 A BNG 504 ? C6    ? F BNG 1   C6    
49  1 N 1 A BNG 504 ? O2    ? F BNG 1   O2    
50  1 N 1 A BNG 504 ? O3    ? F BNG 1   O3    
51  1 N 1 A BNG 504 ? O4    ? F BNG 1   O4    
52  1 N 1 A BNG 504 ? O5    ? F BNG 1   O5    
53  1 N 1 A BNG 504 ? O6    ? F BNG 1   O6    
54  1 N 1 A BNG 505 ? C1    ? G BNG 1   C1    
55  1 N 1 A BNG 505 ? C2    ? G BNG 1   C2    
56  1 N 1 A BNG 505 ? C3    ? G BNG 1   C3    
57  1 N 1 A BNG 505 ? C4    ? G BNG 1   C4    
58  1 N 1 A BNG 505 ? C5    ? G BNG 1   C5    
59  1 N 1 A BNG 505 ? C6    ? G BNG 1   C6    
60  1 N 1 A BNG 505 ? O1    ? G BNG 1   O1    
61  1 N 1 A BNG 505 ? O2    ? G BNG 1   O2    
62  1 N 1 A BNG 505 ? O3    ? G BNG 1   O3    
63  1 N 1 A BNG 505 ? O4    ? G BNG 1   O4    
64  1 N 1 A BNG 505 ? O5    ? G BNG 1   O5    
65  1 N 1 A BNG 505 ? O6    ? G BNG 1   O6    
66  1 N 1 A BNG 506 ? C1    ? H BNG 1   C1    
67  1 N 1 A BNG 506 ? C2    ? H BNG 1   C2    
68  1 N 1 A BNG 506 ? C3    ? H BNG 1   C3    
69  1 N 1 A BNG 506 ? C4    ? H BNG 1   C4    
70  1 N 1 A BNG 506 ? C5    ? H BNG 1   C5    
71  1 N 1 A BNG 506 ? C6    ? H BNG 1   C6    
72  1 N 1 A BNG 506 ? "C9'" ? H BNG 1   "C9'" 
73  1 N 1 A BNG 506 ? O1    ? H BNG 1   O1    
74  1 N 1 A BNG 506 ? O2    ? H BNG 1   O2    
75  1 N 1 A BNG 506 ? O3    ? H BNG 1   O3    
76  1 N 1 A BNG 506 ? O4    ? H BNG 1   O4    
77  1 N 1 A BNG 506 ? O5    ? H BNG 1   O5    
78  1 N 1 A BNG 506 ? O6    ? H BNG 1   O6    
79  1 N 1 A BNG 507 ? C1    ? I BNG 1   C1    
80  1 N 1 A BNG 507 ? C2    ? I BNG 1   C2    
81  1 N 1 A BNG 507 ? C3    ? I BNG 1   C3    
82  1 N 1 A BNG 507 ? C4    ? I BNG 1   C4    
83  1 N 1 A BNG 507 ? C5    ? I BNG 1   C5    
84  1 N 1 A BNG 507 ? C6    ? I BNG 1   C6    
85  1 N 1 A BNG 507 ? "C9'" ? I BNG 1   "C9'" 
86  1 N 1 A BNG 507 ? O2    ? I BNG 1   O2    
87  1 N 1 A BNG 507 ? O3    ? I BNG 1   O3    
88  1 N 1 A BNG 507 ? O4    ? I BNG 1   O4    
89  1 N 1 A BNG 507 ? O5    ? I BNG 1   O5    
90  1 N 1 A BNG 507 ? O6    ? I BNG 1   O6    
91  1 N 1 A BNG 508 ? C1    ? J BNG 1   C1    
92  1 N 1 A BNG 508 ? C2    ? J BNG 1   C2    
93  1 N 1 A BNG 508 ? C3    ? J BNG 1   C3    
94  1 N 1 A BNG 508 ? C4    ? J BNG 1   C4    
95  1 N 1 A BNG 508 ? C5    ? J BNG 1   C5    
96  1 N 1 A BNG 508 ? C6    ? J BNG 1   C6    
97  1 N 1 A BNG 508 ? "C6'" ? J BNG 1   "C6'" 
98  1 N 1 A BNG 508 ? "C7'" ? J BNG 1   "C7'" 
99  1 N 1 A BNG 508 ? "C8'" ? J BNG 1   "C8'" 
100 1 N 1 A BNG 508 ? "C9'" ? J BNG 1   "C9'" 
101 1 N 1 A BNG 508 ? O1    ? J BNG 1   O1    
102 1 N 1 A BNG 508 ? O2    ? J BNG 1   O2    
103 1 N 1 A BNG 508 ? O3    ? J BNG 1   O3    
104 1 N 1 A BNG 508 ? O4    ? J BNG 1   O4    
105 1 N 1 A BNG 508 ? O5    ? J BNG 1   O5    
106 1 N 1 A BNG 508 ? O6    ? J BNG 1   O6    
107 1 N 1 A BNG 509 ? C2    ? K BNG 1   C2    
108 1 N 1 A BNG 509 ? C3    ? K BNG 1   C3    
109 1 N 1 A BNG 509 ? C4    ? K BNG 1   C4    
110 1 N 1 A BNG 509 ? C5    ? K BNG 1   C5    
111 1 N 1 A BNG 509 ? C6    ? K BNG 1   C6    
112 1 N 1 A BNG 509 ? "C6'" ? K BNG 1   "C6'" 
113 1 N 1 A BNG 509 ? "C7'" ? K BNG 1   "C7'" 
114 1 N 1 A BNG 509 ? "C8'" ? K BNG 1   "C8'" 
115 1 N 1 A BNG 509 ? "C9'" ? K BNG 1   "C9'" 
116 1 N 1 A BNG 509 ? O2    ? K BNG 1   O2    
117 1 N 1 A BNG 509 ? O3    ? K BNG 1   O3    
118 1 N 1 A BNG 509 ? O4    ? K BNG 1   O4    
119 1 N 1 A BNG 509 ? O6    ? K BNG 1   O6    
120 1 N 1 A BNG 510 ? C2    ? L BNG 1   C2    
121 1 N 1 A BNG 510 ? C3    ? L BNG 1   C3    
122 1 N 1 A BNG 510 ? C4    ? L BNG 1   C4    
123 1 N 1 A BNG 510 ? C5    ? L BNG 1   C5    
124 1 N 1 A BNG 510 ? C6    ? L BNG 1   C6    
125 1 N 1 A BNG 510 ? O2    ? L BNG 1   O2    
126 1 N 1 A BNG 510 ? O3    ? L BNG 1   O3    
127 1 N 1 A BNG 510 ? O4    ? L BNG 1   O4    
128 1 N 1 A BNG 510 ? O5    ? L BNG 1   O5    
129 1 N 1 A BNG 510 ? O6    ? L BNG 1   O6    
130 1 N 1 A BNG 511 ? C1    ? M BNG 1   C1    
131 1 N 1 A BNG 511 ? C2    ? M BNG 1   C2    
132 1 N 1 A BNG 511 ? C3    ? M BNG 1   C3    
133 1 N 1 A BNG 511 ? C4    ? M BNG 1   C4    
134 1 N 1 A BNG 511 ? C5    ? M BNG 1   C5    
135 1 N 1 A BNG 511 ? C6    ? M BNG 1   C6    
136 1 N 1 A BNG 511 ? "C6'" ? M BNG 1   "C6'" 
137 1 N 1 A BNG 511 ? "C7'" ? M BNG 1   "C7'" 
138 1 N 1 A BNG 511 ? "C8'" ? M BNG 1   "C8'" 
139 1 N 1 A BNG 511 ? "C9'" ? M BNG 1   "C9'" 
140 1 N 1 A BNG 511 ? O1    ? M BNG 1   O1    
141 1 N 1 A BNG 511 ? O2    ? M BNG 1   O2    
142 1 N 1 A BNG 511 ? O3    ? M BNG 1   O3    
143 1 N 1 A BNG 511 ? O4    ? M BNG 1   O4    
144 1 N 1 A BNG 511 ? O5    ? M BNG 1   O5    
145 1 N 1 A BNG 511 ? O6    ? M BNG 1   O6    
146 1 N 1 A BNG 512 ? C1    ? N BNG 1   C1    
147 1 N 1 A BNG 512 ? C2    ? N BNG 1   C2    
148 1 N 1 A BNG 512 ? C3    ? N BNG 1   C3    
149 1 N 1 A BNG 512 ? C4    ? N BNG 1   C4    
150 1 N 1 A BNG 512 ? C5    ? N BNG 1   C5    
151 1 N 1 A BNG 512 ? C6    ? N BNG 1   C6    
152 1 N 1 A BNG 512 ? "C6'" ? N BNG 1   "C6'" 
153 1 N 1 A BNG 512 ? "C7'" ? N BNG 1   "C7'" 
154 1 N 1 A BNG 512 ? "C8'" ? N BNG 1   "C8'" 
155 1 N 1 A BNG 512 ? "C9'" ? N BNG 1   "C9'" 
156 1 N 1 A BNG 512 ? O1    ? N BNG 1   O1    
157 1 N 1 A BNG 512 ? O2    ? N BNG 1   O2    
158 1 N 1 A BNG 512 ? O3    ? N BNG 1   O3    
159 1 N 1 A BNG 512 ? O4    ? N BNG 1   O4    
160 1 N 1 A BNG 512 ? O5    ? N BNG 1   O5    
161 1 N 1 A BNG 512 ? O6    ? N BNG 1   O6    
162 1 N 1 A BNG 513 ? C1    ? O BNG 1   C1    
163 1 N 1 A BNG 513 ? C2    ? O BNG 1   C2    
164 1 N 1 A BNG 513 ? C3    ? O BNG 1   C3    
165 1 N 1 A BNG 513 ? C4    ? O BNG 1   C4    
166 1 N 1 A BNG 513 ? C5    ? O BNG 1   C5    
167 1 N 1 A BNG 513 ? C6    ? O BNG 1   C6    
168 1 N 1 A BNG 513 ? "C6'" ? O BNG 1   "C6'" 
169 1 N 1 A BNG 513 ? "C7'" ? O BNG 1   "C7'" 
170 1 N 1 A BNG 513 ? "C8'" ? O BNG 1   "C8'" 
171 1 N 1 A BNG 513 ? "C9'" ? O BNG 1   "C9'" 
172 1 N 1 A BNG 513 ? O2    ? O BNG 1   O2    
173 1 N 1 A BNG 513 ? O3    ? O BNG 1   O3    
174 1 N 1 A BNG 513 ? O4    ? O BNG 1   O4    
175 1 N 1 A BNG 513 ? O5    ? O BNG 1   O5    
176 1 N 1 A BNG 513 ? O6    ? O BNG 1   O6    
177 1 N 1 A BNG 514 ? C1    ? P BNG 1   C1    
178 1 N 1 A BNG 514 ? C2    ? P BNG 1   C2    
179 1 N 1 A BNG 514 ? C3    ? P BNG 1   C3    
180 1 N 1 A BNG 514 ? C4    ? P BNG 1   C4    
181 1 N 1 A BNG 514 ? C5    ? P BNG 1   C5    
182 1 N 1 A BNG 514 ? C6    ? P BNG 1   C6    
183 1 N 1 A BNG 514 ? "C5'" ? P BNG 1   "C5'" 
184 1 N 1 A BNG 514 ? "C6'" ? P BNG 1   "C6'" 
185 1 N 1 A BNG 514 ? "C7'" ? P BNG 1   "C7'" 
186 1 N 1 A BNG 514 ? "C8'" ? P BNG 1   "C8'" 
187 1 N 1 A BNG 514 ? "C9'" ? P BNG 1   "C9'" 
188 1 N 1 A BNG 514 ? O1    ? P BNG 1   O1    
189 1 N 1 A BNG 514 ? O2    ? P BNG 1   O2    
190 1 N 1 A BNG 514 ? O3    ? P BNG 1   O3    
191 1 N 1 A BNG 514 ? O4    ? P BNG 1   O4    
192 1 N 1 A BNG 514 ? O5    ? P BNG 1   O5    
193 1 N 1 A BNG 514 ? O6    ? P BNG 1   O6    
194 1 N 1 A BNG 515 ? "C7'" ? Q BNG 1   "C7'" 
195 1 N 1 A BNG 515 ? "C8'" ? Q BNG 1   "C8'" 
196 1 N 1 A BNG 515 ? "C9'" ? Q BNG 1   "C9'" 
197 1 N 1 A BNG 516 ? C1    ? R BNG 1   C1    
198 1 N 1 A BNG 516 ? C2    ? R BNG 1   C2    
199 1 N 1 A BNG 516 ? C3    ? R BNG 1   C3    
200 1 N 1 A BNG 516 ? C4    ? R BNG 1   C4    
201 1 N 1 A BNG 516 ? C5    ? R BNG 1   C5    
202 1 N 1 A BNG 516 ? C6    ? R BNG 1   C6    
203 1 N 1 A BNG 516 ? "C6'" ? R BNG 1   "C6'" 
204 1 N 1 A BNG 516 ? "C7'" ? R BNG 1   "C7'" 
205 1 N 1 A BNG 516 ? "C8'" ? R BNG 1   "C8'" 
206 1 N 1 A BNG 516 ? "C9'" ? R BNG 1   "C9'" 
207 1 N 1 A BNG 516 ? O1    ? R BNG 1   O1    
208 1 N 1 A BNG 516 ? O2    ? R BNG 1   O2    
209 1 N 1 A BNG 516 ? O3    ? R BNG 1   O3    
210 1 N 1 A BNG 516 ? O4    ? R BNG 1   O4    
211 1 N 1 A BNG 516 ? O5    ? R BNG 1   O5    
212 1 N 1 A BNG 516 ? O6    ? R BNG 1   O6    
# 
loop_
_software.name 
_software.classification 
_software.version 
_software.citation_id 
_software.pdbx_ordinal 
_software.date 
_software.type 
_software.location 
_software.language 
PHENIX refinement       '(PHENIX.REFINE)' ? 1 ? ? ? ? 
MOSFLM 'data reduction' .                 ? 2 ? ? ? ? 
SCALA  'data scaling'   .                 ? 3 ? ? ? ? 
PHASER phasing          .                 ? 4 ? ? ? ? 
# 
_cell.entry_id           2XOW 
_cell.length_a           110.690 
_cell.length_b           110.690 
_cell.length_c           122.151 
_cell.angle_alpha        90.00 
_cell.angle_beta         90.00 
_cell.angle_gamma        120.00 
_cell.Z_PDB              18 
_cell.pdbx_unique_axis   ? 
# 
_symmetry.entry_id                         2XOW 
_symmetry.space_group_name_H-M             'H 3 2' 
_symmetry.pdbx_full_space_group_name_H-M   ? 
_symmetry.cell_setting                     ? 
_symmetry.Int_Tables_number                155 
# 
_exptl.entry_id          2XOW 
_exptl.method            'X-RAY DIFFRACTION' 
_exptl.crystals_number   1 
# 
_exptl_crystal.id                    1 
_exptl_crystal.density_meas          ? 
_exptl_crystal.density_Matthews      3.5 
_exptl_crystal.density_percent_sol   63.47 
_exptl_crystal.description           NONE 
_exptl_crystal.preparation           ? 
# 
_exptl_crystal_grow.crystal_id      1 
_exptl_crystal_grow.method          'VAPOR DIFFUSION, HANGING DROP' 
_exptl_crystal_grow.temp            298 
_exptl_crystal_grow.temp_details    ? 
_exptl_crystal_grow.pH              7.0 
_exptl_crystal_grow.pdbx_pH_range   ? 
_exptl_crystal_grow.pdbx_details    '2 M AMMONIUM CHLORIDE, 0.1 M BIS-TRIS PH 7.0, 298K' 
# 
_diffrn.id                               1 
_diffrn.ambient_temp                     100 
_diffrn.ambient_temp_details             ? 
_diffrn.crystal_id                       1 
_diffrn.pdbx_serial_crystal_experiment   ? 
# 
_diffrn_detector.diffrn_id              1 
_diffrn_detector.detector               CCD 
_diffrn_detector.type                   'ADSC CCD' 
_diffrn_detector.pdbx_collection_date   2009-10-11 
_diffrn_detector.details                ? 
# 
_diffrn_radiation.diffrn_id                        1 
_diffrn_radiation.wavelength_id                    1 
_diffrn_radiation.pdbx_monochromatic_or_laue_m_l   M 
_diffrn_radiation.monochromator                    ? 
_diffrn_radiation.pdbx_diffrn_protocol             'SINGLE WAVELENGTH' 
_diffrn_radiation.pdbx_scattering_type             x-ray 
# 
_diffrn_radiation_wavelength.id           1 
_diffrn_radiation_wavelength.wavelength   0.9795 
_diffrn_radiation_wavelength.wt           1.0 
# 
_diffrn_source.diffrn_id                   1 
_diffrn_source.source                      SYNCHROTRON 
_diffrn_source.type                        'DIAMOND BEAMLINE I02' 
_diffrn_source.pdbx_synchrotron_site       Diamond 
_diffrn_source.pdbx_synchrotron_beamline   I02 
_diffrn_source.pdbx_wavelength             0.9795 
_diffrn_source.pdbx_wavelength_list        ? 
# 
_reflns.pdbx_diffrn_id               1 
_reflns.pdbx_ordinal                 1 
_reflns.entry_id                     2XOW 
_reflns.observed_criterion_sigma_I   ? 
_reflns.observed_criterion_sigma_F   ? 
_reflns.d_resolution_low             44.62 
_reflns.d_resolution_high            2.09 
_reflns.number_obs                   16662 
_reflns.number_all                   ? 
_reflns.percent_possible_obs         97.0 
_reflns.pdbx_Rmerge_I_obs            0.05 
_reflns.pdbx_Rsym_value              ? 
_reflns.pdbx_netI_over_sigmaI        16.30 
_reflns.B_iso_Wilson_estimate        37.61 
_reflns.pdbx_redundancy              4.9 
# 
_reflns_shell.pdbx_diffrn_id         1 
_reflns_shell.pdbx_ordinal           1 
_reflns_shell.d_res_high             2.09 
_reflns_shell.d_res_low              2.20 
_reflns_shell.percent_possible_all   85.4 
_reflns_shell.Rmerge_I_obs           0.39 
_reflns_shell.pdbx_Rsym_value        ? 
_reflns_shell.meanI_over_sigI_obs    2.90 
_reflns_shell.pdbx_redundancy        3.5 
# 
_refine.pdbx_refine_id                           'X-RAY DIFFRACTION' 
_refine.entry_id                                 2XOW 
_refine.pdbx_diffrn_id                           1 
_refine.pdbx_TLS_residual_ADP_flag               ? 
_refine.ls_number_reflns_obs                     16657 
_refine.ls_number_reflns_all                     ? 
_refine.pdbx_ls_sigma_I                          ? 
_refine.pdbx_ls_sigma_F                          1.34 
_refine.pdbx_data_cutoff_high_absF               ? 
_refine.pdbx_data_cutoff_low_absF                ? 
_refine.pdbx_data_cutoff_high_rms_absF           ? 
_refine.ls_d_res_low                             31.161 
_refine.ls_d_res_high                            2.09 
_refine.ls_percent_reflns_obs                    96.71 
_refine.ls_R_factor_obs                          0.2004 
_refine.ls_R_factor_all                          ? 
_refine.ls_R_factor_R_work                       0.1982 
_refine.ls_R_factor_R_free                       0.2429 
_refine.ls_R_factor_R_free_error                 ? 
_refine.ls_R_factor_R_free_error_details         ? 
_refine.ls_percent_reflns_R_free                 5.1 
_refine.ls_number_reflns_R_free                  844 
_refine.ls_number_parameters                     ? 
_refine.ls_number_restraints                     ? 
_refine.occupancy_min                            ? 
_refine.occupancy_max                            ? 
_refine.correlation_coeff_Fo_to_Fc               ? 
_refine.correlation_coeff_Fo_to_Fc_free          ? 
_refine.B_iso_mean                               44.72 
_refine.aniso_B[1][1]                            -6.6529 
_refine.aniso_B[2][2]                            -6.6529 
_refine.aniso_B[3][3]                            13.3058 
_refine.aniso_B[1][2]                            0.0000 
_refine.aniso_B[1][3]                            0.0000 
_refine.aniso_B[2][3]                            0.0000 
_refine.solvent_model_details                    'FLAT BULK SOLVENT MODEL' 
_refine.solvent_model_param_ksol                 0.400 
_refine.solvent_model_param_bsol                 80.419 
_refine.pdbx_solvent_vdw_probe_radii             1.11 
_refine.pdbx_solvent_ion_probe_radii             ? 
_refine.pdbx_solvent_shrinkage_radii             0.90 
_refine.pdbx_ls_cross_valid_method               ? 
_refine.details                                  'COVALENT LINK OF ICM WITH OG OF SER 201 AND NE2 OF HIS 254' 
_refine.pdbx_starting_model                      'PDB ENTRY 3B45' 
_refine.pdbx_method_to_determine_struct          'MOLECULAR REPLACEMENT' 
_refine.pdbx_isotropic_thermal_model             ? 
_refine.pdbx_stereochemistry_target_values       ML 
_refine.pdbx_stereochem_target_val_spec_case     ? 
_refine.pdbx_R_Free_selection_details            ? 
_refine.pdbx_overall_ESU_R                       ? 
_refine.pdbx_overall_ESU_R_Free                  ? 
_refine.overall_SU_ML                            0.24 
_refine.pdbx_overall_phase_error                 23.42 
_refine.overall_SU_B                             ? 
_refine.overall_SU_R_Cruickshank_DPI             ? 
_refine.pdbx_overall_SU_R_free_Cruickshank_DPI   ? 
_refine.pdbx_overall_SU_R_Blow_DPI               ? 
_refine.pdbx_overall_SU_R_free_Blow_DPI          ? 
# 
_refine_hist.pdbx_refine_id                   'X-RAY DIFFRACTION' 
_refine_hist.cycle_id                         LAST 
_refine_hist.pdbx_number_atoms_protein        1426 
_refine_hist.pdbx_number_atoms_nucleic_acid   0 
_refine_hist.pdbx_number_atoms_ligand         142 
_refine_hist.number_atoms_solvent             38 
_refine_hist.number_atoms_total               1606 
_refine_hist.d_res_high                       2.09 
_refine_hist.d_res_low                        31.161 
# 
loop_
_refine_ls_restr.type 
_refine_ls_restr.dev_ideal 
_refine_ls_restr.dev_ideal_target 
_refine_ls_restr.weight 
_refine_ls_restr.number 
_refine_ls_restr.pdbx_refine_id 
_refine_ls_restr.pdbx_restraint_function 
f_bond_d           0.007  ? ? 1604 'X-RAY DIFFRACTION' ? 
f_angle_d          1.119  ? ? 2136 'X-RAY DIFFRACTION' ? 
f_dihedral_angle_d 14.301 ? ? 571  'X-RAY DIFFRACTION' ? 
f_chiral_restr     0.059  ? ? 221  'X-RAY DIFFRACTION' ? 
f_plane_restr      0.004  ? ? 242  'X-RAY DIFFRACTION' ? 
# 
loop_
_refine_ls_shell.pdbx_refine_id 
_refine_ls_shell.pdbx_total_number_of_bins_used 
_refine_ls_shell.d_res_high 
_refine_ls_shell.d_res_low 
_refine_ls_shell.number_reflns_R_work 
_refine_ls_shell.R_factor_R_work 
_refine_ls_shell.percent_reflns_obs 
_refine_ls_shell.R_factor_R_free 
_refine_ls_shell.R_factor_R_free_error 
_refine_ls_shell.percent_reflns_R_free 
_refine_ls_shell.number_reflns_R_free 
_refine_ls_shell.number_reflns_all 
_refine_ls_shell.R_factor_all 
'X-RAY DIFFRACTION' . 2.0900 2.2209  2273 0.2487 85.00  0.2760 . . 128 . . 
'X-RAY DIFFRACTION' . 2.2209 2.3923  2608 0.2169 97.00  0.2675 . . 154 . . 
'X-RAY DIFFRACTION' . 2.3923 2.6330  2707 0.1985 100.00 0.2355 . . 137 . . 
'X-RAY DIFFRACTION' . 2.6330 3.0137  2715 0.1895 100.00 0.2621 . . 150 . . 
'X-RAY DIFFRACTION' . 3.0137 3.7959  2738 0.1846 100.00 0.2190 . . 146 . . 
'X-RAY DIFFRACTION' . 3.7959 31.1646 2772 0.1987 98.00  0.2408 . . 129 . . 
# 
_struct.entry_id                  2XOW 
_struct.title                     'Structure of GlpG in complex with a mechanism-based isocoumarin inhibitor' 
_struct.pdbx_model_details        ? 
_struct.pdbx_CASP_flag            ? 
_struct.pdbx_model_type_details   ? 
# 
_struct_keywords.entry_id        2XOW 
_struct_keywords.pdbx_keywords   HYDROLASE 
_struct_keywords.text            'HYDROLASE, MEMBRANE PROTEIN, INTRAMEMBRANE PROTEASE' 
# 
loop_
_struct_asym.id 
_struct_asym.pdbx_blank_PDB_chainid_flag 
_struct_asym.pdbx_modified 
_struct_asym.entity_id 
_struct_asym.details 
A N N 1 ? 
B N N 2 ? 
C N N 3 ? 
D N N 3 ? 
E N N 3 ? 
F N N 3 ? 
G N N 3 ? 
H N N 3 ? 
I N N 3 ? 
J N N 3 ? 
K N N 3 ? 
L N N 3 ? 
M N N 3 ? 
N N N 3 ? 
O N N 3 ? 
P N N 3 ? 
Q N N 3 ? 
R N N 3 ? 
S N N 4 ? 
# 
_struct_ref.id                         1 
_struct_ref.db_name                    UNP 
_struct_ref.db_code                    GLPG_ECOLI 
_struct_ref.entity_id                  1 
_struct_ref.pdbx_seq_one_letter_code   ? 
_struct_ref.pdbx_align_begin           ? 
_struct_ref.pdbx_db_accession          P09391 
_struct_ref.pdbx_db_isoform            ? 
# 
_struct_ref_seq.align_id                      1 
_struct_ref_seq.ref_id                        1 
_struct_ref_seq.pdbx_PDB_id_code              2XOW 
_struct_ref_seq.pdbx_strand_id                A 
_struct_ref_seq.seq_align_beg                 1 
_struct_ref_seq.pdbx_seq_align_beg_ins_code   ? 
_struct_ref_seq.seq_align_end                 179 
_struct_ref_seq.pdbx_seq_align_end_ins_code   ? 
_struct_ref_seq.pdbx_db_accession             P09391 
_struct_ref_seq.db_align_beg                  92 
_struct_ref_seq.pdbx_db_align_beg_ins_code    ? 
_struct_ref_seq.db_align_end                  270 
_struct_ref_seq.pdbx_db_align_end_ins_code    ? 
_struct_ref_seq.pdbx_auth_seq_align_beg       92 
_struct_ref_seq.pdbx_auth_seq_align_end       270 
# 
_pdbx_struct_assembly.id                   1 
_pdbx_struct_assembly.details              author_and_software_defined_assembly 
_pdbx_struct_assembly.method_details       PISA 
_pdbx_struct_assembly.oligomeric_details   monomeric 
_pdbx_struct_assembly.oligomeric_count     1 
# 
_pdbx_struct_assembly_gen.assembly_id       1 
_pdbx_struct_assembly_gen.oper_expression   1 
_pdbx_struct_assembly_gen.asym_id_list      A,B,C,D,E,F,G,H,I,J,K,L,M,N,O,P,Q,R,S 
# 
_pdbx_struct_oper_list.id                   1 
_pdbx_struct_oper_list.type                 'identity operation' 
_pdbx_struct_oper_list.name                 1_555 
_pdbx_struct_oper_list.symmetry_operation   x,y,z 
_pdbx_struct_oper_list.matrix[1][1]         1.0000000000 
_pdbx_struct_oper_list.matrix[1][2]         0.0000000000 
_pdbx_struct_oper_list.matrix[1][3]         0.0000000000 
_pdbx_struct_oper_list.vector[1]            0.0000000000 
_pdbx_struct_oper_list.matrix[2][1]         0.0000000000 
_pdbx_struct_oper_list.matrix[2][2]         1.0000000000 
_pdbx_struct_oper_list.matrix[2][3]         0.0000000000 
_pdbx_struct_oper_list.vector[2]            0.0000000000 
_pdbx_struct_oper_list.matrix[3][1]         0.0000000000 
_pdbx_struct_oper_list.matrix[3][2]         0.0000000000 
_pdbx_struct_oper_list.matrix[3][3]         1.0000000000 
_pdbx_struct_oper_list.vector[3]            0.0000000000 
# 
loop_
_struct_conf.conf_type_id 
_struct_conf.id 
_struct_conf.pdbx_PDB_helix_id 
_struct_conf.beg_label_comp_id 
_struct_conf.beg_label_asym_id 
_struct_conf.beg_label_seq_id 
_struct_conf.pdbx_beg_PDB_ins_code 
_struct_conf.end_label_comp_id 
_struct_conf.end_label_asym_id 
_struct_conf.end_label_seq_id 
_struct_conf.pdbx_end_PDB_ins_code 
_struct_conf.beg_auth_comp_id 
_struct_conf.beg_auth_asym_id 
_struct_conf.beg_auth_seq_id 
_struct_conf.end_auth_comp_id 
_struct_conf.end_auth_asym_id 
_struct_conf.end_auth_seq_id 
_struct_conf.pdbx_PDB_helix_class 
_struct_conf.details 
_struct_conf.pdbx_PDB_helix_length 
HELX_P HELX_P1  1  GLY A 3   ? GLY A 24  ? GLY A 94  GLY A 115 1 ? 22 
HELX_P HELX_P2  2  GLY A 24  ? ALA A 33  ? GLY A 115 ALA A 124 1 ? 10 
HELX_P HELX_P3  3  ASP A 37  ? LYS A 41  ? ASP A 128 LYS A 132 5 ? 5  
HELX_P HELX_P4  4  TRP A 45  ? HIS A 50  ? TRP A 136 HIS A 141 1 ? 6  
HELX_P HELX_P5  5  ALA A 51  ? MET A 53  ? ALA A 142 MET A 144 5 ? 3  
HELX_P HELX_P6  6  SER A 56  ? GLY A 79  ? SER A 147 GLY A 170 1 ? 24 
HELX_P HELX_P7  7  GLY A 79  ? GLY A 103 ? GLY A 170 GLY A 194 1 ? 25 
HELX_P HELX_P8  8  LEU A 109 ? ASP A 127 ? LEU A 200 ASP A 218 1 ? 19 
HELX_P HELX_P9  9  PRO A 128 ? GLY A 131 ? PRO A 219 GLY A 222 5 ? 4  
HELX_P HELX_P10 10 GLN A 135 ? PHE A 151 ? GLN A 226 PHE A 242 1 ? 17 
HELX_P HELX_P11 11 ASN A 160 ? LEU A 179 ? ASN A 251 LEU A 270 1 ? 20 
# 
_struct_conf_type.id          HELX_P 
_struct_conf_type.criteria    ? 
_struct_conf_type.reference   ? 
# 
loop_
_struct_conn.id 
_struct_conn.conn_type_id 
_struct_conn.pdbx_leaving_atom_flag 
_struct_conn.pdbx_PDB_id 
_struct_conn.ptnr1_label_asym_id 
_struct_conn.ptnr1_label_comp_id 
_struct_conn.ptnr1_label_seq_id 
_struct_conn.ptnr1_label_atom_id 
_struct_conn.pdbx_ptnr1_label_alt_id 
_struct_conn.pdbx_ptnr1_PDB_ins_code 
_struct_conn.pdbx_ptnr1_standard_comp_id 
_struct_conn.ptnr1_symmetry 
_struct_conn.ptnr2_label_asym_id 
_struct_conn.ptnr2_label_comp_id 
_struct_conn.ptnr2_label_seq_id 
_struct_conn.ptnr2_label_atom_id 
_struct_conn.pdbx_ptnr2_label_alt_id 
_struct_conn.pdbx_ptnr2_PDB_ins_code 
_struct_conn.ptnr1_auth_asym_id 
_struct_conn.ptnr1_auth_comp_id 
_struct_conn.ptnr1_auth_seq_id 
_struct_conn.ptnr2_auth_asym_id 
_struct_conn.ptnr2_auth_comp_id 
_struct_conn.ptnr2_auth_seq_id 
_struct_conn.ptnr2_symmetry 
_struct_conn.pdbx_ptnr3_label_atom_id 
_struct_conn.pdbx_ptnr3_label_seq_id 
_struct_conn.pdbx_ptnr3_label_comp_id 
_struct_conn.pdbx_ptnr3_label_asym_id 
_struct_conn.pdbx_ptnr3_label_alt_id 
_struct_conn.pdbx_ptnr3_PDB_ins_code 
_struct_conn.details 
_struct_conn.pdbx_dist_value 
_struct_conn.pdbx_value_order 
_struct_conn.pdbx_role 
covale1 covale one  ? A SER 110 OG  ? ? ? 1_555 B ISM . C1 ? ? A SER 201 A ISM 401 1_555 ? ? ? ? ? ? ? 1.408 ? ? 
covale2 covale none ? A HIS 163 NE2 ? ? ? 1_555 B ISM . C8 ? ? A HIS 254 A ISM 401 1_555 ? ? ? ? ? ? ? 1.453 ? ? 
# 
_struct_conn_type.id          covale 
_struct_conn_type.criteria    ? 
_struct_conn_type.reference   ? 
# 
loop_
_pdbx_modification_feature.ordinal 
_pdbx_modification_feature.label_comp_id 
_pdbx_modification_feature.label_asym_id 
_pdbx_modification_feature.label_seq_id 
_pdbx_modification_feature.label_alt_id 
_pdbx_modification_feature.modified_residue_label_comp_id 
_pdbx_modification_feature.modified_residue_label_asym_id 
_pdbx_modification_feature.modified_residue_label_seq_id 
_pdbx_modification_feature.modified_residue_label_alt_id 
_pdbx_modification_feature.auth_comp_id 
_pdbx_modification_feature.auth_asym_id 
_pdbx_modification_feature.auth_seq_id 
_pdbx_modification_feature.PDB_ins_code 
_pdbx_modification_feature.symmetry 
_pdbx_modification_feature.modified_residue_auth_comp_id 
_pdbx_modification_feature.modified_residue_auth_asym_id 
_pdbx_modification_feature.modified_residue_auth_seq_id 
_pdbx_modification_feature.modified_residue_PDB_ins_code 
_pdbx_modification_feature.modified_residue_symmetry 
_pdbx_modification_feature.comp_id_linking_atom 
_pdbx_modification_feature.modified_residue_id_linking_atom 
_pdbx_modification_feature.modified_residue_id 
_pdbx_modification_feature.ref_pcm_id 
_pdbx_modification_feature.ref_comp_id 
_pdbx_modification_feature.type 
_pdbx_modification_feature.category 
1 ISM B . ? HIS A 163 ? ISM A 401 ? 1_555 HIS A 254 ? 1_555 C8 NE2 HIS 1 ISM None 'Covalent chemical modification' 
2 ISM B . ? SER A 110 ? ISM A 401 ? 1_555 SER A 201 ? 1_555 C1 OG  SER 2 ISM None 'Covalent chemical modification' 
# 
_pdbx_entry_details.entry_id                   2XOW 
_pdbx_entry_details.compound_details           ? 
_pdbx_entry_details.source_details             ? 
_pdbx_entry_details.nonpolymer_details         
;METHYL-2(2-CARBOXY-4-AMINO-PHENYL)ACETATE (ISM): LINKS C1
OF ISM AND OG OF S201 AND C8 OF ISM AND NE2 OF H254
THE ISOCOUMARIN RING IS OPENED BY THE NUCLEOPHILIC
ATTACK OF S201 ON C1-O1 BOND AND SUBSEQUENTLY A REACTION BETWEEN
HISTIDINE AT THE ACTIVE SITE CREATES A SECOND COVALENT BOND.
ISM IS IDENTICAL TO HETEROGEN ICU IN PDB 1JIM BUT LACKS AN
ACETATE MOLECULE AT POSITION C8.
DIFFERENCE MAP PEAK INDICATE A POSSIBILITY OF ALTERNATE CONFORMATION
AT RESIDUES 250-252 BUT SINCE THE DENSITY IS WEAK ONLY ONE
CONFORMATION BASED ON GEOMETRY AND MAP HAS BEEN MODELLED.
THE OCCUPANCY OF THE LIGAND ISM IS SET TO 1, WHEN REFINED IT
INDICATES AN OCCUPANCY OF 0.92-0.96.
;
_pdbx_entry_details.sequence_details           ? 
_pdbx_entry_details.has_ligand_of_interest     ? 
_pdbx_entry_details.has_protein_modification   Y 
# 
_pdbx_validate_close_contact.id               1 
_pdbx_validate_close_contact.PDB_model_num    1 
_pdbx_validate_close_contact.auth_atom_id_1   OG 
_pdbx_validate_close_contact.auth_asym_id_1   A 
_pdbx_validate_close_contact.auth_comp_id_1   SER 
_pdbx_validate_close_contact.auth_seq_id_1    201 
_pdbx_validate_close_contact.PDB_ins_code_1   ? 
_pdbx_validate_close_contact.label_alt_id_1   ? 
_pdbx_validate_close_contact.auth_atom_id_2   O1 
_pdbx_validate_close_contact.auth_asym_id_2   A 
_pdbx_validate_close_contact.auth_comp_id_2   ISM 
_pdbx_validate_close_contact.auth_seq_id_2    401 
_pdbx_validate_close_contact.PDB_ins_code_2   ? 
_pdbx_validate_close_contact.label_alt_id_2   ? 
_pdbx_validate_close_contact.dist             2.08 
# 
loop_
_pdbx_validate_torsion.id 
_pdbx_validate_torsion.PDB_model_num 
_pdbx_validate_torsion.auth_comp_id 
_pdbx_validate_torsion.auth_asym_id 
_pdbx_validate_torsion.auth_seq_id 
_pdbx_validate_torsion.PDB_ins_code 
_pdbx_validate_torsion.label_alt_id 
_pdbx_validate_torsion.phi 
_pdbx_validate_torsion.psi 
1 1 ASP A 218 ? ? -152.01 64.86   
2 1 MET A 249 ? ? -38.47  138.58  
3 1 ALA A 250 ? ? -74.60  -169.75 
# 
loop_
_chem_comp_atom.comp_id 
_chem_comp_atom.atom_id 
_chem_comp_atom.type_symbol 
_chem_comp_atom.pdbx_aromatic_flag 
_chem_comp_atom.pdbx_stereo_config 
_chem_comp_atom.pdbx_ordinal 
ALA N      N N N 1   
ALA CA     C N S 2   
ALA C      C N N 3   
ALA O      O N N 4   
ALA CB     C N N 5   
ALA OXT    O N N 6   
ALA H      H N N 7   
ALA H2     H N N 8   
ALA HA     H N N 9   
ALA HB1    H N N 10  
ALA HB2    H N N 11  
ALA HB3    H N N 12  
ALA HXT    H N N 13  
ARG N      N N N 14  
ARG CA     C N S 15  
ARG C      C N N 16  
ARG O      O N N 17  
ARG CB     C N N 18  
ARG CG     C N N 19  
ARG CD     C N N 20  
ARG NE     N N N 21  
ARG CZ     C N N 22  
ARG NH1    N N N 23  
ARG NH2    N N N 24  
ARG OXT    O N N 25  
ARG H      H N N 26  
ARG H2     H N N 27  
ARG HA     H N N 28  
ARG HB2    H N N 29  
ARG HB3    H N N 30  
ARG HG2    H N N 31  
ARG HG3    H N N 32  
ARG HD2    H N N 33  
ARG HD3    H N N 34  
ARG HE     H N N 35  
ARG HH11   H N N 36  
ARG HH12   H N N 37  
ARG HH21   H N N 38  
ARG HH22   H N N 39  
ARG HXT    H N N 40  
ASN N      N N N 41  
ASN CA     C N S 42  
ASN C      C N N 43  
ASN O      O N N 44  
ASN CB     C N N 45  
ASN CG     C N N 46  
ASN OD1    O N N 47  
ASN ND2    N N N 48  
ASN OXT    O N N 49  
ASN H      H N N 50  
ASN H2     H N N 51  
ASN HA     H N N 52  
ASN HB2    H N N 53  
ASN HB3    H N N 54  
ASN HD21   H N N 55  
ASN HD22   H N N 56  
ASN HXT    H N N 57  
ASP N      N N N 58  
ASP CA     C N S 59  
ASP C      C N N 60  
ASP O      O N N 61  
ASP CB     C N N 62  
ASP CG     C N N 63  
ASP OD1    O N N 64  
ASP OD2    O N N 65  
ASP OXT    O N N 66  
ASP H      H N N 67  
ASP H2     H N N 68  
ASP HA     H N N 69  
ASP HB2    H N N 70  
ASP HB3    H N N 71  
ASP HD2    H N N 72  
ASP HXT    H N N 73  
BNG C1     C N R 74  
BNG C2     C N R 75  
BNG C3     C N S 76  
BNG C4     C N S 77  
BNG C5     C N R 78  
BNG C6     C N N 79  
BNG "C1'"  C N N 80  
BNG "C2'"  C N N 81  
BNG "C3'"  C N N 82  
BNG "C4'"  C N N 83  
BNG "C5'"  C N N 84  
BNG "C6'"  C N N 85  
BNG "C7'"  C N N 86  
BNG "C8'"  C N N 87  
BNG "C9'"  C N N 88  
BNG O1     O N N 89  
BNG O2     O N N 90  
BNG O3     O N N 91  
BNG O4     O N N 92  
BNG O5     O N N 93  
BNG O6     O N N 94  
BNG H1     H N N 95  
BNG H2     H N N 96  
BNG H3     H N N 97  
BNG H4     H N N 98  
BNG H5     H N N 99  
BNG H61    H N N 100 
BNG H62    H N N 101 
BNG "H1'1" H N N 102 
BNG "H1'2" H N N 103 
BNG "H2'1" H N N 104 
BNG "H2'2" H N N 105 
BNG "H3'1" H N N 106 
BNG "H3'2" H N N 107 
BNG "H4'1" H N N 108 
BNG "H4'2" H N N 109 
BNG "H5'1" H N N 110 
BNG "H5'2" H N N 111 
BNG "H6'1" H N N 112 
BNG "H6'2" H N N 113 
BNG "H7'1" H N N 114 
BNG "H7'2" H N N 115 
BNG "H8'1" H N N 116 
BNG "H8'2" H N N 117 
BNG "H9'1" H N N 118 
BNG "H9'2" H N N 119 
BNG "H9'3" H N N 120 
BNG HO2    H N N 121 
BNG HO3    H N N 122 
BNG HO4    H N N 123 
BNG HO6    H N N 124 
CYS N      N N N 125 
CYS CA     C N R 126 
CYS C      C N N 127 
CYS O      O N N 128 
CYS CB     C N N 129 
CYS SG     S N N 130 
CYS OXT    O N N 131 
CYS H      H N N 132 
CYS H2     H N N 133 
CYS HA     H N N 134 
CYS HB2    H N N 135 
CYS HB3    H N N 136 
CYS HG     H N N 137 
CYS HXT    H N N 138 
GLN N      N N N 139 
GLN CA     C N S 140 
GLN C      C N N 141 
GLN O      O N N 142 
GLN CB     C N N 143 
GLN CG     C N N 144 
GLN CD     C N N 145 
GLN OE1    O N N 146 
GLN NE2    N N N 147 
GLN OXT    O N N 148 
GLN H      H N N 149 
GLN H2     H N N 150 
GLN HA     H N N 151 
GLN HB2    H N N 152 
GLN HB3    H N N 153 
GLN HG2    H N N 154 
GLN HG3    H N N 155 
GLN HE21   H N N 156 
GLN HE22   H N N 157 
GLN HXT    H N N 158 
GLU N      N N N 159 
GLU CA     C N S 160 
GLU C      C N N 161 
GLU O      O N N 162 
GLU CB     C N N 163 
GLU CG     C N N 164 
GLU CD     C N N 165 
GLU OE1    O N N 166 
GLU OE2    O N N 167 
GLU OXT    O N N 168 
GLU H      H N N 169 
GLU H2     H N N 170 
GLU HA     H N N 171 
GLU HB2    H N N 172 
GLU HB3    H N N 173 
GLU HG2    H N N 174 
GLU HG3    H N N 175 
GLU HE2    H N N 176 
GLU HXT    H N N 177 
GLY N      N N N 178 
GLY CA     C N N 179 
GLY C      C N N 180 
GLY O      O N N 181 
GLY OXT    O N N 182 
GLY H      H N N 183 
GLY H2     H N N 184 
GLY HA2    H N N 185 
GLY HA3    H N N 186 
GLY HXT    H N N 187 
HIS N      N N N 188 
HIS CA     C N S 189 
HIS C      C N N 190 
HIS O      O N N 191 
HIS CB     C N N 192 
HIS CG     C Y N 193 
HIS ND1    N Y N 194 
HIS CD2    C Y N 195 
HIS CE1    C Y N 196 
HIS NE2    N Y N 197 
HIS OXT    O N N 198 
HIS H      H N N 199 
HIS H2     H N N 200 
HIS HA     H N N 201 
HIS HB2    H N N 202 
HIS HB3    H N N 203 
HIS HD1    H N N 204 
HIS HD2    H N N 205 
HIS HE1    H N N 206 
HIS HE2    H N N 207 
HIS HXT    H N N 208 
HOH O      O N N 209 
HOH H1     H N N 210 
HOH H2     H N N 211 
ILE N      N N N 212 
ILE CA     C N S 213 
ILE C      C N N 214 
ILE O      O N N 215 
ILE CB     C N S 216 
ILE CG1    C N N 217 
ILE CG2    C N N 218 
ILE CD1    C N N 219 
ILE OXT    O N N 220 
ILE H      H N N 221 
ILE H2     H N N 222 
ILE HA     H N N 223 
ILE HB     H N N 224 
ILE HG12   H N N 225 
ILE HG13   H N N 226 
ILE HG21   H N N 227 
ILE HG22   H N N 228 
ILE HG23   H N N 229 
ILE HD11   H N N 230 
ILE HD12   H N N 231 
ILE HD13   H N N 232 
ILE HXT    H N N 233 
ISM O1     O N N 234 
ISM C1     C N N 235 
ISM C2     C Y N 236 
ISM C3     C Y N 237 
ISM C4     C Y N 238 
ISM N1     N N N 239 
ISM C5     C Y N 240 
ISM C6     C Y N 241 
ISM C7     C Y N 242 
ISM C8     C N N 243 
ISM C9     C N N 244 
ISM O2     O N N 245 
ISM O3     O N N 246 
ISM C10    C N N 247 
ISM OX0    O N N 248 
ISM HX0    H N N 249 
ISM H3     H N N 250 
ISM H11N   H N N 251 
ISM H12N   H N N 252 
ISM H5     H N N 253 
ISM H6     H N N 254 
ISM H81C   H N N 255 
ISM H82C   H N N 256 
ISM H101   H N N 257 
ISM H102   H N N 258 
ISM H103   H N N 259 
LEU N      N N N 260 
LEU CA     C N S 261 
LEU C      C N N 262 
LEU O      O N N 263 
LEU CB     C N N 264 
LEU CG     C N N 265 
LEU CD1    C N N 266 
LEU CD2    C N N 267 
LEU OXT    O N N 268 
LEU H      H N N 269 
LEU H2     H N N 270 
LEU HA     H N N 271 
LEU HB2    H N N 272 
LEU HB3    H N N 273 
LEU HG     H N N 274 
LEU HD11   H N N 275 
LEU HD12   H N N 276 
LEU HD13   H N N 277 
LEU HD21   H N N 278 
LEU HD22   H N N 279 
LEU HD23   H N N 280 
LEU HXT    H N N 281 
LYS N      N N N 282 
LYS CA     C N S 283 
LYS C      C N N 284 
LYS O      O N N 285 
LYS CB     C N N 286 
LYS CG     C N N 287 
LYS CD     C N N 288 
LYS CE     C N N 289 
LYS NZ     N N N 290 
LYS OXT    O N N 291 
LYS H      H N N 292 
LYS H2     H N N 293 
LYS HA     H N N 294 
LYS HB2    H N N 295 
LYS HB3    H N N 296 
LYS HG2    H N N 297 
LYS HG3    H N N 298 
LYS HD2    H N N 299 
LYS HD3    H N N 300 
LYS HE2    H N N 301 
LYS HE3    H N N 302 
LYS HZ1    H N N 303 
LYS HZ2    H N N 304 
LYS HZ3    H N N 305 
LYS HXT    H N N 306 
MET N      N N N 307 
MET CA     C N S 308 
MET C      C N N 309 
MET O      O N N 310 
MET CB     C N N 311 
MET CG     C N N 312 
MET SD     S N N 313 
MET CE     C N N 314 
MET OXT    O N N 315 
MET H      H N N 316 
MET H2     H N N 317 
MET HA     H N N 318 
MET HB2    H N N 319 
MET HB3    H N N 320 
MET HG2    H N N 321 
MET HG3    H N N 322 
MET HE1    H N N 323 
MET HE2    H N N 324 
MET HE3    H N N 325 
MET HXT    H N N 326 
PHE N      N N N 327 
PHE CA     C N S 328 
PHE C      C N N 329 
PHE O      O N N 330 
PHE CB     C N N 331 
PHE CG     C Y N 332 
PHE CD1    C Y N 333 
PHE CD2    C Y N 334 
PHE CE1    C Y N 335 
PHE CE2    C Y N 336 
PHE CZ     C Y N 337 
PHE OXT    O N N 338 
PHE H      H N N 339 
PHE H2     H N N 340 
PHE HA     H N N 341 
PHE HB2    H N N 342 
PHE HB3    H N N 343 
PHE HD1    H N N 344 
PHE HD2    H N N 345 
PHE HE1    H N N 346 
PHE HE2    H N N 347 
PHE HZ     H N N 348 
PHE HXT    H N N 349 
PRO N      N N N 350 
PRO CA     C N S 351 
PRO C      C N N 352 
PRO O      O N N 353 
PRO CB     C N N 354 
PRO CG     C N N 355 
PRO CD     C N N 356 
PRO OXT    O N N 357 
PRO H      H N N 358 
PRO HA     H N N 359 
PRO HB2    H N N 360 
PRO HB3    H N N 361 
PRO HG2    H N N 362 
PRO HG3    H N N 363 
PRO HD2    H N N 364 
PRO HD3    H N N 365 
PRO HXT    H N N 366 
SER N      N N N 367 
SER CA     C N S 368 
SER C      C N N 369 
SER O      O N N 370 
SER CB     C N N 371 
SER OG     O N N 372 
SER OXT    O N N 373 
SER H      H N N 374 
SER H2     H N N 375 
SER HA     H N N 376 
SER HB2    H N N 377 
SER HB3    H N N 378 
SER HG     H N N 379 
SER HXT    H N N 380 
THR N      N N N 381 
THR CA     C N S 382 
THR C      C N N 383 
THR O      O N N 384 
THR CB     C N R 385 
THR OG1    O N N 386 
THR CG2    C N N 387 
THR OXT    O N N 388 
THR H      H N N 389 
THR H2     H N N 390 
THR HA     H N N 391 
THR HB     H N N 392 
THR HG1    H N N 393 
THR HG21   H N N 394 
THR HG22   H N N 395 
THR HG23   H N N 396 
THR HXT    H N N 397 
TRP N      N N N 398 
TRP CA     C N S 399 
TRP C      C N N 400 
TRP O      O N N 401 
TRP CB     C N N 402 
TRP CG     C Y N 403 
TRP CD1    C Y N 404 
TRP CD2    C Y N 405 
TRP NE1    N Y N 406 
TRP CE2    C Y N 407 
TRP CE3    C Y N 408 
TRP CZ2    C Y N 409 
TRP CZ3    C Y N 410 
TRP CH2    C Y N 411 
TRP OXT    O N N 412 
TRP H      H N N 413 
TRP H2     H N N 414 
TRP HA     H N N 415 
TRP HB2    H N N 416 
TRP HB3    H N N 417 
TRP HD1    H N N 418 
TRP HE1    H N N 419 
TRP HE3    H N N 420 
TRP HZ2    H N N 421 
TRP HZ3    H N N 422 
TRP HH2    H N N 423 
TRP HXT    H N N 424 
TYR N      N N N 425 
TYR CA     C N S 426 
TYR C      C N N 427 
TYR O      O N N 428 
TYR CB     C N N 429 
TYR CG     C Y N 430 
TYR CD1    C Y N 431 
TYR CD2    C Y N 432 
TYR CE1    C Y N 433 
TYR CE2    C Y N 434 
TYR CZ     C Y N 435 
TYR OH     O N N 436 
TYR OXT    O N N 437 
TYR H      H N N 438 
TYR H2     H N N 439 
TYR HA     H N N 440 
TYR HB2    H N N 441 
TYR HB3    H N N 442 
TYR HD1    H N N 443 
TYR HD2    H N N 444 
TYR HE1    H N N 445 
TYR HE2    H N N 446 
TYR HH     H N N 447 
TYR HXT    H N N 448 
VAL N      N N N 449 
VAL CA     C N S 450 
VAL C      C N N 451 
VAL O      O N N 452 
VAL CB     C N N 453 
VAL CG1    C N N 454 
VAL CG2    C N N 455 
VAL OXT    O N N 456 
VAL H      H N N 457 
VAL H2     H N N 458 
VAL HA     H N N 459 
VAL HB     H N N 460 
VAL HG11   H N N 461 
VAL HG12   H N N 462 
VAL HG13   H N N 463 
VAL HG21   H N N 464 
VAL HG22   H N N 465 
VAL HG23   H N N 466 
VAL HXT    H N N 467 
# 
loop_
_chem_comp_bond.comp_id 
_chem_comp_bond.atom_id_1 
_chem_comp_bond.atom_id_2 
_chem_comp_bond.value_order 
_chem_comp_bond.pdbx_aromatic_flag 
_chem_comp_bond.pdbx_stereo_config 
_chem_comp_bond.pdbx_ordinal 
ALA N     CA     sing N N 1   
ALA N     H      sing N N 2   
ALA N     H2     sing N N 3   
ALA CA    C      sing N N 4   
ALA CA    CB     sing N N 5   
ALA CA    HA     sing N N 6   
ALA C     O      doub N N 7   
ALA C     OXT    sing N N 8   
ALA CB    HB1    sing N N 9   
ALA CB    HB2    sing N N 10  
ALA CB    HB3    sing N N 11  
ALA OXT   HXT    sing N N 12  
ARG N     CA     sing N N 13  
ARG N     H      sing N N 14  
ARG N     H2     sing N N 15  
ARG CA    C      sing N N 16  
ARG CA    CB     sing N N 17  
ARG CA    HA     sing N N 18  
ARG C     O      doub N N 19  
ARG C     OXT    sing N N 20  
ARG CB    CG     sing N N 21  
ARG CB    HB2    sing N N 22  
ARG CB    HB3    sing N N 23  
ARG CG    CD     sing N N 24  
ARG CG    HG2    sing N N 25  
ARG CG    HG3    sing N N 26  
ARG CD    NE     sing N N 27  
ARG CD    HD2    sing N N 28  
ARG CD    HD3    sing N N 29  
ARG NE    CZ     sing N N 30  
ARG NE    HE     sing N N 31  
ARG CZ    NH1    sing N N 32  
ARG CZ    NH2    doub N N 33  
ARG NH1   HH11   sing N N 34  
ARG NH1   HH12   sing N N 35  
ARG NH2   HH21   sing N N 36  
ARG NH2   HH22   sing N N 37  
ARG OXT   HXT    sing N N 38  
ASN N     CA     sing N N 39  
ASN N     H      sing N N 40  
ASN N     H2     sing N N 41  
ASN CA    C      sing N N 42  
ASN CA    CB     sing N N 43  
ASN CA    HA     sing N N 44  
ASN C     O      doub N N 45  
ASN C     OXT    sing N N 46  
ASN CB    CG     sing N N 47  
ASN CB    HB2    sing N N 48  
ASN CB    HB3    sing N N 49  
ASN CG    OD1    doub N N 50  
ASN CG    ND2    sing N N 51  
ASN ND2   HD21   sing N N 52  
ASN ND2   HD22   sing N N 53  
ASN OXT   HXT    sing N N 54  
ASP N     CA     sing N N 55  
ASP N     H      sing N N 56  
ASP N     H2     sing N N 57  
ASP CA    C      sing N N 58  
ASP CA    CB     sing N N 59  
ASP CA    HA     sing N N 60  
ASP C     O      doub N N 61  
ASP C     OXT    sing N N 62  
ASP CB    CG     sing N N 63  
ASP CB    HB2    sing N N 64  
ASP CB    HB3    sing N N 65  
ASP CG    OD1    doub N N 66  
ASP CG    OD2    sing N N 67  
ASP OD2   HD2    sing N N 68  
ASP OXT   HXT    sing N N 69  
BNG C1    C2     sing N N 70  
BNG C1    O1     sing N N 71  
BNG C1    O5     sing N N 72  
BNG C1    H1     sing N N 73  
BNG C2    C3     sing N N 74  
BNG C2    O2     sing N N 75  
BNG C2    H2     sing N N 76  
BNG C3    C4     sing N N 77  
BNG C3    O3     sing N N 78  
BNG C3    H3     sing N N 79  
BNG C4    C5     sing N N 80  
BNG C4    O4     sing N N 81  
BNG C4    H4     sing N N 82  
BNG C5    C6     sing N N 83  
BNG C5    O5     sing N N 84  
BNG C5    H5     sing N N 85  
BNG C6    O6     sing N N 86  
BNG C6    H61    sing N N 87  
BNG C6    H62    sing N N 88  
BNG "C1'" "C2'"  sing N N 89  
BNG "C1'" O1     sing N N 90  
BNG "C1'" "H1'1" sing N N 91  
BNG "C1'" "H1'2" sing N N 92  
BNG "C2'" "C3'"  sing N N 93  
BNG "C2'" "H2'1" sing N N 94  
BNG "C2'" "H2'2" sing N N 95  
BNG "C3'" "C4'"  sing N N 96  
BNG "C3'" "H3'1" sing N N 97  
BNG "C3'" "H3'2" sing N N 98  
BNG "C4'" "C5'"  sing N N 99  
BNG "C4'" "H4'1" sing N N 100 
BNG "C4'" "H4'2" sing N N 101 
BNG "C5'" "C6'"  sing N N 102 
BNG "C5'" "H5'1" sing N N 103 
BNG "C5'" "H5'2" sing N N 104 
BNG "C6'" "C7'"  sing N N 105 
BNG "C6'" "H6'1" sing N N 106 
BNG "C6'" "H6'2" sing N N 107 
BNG "C7'" "C8'"  sing N N 108 
BNG "C7'" "H7'1" sing N N 109 
BNG "C7'" "H7'2" sing N N 110 
BNG "C8'" "C9'"  sing N N 111 
BNG "C8'" "H8'1" sing N N 112 
BNG "C8'" "H8'2" sing N N 113 
BNG "C9'" "H9'1" sing N N 114 
BNG "C9'" "H9'2" sing N N 115 
BNG "C9'" "H9'3" sing N N 116 
BNG O2    HO2    sing N N 117 
BNG O3    HO3    sing N N 118 
BNG O4    HO4    sing N N 119 
BNG O6    HO6    sing N N 120 
CYS N     CA     sing N N 121 
CYS N     H      sing N N 122 
CYS N     H2     sing N N 123 
CYS CA    C      sing N N 124 
CYS CA    CB     sing N N 125 
CYS CA    HA     sing N N 126 
CYS C     O      doub N N 127 
CYS C     OXT    sing N N 128 
CYS CB    SG     sing N N 129 
CYS CB    HB2    sing N N 130 
CYS CB    HB3    sing N N 131 
CYS SG    HG     sing N N 132 
CYS OXT   HXT    sing N N 133 
GLN N     CA     sing N N 134 
GLN N     H      sing N N 135 
GLN N     H2     sing N N 136 
GLN CA    C      sing N N 137 
GLN CA    CB     sing N N 138 
GLN CA    HA     sing N N 139 
GLN C     O      doub N N 140 
GLN C     OXT    sing N N 141 
GLN CB    CG     sing N N 142 
GLN CB    HB2    sing N N 143 
GLN CB    HB3    sing N N 144 
GLN CG    CD     sing N N 145 
GLN CG    HG2    sing N N 146 
GLN CG    HG3    sing N N 147 
GLN CD    OE1    doub N N 148 
GLN CD    NE2    sing N N 149 
GLN NE2   HE21   sing N N 150 
GLN NE2   HE22   sing N N 151 
GLN OXT   HXT    sing N N 152 
GLU N     CA     sing N N 153 
GLU N     H      sing N N 154 
GLU N     H2     sing N N 155 
GLU CA    C      sing N N 156 
GLU CA    CB     sing N N 157 
GLU CA    HA     sing N N 158 
GLU C     O      doub N N 159 
GLU C     OXT    sing N N 160 
GLU CB    CG     sing N N 161 
GLU CB    HB2    sing N N 162 
GLU CB    HB3    sing N N 163 
GLU CG    CD     sing N N 164 
GLU CG    HG2    sing N N 165 
GLU CG    HG3    sing N N 166 
GLU CD    OE1    doub N N 167 
GLU CD    OE2    sing N N 168 
GLU OE2   HE2    sing N N 169 
GLU OXT   HXT    sing N N 170 
GLY N     CA     sing N N 171 
GLY N     H      sing N N 172 
GLY N     H2     sing N N 173 
GLY CA    C      sing N N 174 
GLY CA    HA2    sing N N 175 
GLY CA    HA3    sing N N 176 
GLY C     O      doub N N 177 
GLY C     OXT    sing N N 178 
GLY OXT   HXT    sing N N 179 
HIS N     CA     sing N N 180 
HIS N     H      sing N N 181 
HIS N     H2     sing N N 182 
HIS CA    C      sing N N 183 
HIS CA    CB     sing N N 184 
HIS CA    HA     sing N N 185 
HIS C     O      doub N N 186 
HIS C     OXT    sing N N 187 
HIS CB    CG     sing N N 188 
HIS CB    HB2    sing N N 189 
HIS CB    HB3    sing N N 190 
HIS CG    ND1    sing Y N 191 
HIS CG    CD2    doub Y N 192 
HIS ND1   CE1    doub Y N 193 
HIS ND1   HD1    sing N N 194 
HIS CD2   NE2    sing Y N 195 
HIS CD2   HD2    sing N N 196 
HIS CE1   NE2    sing Y N 197 
HIS CE1   HE1    sing N N 198 
HIS NE2   HE2    sing N N 199 
HIS OXT   HXT    sing N N 200 
HOH O     H1     sing N N 201 
HOH O     H2     sing N N 202 
ILE N     CA     sing N N 203 
ILE N     H      sing N N 204 
ILE N     H2     sing N N 205 
ILE CA    C      sing N N 206 
ILE CA    CB     sing N N 207 
ILE CA    HA     sing N N 208 
ILE C     O      doub N N 209 
ILE C     OXT    sing N N 210 
ILE CB    CG1    sing N N 211 
ILE CB    CG2    sing N N 212 
ILE CB    HB     sing N N 213 
ILE CG1   CD1    sing N N 214 
ILE CG1   HG12   sing N N 215 
ILE CG1   HG13   sing N N 216 
ILE CG2   HG21   sing N N 217 
ILE CG2   HG22   sing N N 218 
ILE CG2   HG23   sing N N 219 
ILE CD1   HD11   sing N N 220 
ILE CD1   HD12   sing N N 221 
ILE CD1   HD13   sing N N 222 
ILE OXT   HXT    sing N N 223 
ISM O1    C1     doub N N 224 
ISM C1    C2     sing N N 225 
ISM C1    OX0    sing N N 226 
ISM C2    C3     sing Y N 227 
ISM C2    C7     doub Y N 228 
ISM C3    C4     doub Y N 229 
ISM C4    N1     sing N N 230 
ISM C4    C5     sing Y N 231 
ISM C5    C6     doub Y N 232 
ISM C6    C7     sing Y N 233 
ISM C7    C8     sing N N 234 
ISM C8    C9     sing N N 235 
ISM C9    O2     doub N N 236 
ISM C9    O3     sing N N 237 
ISM O3    C10    sing N N 238 
ISM OX0   HX0    sing N N 239 
ISM C3    H3     sing N N 240 
ISM N1    H11N   sing N N 241 
ISM N1    H12N   sing N N 242 
ISM C5    H5     sing N N 243 
ISM C6    H6     sing N N 244 
ISM C8    H81C   sing N N 245 
ISM C8    H82C   sing N N 246 
ISM C10   H101   sing N N 247 
ISM C10   H102   sing N N 248 
ISM C10   H103   sing N N 249 
LEU N     CA     sing N N 250 
LEU N     H      sing N N 251 
LEU N     H2     sing N N 252 
LEU CA    C      sing N N 253 
LEU CA    CB     sing N N 254 
LEU CA    HA     sing N N 255 
LEU C     O      doub N N 256 
LEU C     OXT    sing N N 257 
LEU CB    CG     sing N N 258 
LEU CB    HB2    sing N N 259 
LEU CB    HB3    sing N N 260 
LEU CG    CD1    sing N N 261 
LEU CG    CD2    sing N N 262 
LEU CG    HG     sing N N 263 
LEU CD1   HD11   sing N N 264 
LEU CD1   HD12   sing N N 265 
LEU CD1   HD13   sing N N 266 
LEU CD2   HD21   sing N N 267 
LEU CD2   HD22   sing N N 268 
LEU CD2   HD23   sing N N 269 
LEU OXT   HXT    sing N N 270 
LYS N     CA     sing N N 271 
LYS N     H      sing N N 272 
LYS N     H2     sing N N 273 
LYS CA    C      sing N N 274 
LYS CA    CB     sing N N 275 
LYS CA    HA     sing N N 276 
LYS C     O      doub N N 277 
LYS C     OXT    sing N N 278 
LYS CB    CG     sing N N 279 
LYS CB    HB2    sing N N 280 
LYS CB    HB3    sing N N 281 
LYS CG    CD     sing N N 282 
LYS CG    HG2    sing N N 283 
LYS CG    HG3    sing N N 284 
LYS CD    CE     sing N N 285 
LYS CD    HD2    sing N N 286 
LYS CD    HD3    sing N N 287 
LYS CE    NZ     sing N N 288 
LYS CE    HE2    sing N N 289 
LYS CE    HE3    sing N N 290 
LYS NZ    HZ1    sing N N 291 
LYS NZ    HZ2    sing N N 292 
LYS NZ    HZ3    sing N N 293 
LYS OXT   HXT    sing N N 294 
MET N     CA     sing N N 295 
MET N     H      sing N N 296 
MET N     H2     sing N N 297 
MET CA    C      sing N N 298 
MET CA    CB     sing N N 299 
MET CA    HA     sing N N 300 
MET C     O      doub N N 301 
MET C     OXT    sing N N 302 
MET CB    CG     sing N N 303 
MET CB    HB2    sing N N 304 
MET CB    HB3    sing N N 305 
MET CG    SD     sing N N 306 
MET CG    HG2    sing N N 307 
MET CG    HG3    sing N N 308 
MET SD    CE     sing N N 309 
MET CE    HE1    sing N N 310 
MET CE    HE2    sing N N 311 
MET CE    HE3    sing N N 312 
MET OXT   HXT    sing N N 313 
PHE N     CA     sing N N 314 
PHE N     H      sing N N 315 
PHE N     H2     sing N N 316 
PHE CA    C      sing N N 317 
PHE CA    CB     sing N N 318 
PHE CA    HA     sing N N 319 
PHE C     O      doub N N 320 
PHE C     OXT    sing N N 321 
PHE CB    CG     sing N N 322 
PHE CB    HB2    sing N N 323 
PHE CB    HB3    sing N N 324 
PHE CG    CD1    doub Y N 325 
PHE CG    CD2    sing Y N 326 
PHE CD1   CE1    sing Y N 327 
PHE CD1   HD1    sing N N 328 
PHE CD2   CE2    doub Y N 329 
PHE CD2   HD2    sing N N 330 
PHE CE1   CZ     doub Y N 331 
PHE CE1   HE1    sing N N 332 
PHE CE2   CZ     sing Y N 333 
PHE CE2   HE2    sing N N 334 
PHE CZ    HZ     sing N N 335 
PHE OXT   HXT    sing N N 336 
PRO N     CA     sing N N 337 
PRO N     CD     sing N N 338 
PRO N     H      sing N N 339 
PRO CA    C      sing N N 340 
PRO CA    CB     sing N N 341 
PRO CA    HA     sing N N 342 
PRO C     O      doub N N 343 
PRO C     OXT    sing N N 344 
PRO CB    CG     sing N N 345 
PRO CB    HB2    sing N N 346 
PRO CB    HB3    sing N N 347 
PRO CG    CD     sing N N 348 
PRO CG    HG2    sing N N 349 
PRO CG    HG3    sing N N 350 
PRO CD    HD2    sing N N 351 
PRO CD    HD3    sing N N 352 
PRO OXT   HXT    sing N N 353 
SER N     CA     sing N N 354 
SER N     H      sing N N 355 
SER N     H2     sing N N 356 
SER CA    C      sing N N 357 
SER CA    CB     sing N N 358 
SER CA    HA     sing N N 359 
SER C     O      doub N N 360 
SER C     OXT    sing N N 361 
SER CB    OG     sing N N 362 
SER CB    HB2    sing N N 363 
SER CB    HB3    sing N N 364 
SER OG    HG     sing N N 365 
SER OXT   HXT    sing N N 366 
THR N     CA     sing N N 367 
THR N     H      sing N N 368 
THR N     H2     sing N N 369 
THR CA    C      sing N N 370 
THR CA    CB     sing N N 371 
THR CA    HA     sing N N 372 
THR C     O      doub N N 373 
THR C     OXT    sing N N 374 
THR CB    OG1    sing N N 375 
THR CB    CG2    sing N N 376 
THR CB    HB     sing N N 377 
THR OG1   HG1    sing N N 378 
THR CG2   HG21   sing N N 379 
THR CG2   HG22   sing N N 380 
THR CG2   HG23   sing N N 381 
THR OXT   HXT    sing N N 382 
TRP N     CA     sing N N 383 
TRP N     H      sing N N 384 
TRP N     H2     sing N N 385 
TRP CA    C      sing N N 386 
TRP CA    CB     sing N N 387 
TRP CA    HA     sing N N 388 
TRP C     O      doub N N 389 
TRP C     OXT    sing N N 390 
TRP CB    CG     sing N N 391 
TRP CB    HB2    sing N N 392 
TRP CB    HB3    sing N N 393 
TRP CG    CD1    doub Y N 394 
TRP CG    CD2    sing Y N 395 
TRP CD1   NE1    sing Y N 396 
TRP CD1   HD1    sing N N 397 
TRP CD2   CE2    doub Y N 398 
TRP CD2   CE3    sing Y N 399 
TRP NE1   CE2    sing Y N 400 
TRP NE1   HE1    sing N N 401 
TRP CE2   CZ2    sing Y N 402 
TRP CE3   CZ3    doub Y N 403 
TRP CE3   HE3    sing N N 404 
TRP CZ2   CH2    doub Y N 405 
TRP CZ2   HZ2    sing N N 406 
TRP CZ3   CH2    sing Y N 407 
TRP CZ3   HZ3    sing N N 408 
TRP CH2   HH2    sing N N 409 
TRP OXT   HXT    sing N N 410 
TYR N     CA     sing N N 411 
TYR N     H      sing N N 412 
TYR N     H2     sing N N 413 
TYR CA    C      sing N N 414 
TYR CA    CB     sing N N 415 
TYR CA    HA     sing N N 416 
TYR C     O      doub N N 417 
TYR C     OXT    sing N N 418 
TYR CB    CG     sing N N 419 
TYR CB    HB2    sing N N 420 
TYR CB    HB3    sing N N 421 
TYR CG    CD1    doub Y N 422 
TYR CG    CD2    sing Y N 423 
TYR CD1   CE1    sing Y N 424 
TYR CD1   HD1    sing N N 425 
TYR CD2   CE2    doub Y N 426 
TYR CD2   HD2    sing N N 427 
TYR CE1   CZ     doub Y N 428 
TYR CE1   HE1    sing N N 429 
TYR CE2   CZ     sing Y N 430 
TYR CE2   HE2    sing N N 431 
TYR CZ    OH     sing N N 432 
TYR OH    HH     sing N N 433 
TYR OXT   HXT    sing N N 434 
VAL N     CA     sing N N 435 
VAL N     H      sing N N 436 
VAL N     H2     sing N N 437 
VAL CA    C      sing N N 438 
VAL CA    CB     sing N N 439 
VAL CA    HA     sing N N 440 
VAL C     O      doub N N 441 
VAL C     OXT    sing N N 442 
VAL CB    CG1    sing N N 443 
VAL CB    CG2    sing N N 444 
VAL CB    HB     sing N N 445 
VAL CG1   HG11   sing N N 446 
VAL CG1   HG12   sing N N 447 
VAL CG1   HG13   sing N N 448 
VAL CG2   HG21   sing N N 449 
VAL CG2   HG22   sing N N 450 
VAL CG2   HG23   sing N N 451 
VAL OXT   HXT    sing N N 452 
# 
_pdbx_initial_refinement_model.id               1 
_pdbx_initial_refinement_model.entity_id_list   ? 
_pdbx_initial_refinement_model.type             'experimental model' 
_pdbx_initial_refinement_model.source_name      PDB 
_pdbx_initial_refinement_model.accession_code   3B45 
_pdbx_initial_refinement_model.details          'PDB ENTRY 3B45' 
# 
_atom_sites.entry_id                    2XOW 
_atom_sites.fract_transf_matrix[1][1]   -0.00932749 
_atom_sites.fract_transf_matrix[1][2]   -0.00389845 
_atom_sites.fract_transf_matrix[1][3]   -0.00257293 
_atom_sites.fract_transf_matrix[2][1]   -0.00228666 
_atom_sites.fract_transf_matrix[2][2]   -0.00188529 
_atom_sites.fract_transf_matrix[2][3]   -0.01000218 
_atom_sites.fract_transf_matrix[3][1]   0.00296599 
_atom_sites.fract_transf_matrix[3][2]   -0.00759359 
_atom_sites.fract_transf_matrix[3][3]   0.00075323 
_atom_sites.fract_transf_vector[1]      0.081448 
_atom_sites.fract_transf_vector[2]      -0.119309 
_atom_sites.fract_transf_vector[3]      0.345051 
# 
loop_
_atom_type.symbol 
C 
N 
O 
S 
# 
loop_
_atom_site.group_PDB 
_atom_site.id 
_atom_site.type_symbol 
_atom_site.label_atom_id 
_atom_site.label_alt_id 
_atom_site.label_comp_id 
_atom_site.label_asym_id 
_atom_site.label_entity_id 
_atom_site.label_seq_id 
_atom_site.pdbx_PDB_ins_code 
_atom_site.Cartn_x 
_atom_site.Cartn_y 
_atom_site.Cartn_z 
_atom_site.occupancy 
_atom_site.B_iso_or_equiv 
_atom_site.pdbx_formal_charge 
_atom_site.auth_seq_id 
_atom_site.auth_comp_id 
_atom_site.auth_asym_id 
_atom_site.auth_atom_id 
_atom_site.pdbx_PDB_model_num 
ATOM   1    N N     . ARG A 1 1   ? 5.222   20.299  -4.532  1.00 67.15 ? 92   ARG A N     1 
ATOM   2    C CA    . ARG A 1 1   ? 5.928   19.160  -3.955  1.00 65.73 ? 92   ARG A CA    1 
ATOM   3    C C     . ARG A 1 1   ? 4.982   18.252  -3.171  1.00 65.91 ? 92   ARG A C     1 
ATOM   4    O O     . ARG A 1 1   ? 3.804   18.563  -2.997  1.00 61.18 ? 92   ARG A O     1 
ATOM   5    C CB    . ARG A 1 1   ? 7.042   19.636  -3.030  1.00 63.44 ? 92   ARG A CB    1 
ATOM   6    C CG    . ARG A 1 1   ? 6.534   20.226  -1.735  1.00 62.63 ? 92   ARG A CG    1 
ATOM   7    C CD    . ARG A 1 1   ? 7.668   20.513  -0.774  1.00 66.80 ? 92   ARG A CD    1 
ATOM   8    N NE    . ARG A 1 1   ? 7.170   21.001  0.510   1.00 67.53 ? 92   ARG A NE    1 
ATOM   9    C CZ    . ARG A 1 1   ? 7.947   21.448  1.489   1.00 71.25 ? 92   ARG A CZ    1 
ATOM   10   N NH1   . ARG A 1 1   ? 9.266   21.474  1.333   1.00 70.54 ? 92   ARG A NH1   1 
ATOM   11   N NH2   . ARG A 1 1   ? 7.406   21.873  2.625   1.00 71.45 ? 92   ARG A NH2   1 
ATOM   12   N N     . ALA A 1 2   ? 5.516   17.135  -2.688  1.00 65.70 ? 93   ALA A N     1 
ATOM   13   C CA    . ALA A 1 2   ? 4.724   16.142  -1.971  1.00 58.65 ? 93   ALA A CA    1 
ATOM   14   C C     . ALA A 1 2   ? 4.283   16.641  -0.592  1.00 54.28 ? 93   ALA A C     1 
ATOM   15   O O     . ALA A 1 2   ? 5.089   17.167  0.184   1.00 53.23 ? 93   ALA A O     1 
ATOM   16   C CB    . ALA A 1 2   ? 5.519   14.843  -1.834  1.00 52.53 ? 93   ALA A CB    1 
ATOM   17   N N     . GLY A 1 3   ? 3.000   16.468  -0.288  1.00 49.00 ? 94   GLY A N     1 
ATOM   18   C CA    . GLY A 1 3   ? 2.486   16.808  1.026   1.00 46.57 ? 94   GLY A CA    1 
ATOM   19   C C     . GLY A 1 3   ? 3.231   16.095  2.141   1.00 45.64 ? 94   GLY A C     1 
ATOM   20   O O     . GLY A 1 3   ? 4.097   15.260  1.885   1.00 46.88 ? 94   GLY A O     1 
ATOM   21   N N     . PRO A 1 4   ? 2.892   16.418  3.396   1.00 46.28 ? 95   PRO A N     1 
ATOM   22   C CA    . PRO A 1 4   ? 3.524   15.854  4.598   1.00 44.53 ? 95   PRO A CA    1 
ATOM   23   C C     . PRO A 1 4   ? 3.298   14.345  4.760   1.00 42.66 ? 95   PRO A C     1 
ATOM   24   O O     . PRO A 1 4   ? 4.204   13.647  5.208   1.00 42.58 ? 95   PRO A O     1 
ATOM   25   C CB    . PRO A 1 4   ? 2.826   16.597  5.748   1.00 49.25 ? 95   PRO A CB    1 
ATOM   26   C CG    . PRO A 1 4   ? 2.138   17.772  5.111   1.00 50.80 ? 95   PRO A CG    1 
ATOM   27   C CD    . PRO A 1 4   ? 1.811   17.365  3.722   1.00 45.43 ? 95   PRO A CD    1 
ATOM   28   N N     . VAL A 1 5   ? 2.105   13.853  4.436   1.00 38.34 ? 96   VAL A N     1 
ATOM   29   C CA    . VAL A 1 5   ? 1.833   12.425  4.582   1.00 40.73 ? 96   VAL A CA    1 
ATOM   30   C C     . VAL A 1 5   ? 2.539   11.613  3.490   1.00 40.67 ? 96   VAL A C     1 
ATOM   31   O O     . VAL A 1 5   ? 3.177   10.605  3.779   1.00 38.41 ? 96   VAL A O     1 
ATOM   32   C CB    . VAL A 1 5   ? 0.330   12.111  4.568   1.00 37.46 ? 96   VAL A CB    1 
ATOM   33   C CG1   . VAL A 1 5   ? 0.103   10.591  4.596   1.00 36.72 ? 96   VAL A CG1   1 
ATOM   34   C CG2   . VAL A 1 5   ? -0.374  12.786  5.751   1.00 40.37 ? 96   VAL A CG2   1 
ATOM   35   N N     . THR A 1 6   ? 2.412   12.056  2.240   1.00 36.14 ? 97   THR A N     1 
ATOM   36   C CA    . THR A 1 6   ? 3.150   11.460  1.138   1.00 36.77 ? 97   THR A CA    1 
ATOM   37   C C     . THR A 1 6   ? 4.639   11.361  1.465   1.00 37.76 ? 97   THR A C     1 
ATOM   38   O O     . THR A 1 6   ? 5.274   10.346  1.225   1.00 37.87 ? 97   THR A O     1 
ATOM   39   C CB    . THR A 1 6   ? 3.007   12.303  -0.114  1.00 39.67 ? 97   THR A CB    1 
ATOM   40   O OG1   . THR A 1 6   ? 1.623   12.454  -0.406  1.00 39.95 ? 97   THR A OG1   1 
ATOM   41   C CG2   . THR A 1 6   ? 3.702   11.631  -1.304  1.00 36.99 ? 97   THR A CG2   1 
ATOM   42   N N     . TRP A 1 7   ? 5.174   12.436  2.018   1.00 36.40 ? 98   TRP A N     1 
ATOM   43   C CA    . TRP A 1 7   ? 6.577   12.519  2.380   1.00 41.47 ? 98   TRP A CA    1 
ATOM   44   C C     . TRP A 1 7   ? 6.997   11.584  3.514   1.00 41.54 ? 98   TRP A C     1 
ATOM   45   O O     . TRP A 1 7   ? 7.967   10.836  3.380   1.00 39.21 ? 98   TRP A O     1 
ATOM   46   C CB    . TRP A 1 7   ? 6.917   13.956  2.763   1.00 41.85 ? 98   TRP A CB    1 
ATOM   47   C CG    . TRP A 1 7   ? 8.269   14.084  3.352   1.00 48.50 ? 98   TRP A CG    1 
ATOM   48   C CD1   . TRP A 1 7   ? 8.573   14.359  4.655   1.00 53.10 ? 98   TRP A CD1   1 
ATOM   49   C CD2   . TRP A 1 7   ? 9.517   13.925  2.672   1.00 47.82 ? 98   TRP A CD2   1 
ATOM   50   N NE1   . TRP A 1 7   ? 9.936   14.392  4.825   1.00 53.65 ? 98   TRP A NE1   1 
ATOM   51   C CE2   . TRP A 1 7   ? 10.539  14.132  3.622   1.00 53.69 ? 98   TRP A CE2   1 
ATOM   52   C CE3   . TRP A 1 7   ? 9.871   13.636  1.350   1.00 50.39 ? 98   TRP A CE3   1 
ATOM   53   C CZ2   . TRP A 1 7   ? 11.897  14.055  3.293   1.00 54.17 ? 98   TRP A CZ2   1 
ATOM   54   C CZ3   . TRP A 1 7   ? 11.221  13.564  1.023   1.00 50.55 ? 98   TRP A CZ3   1 
ATOM   55   C CH2   . TRP A 1 7   ? 12.214  13.772  1.991   1.00 52.91 ? 98   TRP A CH2   1 
ATOM   56   N N     . VAL A 1 8   ? 6.283   11.625  4.639   1.00 40.85 ? 99   VAL A N     1 
ATOM   57   C CA    . VAL A 1 8   ? 6.716   10.847  5.802   1.00 37.39 ? 99   VAL A CA    1 
ATOM   58   C C     . VAL A 1 8   ? 6.609   9.345   5.557   1.00 35.56 ? 99   VAL A C     1 
ATOM   59   O O     . VAL A 1 8   ? 7.375   8.567   6.117   1.00 38.12 ? 99   VAL A O     1 
ATOM   60   C CB    . VAL A 1 8   ? 5.978   11.248  7.107   1.00 42.41 ? 99   VAL A CB    1 
ATOM   61   C CG1   . VAL A 1 8   ? 6.151   12.730  7.366   1.00 50.16 ? 99   VAL A CG1   1 
ATOM   62   C CG2   . VAL A 1 8   ? 4.506   10.895  7.029   1.00 44.19 ? 99   VAL A CG2   1 
ATOM   63   N N     . MET A 1 9   ? 5.659   8.937   4.721   1.00 34.35 ? 100  MET A N     1 
ATOM   64   C CA    . MET A 1 9   ? 5.568   7.531   4.337   1.00 36.16 ? 100  MET A CA    1 
ATOM   65   C C     . MET A 1 9   ? 6.808   7.107   3.537   1.00 37.72 ? 100  MET A C     1 
ATOM   66   O O     . MET A 1 9   ? 7.416   6.068   3.811   1.00 36.63 ? 100  MET A O     1 
ATOM   67   C CB    . MET A 1 9   ? 4.303   7.272   3.539   1.00 33.07 ? 100  MET A CB    1 
ATOM   68   C CG    . MET A 1 9   ? 4.250   5.888   2.916   1.00 37.64 ? 100  MET A CG    1 
ATOM   69   S SD    . MET A 1 9   ? 4.277   4.523   4.099   1.00 39.44 ? 100  MET A SD    1 
ATOM   70   C CE    . MET A 1 9   ? 2.539   4.478   4.539   1.00 36.28 ? 100  MET A CE    1 
ATOM   71   N N     . MET A 1 10  ? 7.194   7.924   2.562   1.00 35.93 ? 101  MET A N     1 
ATOM   72   C CA    . MET A 1 10  ? 8.407   7.637   1.783   1.00 34.34 ? 101  MET A CA    1 
ATOM   73   C C     . MET A 1 10  ? 9.649   7.592   2.676   1.00 36.09 ? 101  MET A C     1 
ATOM   74   O O     . MET A 1 10  ? 10.420  6.633   2.639   1.00 37.21 ? 101  MET A O     1 
ATOM   75   C CB    . MET A 1 10  ? 8.578   8.664   0.673   1.00 33.96 ? 101  MET A CB    1 
ATOM   76   C CG    . MET A 1 10  ? 7.432   8.646   -0.302  1.00 34.58 ? 101  MET A CG    1 
ATOM   77   S SD    . MET A 1 10  ? 7.484   9.965   -1.510  1.00 43.32 ? 101  MET A SD    1 
ATOM   78   C CE    . MET A 1 10  ? 8.861   9.431   -2.521  1.00 41.94 ? 101  MET A CE    1 
ATOM   79   N N     . ILE A 1 11  ? 9.842   8.611   3.504   1.00 35.91 ? 102  ILE A N     1 
ATOM   80   C CA    . ILE A 1 11  ? 11.021  8.596   4.366   1.00 37.71 ? 102  ILE A CA    1 
ATOM   81   C C     . ILE A 1 11  ? 10.999  7.400   5.335   1.00 38.82 ? 102  ILE A C     1 
ATOM   82   O O     . ILE A 1 11  ? 12.033  6.769   5.571   1.00 38.45 ? 102  ILE A O     1 
ATOM   83   C CB    . ILE A 1 11  ? 11.226  9.937   5.113   1.00 44.39 ? 102  ILE A CB    1 
ATOM   84   C CG1   . ILE A 1 11  ? 12.391  9.828   6.094   1.00 57.54 ? 102  ILE A CG1   1 
ATOM   85   C CG2   . ILE A 1 11  ? 10.001  10.308  5.880   1.00 47.16 ? 102  ILE A CG2   1 
ATOM   86   C CD1   . ILE A 1 11  ? 12.638  11.094  6.902   1.00 62.26 ? 102  ILE A CD1   1 
ATOM   87   N N     . ALA A 1 12  ? 9.825   7.072   5.873   1.00 36.00 ? 103  ALA A N     1 
ATOM   88   C CA    . ALA A 1 12  ? 9.696   5.932   6.777   1.00 38.34 ? 103  ALA A CA    1 
ATOM   89   C C     . ALA A 1 12  ? 10.063  4.610   6.097   1.00 34.60 ? 103  ALA A C     1 
ATOM   90   O O     . ALA A 1 12  ? 10.724  3.750   6.690   1.00 34.91 ? 103  ALA A O     1 
ATOM   91   C CB    . ALA A 1 12  ? 8.269   5.859   7.356   1.00 34.89 ? 103  ALA A CB    1 
ATOM   92   N N     . CYS A 1 13  ? 9.608   4.439   4.861   1.00 32.65 ? 104  CYS A N     1 
ATOM   93   C CA    . CYS A 1 13  ? 9.940   3.246   4.081   1.00 35.69 ? 104  CYS A CA    1 
ATOM   94   C C     . CYS A 1 13  ? 11.439  3.175   3.767   1.00 36.61 ? 104  CYS A C     1 
ATOM   95   O O     . CYS A 1 13  ? 12.046  2.099   3.807   1.00 35.00 ? 104  CYS A O     1 
ATOM   96   C CB    . CYS A 1 13  ? 9.139   3.224   2.774   1.00 33.12 ? 104  CYS A CB    1 
ATOM   97   S SG    . CYS A 1 13  ? 7.382   2.789   2.996   1.00 31.83 ? 104  CYS A SG    1 
ATOM   98   N N     . VAL A 1 14  ? 12.036  4.320   3.447   1.00 33.49 ? 105  VAL A N     1 
ATOM   99   C CA    . VAL A 1 14  ? 13.480  4.350   3.218   1.00 38.69 ? 105  VAL A CA    1 
ATOM   100  C C     . VAL A 1 14  ? 14.277  3.991   4.479   1.00 38.44 ? 105  VAL A C     1 
ATOM   101  O O     . VAL A 1 14  ? 15.186  3.156   4.429   1.00 37.22 ? 105  VAL A O     1 
ATOM   102  C CB    . VAL A 1 14  ? 13.945  5.701   2.644   1.00 41.19 ? 105  VAL A CB    1 
ATOM   103  C CG1   . VAL A 1 14  ? 15.474  5.756   2.583   1.00 40.36 ? 105  VAL A CG1   1 
ATOM   104  C CG2   . VAL A 1 14  ? 13.337  5.911   1.257   1.00 33.46 ? 105  VAL A CG2   1 
ATOM   105  N N     . VAL A 1 15  ? 13.926  4.615   5.602   1.00 34.91 ? 106  VAL A N     1 
ATOM   106  C CA    . VAL A 1 15  ? 14.574  4.344   6.887   1.00 35.38 ? 106  VAL A CA    1 
ATOM   107  C C     . VAL A 1 15  ? 14.497  2.853   7.242   1.00 38.21 ? 106  VAL A C     1 
ATOM   108  O O     . VAL A 1 15  ? 15.500  2.244   7.623   1.00 38.24 ? 106  VAL A O     1 
ATOM   109  C CB    . VAL A 1 15  ? 13.925  5.196   8.018   1.00 41.46 ? 106  VAL A CB    1 
ATOM   110  C CG1   . VAL A 1 15  ? 14.265  4.647   9.399   1.00 41.67 ? 106  VAL A CG1   1 
ATOM   111  C CG2   . VAL A 1 15  ? 14.331  6.671   7.881   1.00 43.91 ? 106  VAL A CG2   1 
ATOM   112  N N     . VAL A 1 16  ? 13.300  2.274   7.117   1.00 36.21 ? 107  VAL A N     1 
ATOM   113  C CA    . VAL A 1 16  ? 13.084  0.851   7.397   1.00 35.86 ? 107  VAL A CA    1 
ATOM   114  C C     . VAL A 1 16  ? 13.874  -0.040  6.436   1.00 38.78 ? 107  VAL A C     1 
ATOM   115  O O     . VAL A 1 16  ? 14.445  -1.060  6.839   1.00 34.17 ? 107  VAL A O     1 
ATOM   116  C CB    . VAL A 1 16  ? 11.573  0.478   7.322   1.00 36.24 ? 107  VAL A CB    1 
ATOM   117  C CG1   . VAL A 1 16  ? 11.382  -1.038  7.292   1.00 31.57 ? 107  VAL A CG1   1 
ATOM   118  C CG2   . VAL A 1 16  ? 10.797  1.099   8.501   1.00 36.70 ? 107  VAL A CG2   1 
ATOM   119  N N     . PHE A 1 17  ? 13.893  0.342   5.159   1.00 33.50 ? 108  PHE A N     1 
ATOM   120  C CA    . PHE A 1 17  ? 14.646  -0.401  4.153   1.00 34.61 ? 108  PHE A CA    1 
ATOM   121  C C     . PHE A 1 17  ? 16.150  -0.404  4.474   1.00 35.19 ? 108  PHE A C     1 
ATOM   122  O O     . PHE A 1 17  ? 16.823  -1.437  4.374   1.00 36.56 ? 108  PHE A O     1 
ATOM   123  C CB    . PHE A 1 17  ? 14.371  0.189   2.768   1.00 36.29 ? 108  PHE A CB    1 
ATOM   124  C CG    . PHE A 1 17  ? 14.881  -0.643  1.629   1.00 35.49 ? 108  PHE A CG    1 
ATOM   125  C CD1   . PHE A 1 17  ? 15.943  -0.197  0.852   1.00 36.66 ? 108  PHE A CD1   1 
ATOM   126  C CD2   . PHE A 1 17  ? 14.279  -1.846  1.302   1.00 36.05 ? 108  PHE A CD2   1 
ATOM   127  C CE1   . PHE A 1 17  ? 16.399  -0.949  -0.210  1.00 37.48 ? 108  PHE A CE1   1 
ATOM   128  C CE2   . PHE A 1 17  ? 14.733  -2.599  0.227   1.00 35.45 ? 108  PHE A CE2   1 
ATOM   129  C CZ    . PHE A 1 17  ? 15.794  -2.154  -0.519  1.00 34.05 ? 108  PHE A CZ    1 
ATOM   130  N N     . ILE A 1 18  ? 16.676  0.743   4.870   1.00 32.02 ? 109  ILE A N     1 
ATOM   131  C CA    . ILE A 1 18  ? 18.065  0.793   5.326   1.00 39.09 ? 109  ILE A CA    1 
ATOM   132  C C     . ILE A 1 18  ? 18.314  -0.170  6.498   1.00 41.99 ? 109  ILE A C     1 
ATOM   133  O O     . ILE A 1 18  ? 19.242  -0.985  6.457   1.00 40.20 ? 109  ILE A O     1 
ATOM   134  C CB    . ILE A 1 18  ? 18.478  2.225   5.700   1.00 39.99 ? 109  ILE A CB    1 
ATOM   135  C CG1   . ILE A 1 18  ? 18.635  3.061   4.432   1.00 36.36 ? 109  ILE A CG1   1 
ATOM   136  C CG2   . ILE A 1 18  ? 19.761  2.217   6.510   1.00 42.08 ? 109  ILE A CG2   1 
ATOM   137  C CD1   . ILE A 1 18  ? 18.772  4.522   4.691   1.00 37.90 ? 109  ILE A CD1   1 
ATOM   138  N N     . ALA A 1 19  ? 17.464  -0.102  7.527   1.00 38.54 ? 110  ALA A N     1 
ATOM   139  C CA    . ALA A 1 19  ? 17.584  -1.001  8.673   1.00 37.62 ? 110  ALA A CA    1 
ATOM   140  C C     . ALA A 1 19  ? 17.577  -2.471  8.264   1.00 36.14 ? 110  ALA A C     1 
ATOM   141  O O     . ALA A 1 19  ? 18.216  -3.295  8.897   1.00 39.19 ? 110  ALA A O     1 
ATOM   142  C CB    . ALA A 1 19  ? 16.465  -0.732  9.692   1.00 39.59 ? 110  ALA A CB    1 
ATOM   143  N N     . MET A 1 20  ? 16.833  -2.803  7.218   1.00 35.99 ? 111  MET A N     1 
ATOM   144  C CA    . MET A 1 20  ? 16.765  -4.180  6.745   1.00 34.68 ? 111  MET A CA    1 
ATOM   145  C C     . MET A 1 20  ? 18.082  -4.577  6.049   1.00 43.00 ? 111  MET A C     1 
ATOM   146  O O     . MET A 1 20  ? 18.488  -5.747  6.069   1.00 41.51 ? 111  MET A O     1 
ATOM   147  C CB    . MET A 1 20  ? 15.575  -4.357  5.789   1.00 34.48 ? 111  MET A CB    1 
ATOM   148  C CG    . MET A 1 20  ? 14.183  -4.084  6.440   1.00 35.74 ? 111  MET A CG    1 
ATOM   149  S SD    . MET A 1 20  ? 12.763  -4.266  5.319   1.00 34.56 ? 111  MET A SD    1 
ATOM   150  C CE    . MET A 1 20  ? 12.746  -6.038  5.083   1.00 27.68 ? 111  MET A CE    1 
ATOM   151  N N     . GLN A 1 21  ? 18.747  -3.607  5.429   1.00 39.44 ? 112  GLN A N     1 
ATOM   152  C CA    . GLN A 1 21  ? 20.010  -3.899  4.754   1.00 41.36 ? 112  GLN A CA    1 
ATOM   153  C C     . GLN A 1 21  ? 21.124  -4.073  5.793   1.00 44.56 ? 112  GLN A C     1 
ATOM   154  O O     . GLN A 1 21  ? 21.980  -4.946  5.663   1.00 44.94 ? 112  GLN A O     1 
ATOM   155  C CB    . GLN A 1 21  ? 20.382  -2.790  3.767   1.00 38.73 ? 112  GLN A CB    1 
ATOM   156  C CG    . GLN A 1 21  ? 19.360  -2.487  2.668   1.00 37.59 ? 112  GLN A CG    1 
ATOM   157  C CD    . GLN A 1 21  ? 18.558  -3.701  2.220   1.00 44.19 ? 112  GLN A CD    1 
ATOM   158  O OE1   . GLN A 1 21  ? 19.103  -4.654  1.660   1.00 43.28 ? 112  GLN A OE1   1 
ATOM   159  N NE2   . GLN A 1 21  ? 17.243  -3.667  2.466   1.00 39.91 ? 112  GLN A NE2   1 
ATOM   160  N N     . ILE A 1 22  ? 21.097  -3.233  6.823   1.00 41.91 ? 113  ILE A N     1 
ATOM   161  C CA    . ILE A 1 22  ? 22.101  -3.264  7.878   1.00 43.47 ? 113  ILE A CA    1 
ATOM   162  C C     . ILE A 1 22  ? 21.909  -4.452  8.820   1.00 49.80 ? 113  ILE A C     1 
ATOM   163  O O     . ILE A 1 22  ? 22.878  -5.123  9.187   1.00 49.57 ? 113  ILE A O     1 
ATOM   164  C CB    . ILE A 1 22  ? 22.069  -1.972  8.714   1.00 42.41 ? 113  ILE A CB    1 
ATOM   165  C CG1   . ILE A 1 22  ? 22.469  -0.770  7.858   1.00 42.11 ? 113  ILE A CG1   1 
ATOM   166  C CG2   . ILE A 1 22  ? 22.989  -2.092  9.942   1.00 42.31 ? 113  ILE A CG2   1 
ATOM   167  C CD1   . ILE A 1 22  ? 22.300  0.570   8.557   1.00 41.67 ? 113  ILE A CD1   1 
ATOM   168  N N     . LEU A 1 23  ? 20.660  -4.714  9.203   1.00 43.57 ? 114  LEU A N     1 
ATOM   169  C CA    . LEU A 1 23  ? 20.374  -5.721  10.218  1.00 44.44 ? 114  LEU A CA    1 
ATOM   170  C C     . LEU A 1 23  ? 19.908  -7.034  9.628   1.00 45.18 ? 114  LEU A C     1 
ATOM   171  O O     . LEU A 1 23  ? 19.907  -8.056  10.314  1.00 45.32 ? 114  LEU A O     1 
ATOM   172  C CB    . LEU A 1 23  ? 19.294  -5.222  11.181  1.00 46.79 ? 114  LEU A CB    1 
ATOM   173  C CG    . LEU A 1 23  ? 19.554  -3.932  11.954  1.00 48.38 ? 114  LEU A CG    1 
ATOM   174  C CD1   . LEU A 1 23  ? 18.288  -3.528  12.709  1.00 43.99 ? 114  LEU A CD1   1 
ATOM   175  C CD2   . LEU A 1 23  ? 20.732  -4.103  12.918  1.00 47.66 ? 114  LEU A CD2   1 
ATOM   176  N N     . GLY A 1 24  ? 19.490  -7.006  8.367   1.00 42.06 ? 115  GLY A N     1 
ATOM   177  C CA    . GLY A 1 24  ? 18.888  -8.172  7.748   1.00 39.69 ? 115  GLY A CA    1 
ATOM   178  C C     . GLY A 1 24  ? 17.362  -8.125  7.791   1.00 40.13 ? 115  GLY A C     1 
ATOM   179  O O     . GLY A 1 24  ? 16.779  -7.518  8.684   1.00 39.69 ? 115  GLY A O     1 
ATOM   180  N N     . ASP A 1 25  ? 16.722  -8.768  6.821   1.00 38.27 ? 116  ASP A N     1 
ATOM   181  C CA    . ASP A 1 25  ? 15.265  -8.758  6.693   1.00 40.63 ? 116  ASP A CA    1 
ATOM   182  C C     . ASP A 1 25  ? 14.550  -9.359  7.901   1.00 40.97 ? 116  ASP A C     1 
ATOM   183  O O     . ASP A 1 25  ? 13.658  -8.730  8.474   1.00 40.71 ? 116  ASP A O     1 
ATOM   184  C CB    . ASP A 1 25  ? 14.819  -9.524  5.436   1.00 37.67 ? 116  ASP A CB    1 
ATOM   185  C CG    . ASP A 1 25  ? 15.182  -8.818  4.130   1.00 36.47 ? 116  ASP A CG    1 
ATOM   186  O OD1   . ASP A 1 25  ? 15.639  -7.653  4.127   1.00 37.90 ? 116  ASP A OD1   1 
ATOM   187  O OD2   . ASP A 1 25  ? 14.975  -9.442  3.081   1.00 39.65 ? 116  ASP A OD2   1 
ATOM   188  N N     . GLN A 1 26  ? 14.913  -10.590 8.259   1.00 39.18 ? 117  GLN A N     1 
ATOM   189  C CA    . GLN A 1 26  ? 14.250  -11.298 9.360   1.00 42.03 ? 117  GLN A CA    1 
ATOM   190  C C     . GLN A 1 26  ? 14.255  -10.486 10.652  1.00 41.52 ? 117  GLN A C     1 
ATOM   191  O O     . GLN A 1 26  ? 13.264  -10.440 11.378  1.00 42.77 ? 117  GLN A O     1 
ATOM   192  C CB    . GLN A 1 26  ? 14.917  -12.647 9.628   1.00 40.49 ? 117  GLN A CB    1 
ATOM   193  C CG    . GLN A 1 26  ? 14.716  -13.683 8.552   1.00 46.39 ? 117  GLN A CG    1 
ATOM   194  C CD    . GLN A 1 26  ? 15.452  -13.362 7.257   1.00 54.03 ? 117  GLN A CD    1 
ATOM   195  O OE1   . GLN A 1 26  ? 16.509  -12.720 7.263   1.00 52.82 ? 117  GLN A OE1   1 
ATOM   196  N NE2   . GLN A 1 26  ? 14.883  -13.797 6.134   1.00 54.37 ? 117  GLN A NE2   1 
ATOM   197  N N     . GLU A 1 27  ? 15.379  -9.853  10.941  1.00 39.72 ? 118  GLU A N     1 
ATOM   198  C CA    . GLU A 1 27  ? 15.531  -9.114  12.182  1.00 42.75 ? 118  GLU A CA    1 
ATOM   199  C C     . GLU A 1 27  ? 14.533  -7.963  12.275  1.00 43.77 ? 118  GLU A C     1 
ATOM   200  O O     . GLU A 1 27  ? 13.947  -7.728  13.331  1.00 43.88 ? 118  GLU A O     1 
ATOM   201  C CB    . GLU A 1 27  ? 16.962  -8.574  12.318  1.00 45.79 ? 118  GLU A CB    1 
ATOM   202  C CG    . GLU A 1 27  ? 18.002  -9.620  12.708  1.00 49.89 ? 118  GLU A CG    1 
ATOM   203  C CD    . GLU A 1 27  ? 18.752  -10.206 11.514  1.00 51.18 ? 118  GLU A CD    1 
ATOM   204  O OE1   . GLU A 1 27  ? 18.168  -10.277 10.400  1.00 47.02 ? 118  GLU A OE1   1 
ATOM   205  O OE2   . GLU A 1 27  ? 19.937  -10.589 11.699  1.00 49.23 ? 118  GLU A OE2   1 
ATOM   206  N N     . VAL A 1 28  ? 14.354  -7.236  11.174  1.00 39.91 ? 119  VAL A N     1 
ATOM   207  C CA    . VAL A 1 28  ? 13.388  -6.141  11.141  1.00 40.00 ? 119  VAL A CA    1 
ATOM   208  C C     . VAL A 1 28  ? 11.955  -6.686  11.224  1.00 37.75 ? 119  VAL A C     1 
ATOM   209  O O     . VAL A 1 28  ? 11.073  -6.057  11.799  1.00 37.87 ? 119  VAL A O     1 
ATOM   210  C CB    . VAL A 1 28  ? 13.571  -5.262  9.881   1.00 41.50 ? 119  VAL A CB    1 
ATOM   211  C CG1   . VAL A 1 28  ? 12.471  -4.207  9.779   1.00 33.37 ? 119  VAL A CG1   1 
ATOM   212  C CG2   . VAL A 1 28  ? 14.937  -4.603  9.911   1.00 40.38 ? 119  VAL A CG2   1 
ATOM   213  N N     . MET A 1 29  ? 11.739  -7.866  10.665  1.00 35.66 ? 120  MET A N     1 
ATOM   214  C CA    . MET A 1 29  ? 10.425  -8.482  10.697  1.00 38.49 ? 120  MET A CA    1 
ATOM   215  C C     . MET A 1 29  ? 10.026  -8.861  12.132  1.00 40.64 ? 120  MET A C     1 
ATOM   216  O O     . MET A 1 29  ? 8.847   -8.813  12.501  1.00 40.34 ? 120  MET A O     1 
ATOM   217  C CB    . MET A 1 29  ? 10.381  -9.696  9.763   1.00 35.20 ? 120  MET A CB    1 
ATOM   218  C CG    . MET A 1 29  ? 10.446  -9.329  8.278   1.00 39.91 ? 120  MET A CG    1 
ATOM   219  S SD    . MET A 1 29  ? 9.684   -10.566 7.208   1.00 52.81 ? 120  MET A SD    1 
ATOM   220  C CE    . MET A 1 29  ? 10.924  -11.861 7.232   1.00 45.94 ? 120  MET A CE    1 
ATOM   221  N N     . LEU A 1 30  ? 11.009  -9.236  12.946  1.00 41.60 ? 121  LEU A N     1 
ATOM   222  C CA    . LEU A 1 30  ? 10.740  -9.539  14.345  1.00 38.78 ? 121  LEU A CA    1 
ATOM   223  C C     . LEU A 1 30  ? 10.023  -8.371  14.987  1.00 37.13 ? 121  LEU A C     1 
ATOM   224  O O     . LEU A 1 30  ? 9.141   -8.548  15.809  1.00 40.14 ? 121  LEU A O     1 
ATOM   225  C CB    . LEU A 1 30  ? 12.032  -9.786  15.109  1.00 43.68 ? 121  LEU A CB    1 
ATOM   226  C CG    . LEU A 1 30  ? 12.620  -11.189 15.193  1.00 44.12 ? 121  LEU A CG    1 
ATOM   227  C CD1   . LEU A 1 30  ? 13.549  -11.230 16.419  1.00 44.98 ? 121  LEU A CD1   1 
ATOM   228  C CD2   . LEU A 1 30  ? 11.553  -12.233 15.312  1.00 35.73 ? 121  LEU A CD2   1 
ATOM   229  N N     . TRP A 1 31  ? 10.432  -7.166  14.616  1.00 42.57 ? 122  TRP A N     1 
ATOM   230  C CA    . TRP A 1 31  ? 9.866   -5.949  15.173  1.00 42.26 ? 122  TRP A CA    1 
ATOM   231  C C     . TRP A 1 31  ? 8.575   -5.462  14.496  1.00 39.52 ? 122  TRP A C     1 
ATOM   232  O O     . TRP A 1 31  ? 7.667   -4.974  15.166  1.00 37.63 ? 122  TRP A O     1 
ATOM   233  C CB    . TRP A 1 31  ? 10.898  -4.824  15.118  1.00 43.80 ? 122  TRP A CB    1 
ATOM   234  C CG    . TRP A 1 31  ? 11.861  -4.810  16.264  1.00 59.82 ? 122  TRP A CG    1 
ATOM   235  C CD1   . TRP A 1 31  ? 13.226  -4.887  16.192  1.00 65.66 ? 122  TRP A CD1   1 
ATOM   236  C CD2   . TRP A 1 31  ? 11.537  -4.705  17.657  1.00 61.52 ? 122  TRP A CD2   1 
ATOM   237  N NE1   . TRP A 1 31  ? 13.770  -4.829  17.457  1.00 67.16 ? 122  TRP A NE1   1 
ATOM   238  C CE2   . TRP A 1 31  ? 12.755  -4.720  18.371  1.00 69.43 ? 122  TRP A CE2   1 
ATOM   239  C CE3   . TRP A 1 31  ? 10.336  -4.598  18.369  1.00 63.52 ? 122  TRP A CE3   1 
ATOM   240  C CZ2   . TRP A 1 31  ? 12.806  -4.629  19.761  1.00 71.75 ? 122  TRP A CZ2   1 
ATOM   241  C CZ3   . TRP A 1 31  ? 10.387  -4.511  19.752  1.00 68.57 ? 122  TRP A CZ3   1 
ATOM   242  C CH2   . TRP A 1 31  ? 11.613  -4.527  20.433  1.00 73.58 ? 122  TRP A CH2   1 
ATOM   243  N N     . LEU A 1 32  ? 8.506   -5.577  13.172  1.00 36.39 ? 123  LEU A N     1 
ATOM   244  C CA    . LEU A 1 32  ? 7.486   -4.850  12.415  1.00 35.65 ? 123  LEU A CA    1 
ATOM   245  C C     . LEU A 1 32  ? 6.442   -5.725  11.734  1.00 33.36 ? 123  LEU A C     1 
ATOM   246  O O     . LEU A 1 32  ? 5.482   -5.212  11.168  1.00 32.88 ? 123  LEU A O     1 
ATOM   247  C CB    . LEU A 1 32  ? 8.143   -3.943  11.366  1.00 33.32 ? 123  LEU A CB    1 
ATOM   248  C CG    . LEU A 1 32  ? 9.084   -2.855  11.865  1.00 38.15 ? 123  LEU A CG    1 
ATOM   249  C CD1   . LEU A 1 32  ? 9.681   -2.109  10.672  1.00 34.64 ? 123  LEU A CD1   1 
ATOM   250  C CD2   . LEU A 1 32  ? 8.357   -1.905  12.812  1.00 35.26 ? 123  LEU A CD2   1 
ATOM   251  N N     . ALA A 1 33  ? 6.620   -7.039  11.784  1.00 32.07 ? 124  ALA A N     1 
ATOM   252  C CA    . ALA A 1 33  ? 5.713   -7.932  11.081  1.00 30.33 ? 124  ALA A CA    1 
ATOM   253  C C     . ALA A 1 33  ? 4.398   -8.142  11.831  1.00 35.78 ? 124  ALA A C     1 
ATOM   254  O O     . ALA A 1 33  ? 4.354   -8.054  13.058  1.00 35.01 ? 124  ALA A O     1 
ATOM   255  C CB    . ALA A 1 33  ? 6.384   -9.271  10.814  1.00 28.76 ? 124  ALA A CB    1 
ATOM   256  N N     . TRP A 1 34  ? 3.338   -8.420  11.072  1.00 32.19 ? 125  TRP A N     1 
ATOM   257  C CA    . TRP A 1 34  ? 2.058   -8.850  11.616  1.00 32.75 ? 125  TRP A CA    1 
ATOM   258  C C     . TRP A 1 34  ? 2.354   -9.818  12.748  1.00 34.63 ? 125  TRP A C     1 
ATOM   259  O O     . TRP A 1 34  ? 3.289   -10.596 12.644  1.00 34.60 ? 125  TRP A O     1 
ATOM   260  C CB    . TRP A 1 34  ? 1.280   -9.572  10.513  1.00 33.52 ? 125  TRP A CB    1 
ATOM   261  C CG    . TRP A 1 34  ? -0.158  -9.884  10.828  1.00 32.72 ? 125  TRP A CG    1 
ATOM   262  C CD1   . TRP A 1 34  ? -0.640  -10.976 11.495  1.00 36.87 ? 125  TRP A CD1   1 
ATOM   263  C CD2   . TRP A 1 34  ? -1.300  -9.103  10.461  1.00 32.86 ? 125  TRP A CD2   1 
ATOM   264  N NE1   . TRP A 1 34  ? -2.013  -10.912 11.578  1.00 35.45 ? 125  TRP A NE1   1 
ATOM   265  C CE2   . TRP A 1 34  ? -2.440  -9.764  10.963  1.00 33.46 ? 125  TRP A CE2   1 
ATOM   266  C CE3   . TRP A 1 34  ? -1.467  -7.895  9.773   1.00 30.08 ? 125  TRP A CE3   1 
ATOM   267  C CZ2   . TRP A 1 34  ? -3.730  -9.273  10.778  1.00 36.10 ? 125  TRP A CZ2   1 
ATOM   268  C CZ3   . TRP A 1 34  ? -2.749  -7.404  9.596   1.00 33.15 ? 125  TRP A CZ3   1 
ATOM   269  C CH2   . TRP A 1 34  ? -3.865  -8.090  10.100  1.00 32.38 ? 125  TRP A CH2   1 
ATOM   270  N N     . PRO A 1 35  ? 1.550   -9.790  13.827  1.00 39.29 ? 126  PRO A N     1 
ATOM   271  C CA    . PRO A 1 35  ? 1.834   -10.673 14.976  1.00 37.47 ? 126  PRO A CA    1 
ATOM   272  C C     . PRO A 1 35  ? 1.991   -12.147 14.575  1.00 39.23 ? 126  PRO A C     1 
ATOM   273  O O     . PRO A 1 35  ? 1.098   -12.738 13.972  1.00 37.82 ? 126  PRO A O     1 
ATOM   274  C CB    . PRO A 1 35  ? 0.618   -10.477 15.875  1.00 37.62 ? 126  PRO A CB    1 
ATOM   275  C CG    . PRO A 1 35  ? 0.134   -9.075  15.540  1.00 37.04 ? 126  PRO A CG    1 
ATOM   276  C CD    . PRO A 1 35  ? 0.360   -8.943  14.057  1.00 32.70 ? 126  PRO A CD    1 
ATOM   277  N N     . PHE A 1 36  ? 3.146   -12.723 14.890  1.00 39.01 ? 127  PHE A N     1 
ATOM   278  C CA    . PHE A 1 36  ? 3.441   -14.099 14.497  1.00 44.09 ? 127  PHE A CA    1 
ATOM   279  C C     . PHE A 1 36  ? 3.441   -15.035 15.711  1.00 45.82 ? 127  PHE A C     1 
ATOM   280  O O     . PHE A 1 36  ? 3.698   -16.230 15.592  1.00 46.31 ? 127  PHE A O     1 
ATOM   281  C CB    . PHE A 1 36  ? 4.782   -14.174 13.730  1.00 40.23 ? 127  PHE A CB    1 
ATOM   282  C CG    . PHE A 1 36  ? 5.936   -13.530 14.455  1.00 42.00 ? 127  PHE A CG    1 
ATOM   283  C CD1   . PHE A 1 36  ? 6.289   -12.222 14.191  1.00 37.28 ? 127  PHE A CD1   1 
ATOM   284  C CD2   . PHE A 1 36  ? 6.659   -14.236 15.404  1.00 40.79 ? 127  PHE A CD2   1 
ATOM   285  C CE1   . PHE A 1 36  ? 7.330   -11.632 14.856  1.00 40.67 ? 127  PHE A CE1   1 
ATOM   286  C CE2   . PHE A 1 36  ? 7.711   -13.650 16.072  1.00 39.87 ? 127  PHE A CE2   1 
ATOM   287  C CZ    . PHE A 1 36  ? 8.051   -12.348 15.799  1.00 42.91 ? 127  PHE A CZ    1 
ATOM   288  N N     . ASP A 1 37  ? 3.150   -14.469 16.878  1.00 48.62 ? 128  ASP A N     1 
ATOM   289  C CA    . ASP A 1 37  ? 3.014   -15.231 18.112  1.00 45.85 ? 128  ASP A CA    1 
ATOM   290  C C     . ASP A 1 37  ? 1.947   -14.564 18.973  1.00 47.87 ? 128  ASP A C     1 
ATOM   291  O O     . ASP A 1 37  ? 1.803   -13.339 18.958  1.00 44.55 ? 128  ASP A O     1 
ATOM   292  C CB    . ASP A 1 37  ? 4.353   -15.282 18.856  1.00 48.30 ? 128  ASP A CB    1 
ATOM   293  C CG    . ASP A 1 37  ? 4.319   -16.204 20.066  1.00 57.55 ? 128  ASP A CG    1 
ATOM   294  O OD1   . ASP A 1 37  ? 4.282   -17.443 19.881  1.00 59.09 ? 128  ASP A OD1   1 
ATOM   295  O OD2   . ASP A 1 37  ? 4.335   -15.692 21.202  1.00 52.84 ? 128  ASP A OD2   1 
ATOM   296  N N     . PRO A 1 38  ? 1.178   -15.363 19.726  1.00 53.38 ? 129  PRO A N     1 
ATOM   297  C CA    . PRO A 1 38  ? 0.086   -14.757 20.499  1.00 49.39 ? 129  PRO A CA    1 
ATOM   298  C C     . PRO A 1 38  ? 0.589   -13.731 21.498  1.00 48.84 ? 129  PRO A C     1 
ATOM   299  O O     . PRO A 1 38  ? -0.155  -12.837 21.895  1.00 48.27 ? 129  PRO A O     1 
ATOM   300  C CB    . PRO A 1 38  ? -0.539  -15.961 21.208  1.00 52.20 ? 129  PRO A CB    1 
ATOM   301  C CG    . PRO A 1 38  ? -0.250  -17.114 20.288  1.00 51.46 ? 129  PRO A CG    1 
ATOM   302  C CD    . PRO A 1 38  ? 1.137   -16.835 19.769  1.00 51.66 ? 129  PRO A CD    1 
ATOM   303  N N     . THR A 1 39  ? 1.853   -13.840 21.885  1.00 45.27 ? 130  THR A N     1 
ATOM   304  C CA    . THR A 1 39  ? 2.413   -12.891 22.833  1.00 48.48 ? 130  THR A CA    1 
ATOM   305  C C     . THR A 1 39  ? 2.511   -11.501 22.221  1.00 47.21 ? 130  THR A C     1 
ATOM   306  O O     . THR A 1 39  ? 2.761   -10.523 22.924  1.00 43.70 ? 130  THR A O     1 
ATOM   307  C CB    . THR A 1 39  ? 3.813   -13.315 23.330  1.00 51.52 ? 130  THR A CB    1 
ATOM   308  O OG1   . THR A 1 39  ? 4.233   -12.414 24.354  1.00 62.54 ? 130  THR A OG1   1 
ATOM   309  C CG2   . THR A 1 39  ? 4.838   -13.250 22.210  1.00 43.94 ? 130  THR A CG2   1 
ATOM   310  N N     . LEU A 1 40  ? 2.306   -11.417 20.908  1.00 47.04 ? 131  LEU A N     1 
ATOM   311  C CA    . LEU A 1 40  ? 2.540   -10.171 20.189  1.00 44.88 ? 131  LEU A CA    1 
ATOM   312  C C     . LEU A 1 40  ? 1.239   -9.515  19.719  1.00 40.78 ? 131  LEU A C     1 
ATOM   313  O O     . LEU A 1 40  ? 1.267   -8.487  19.035  1.00 38.45 ? 131  LEU A O     1 
ATOM   314  C CB    . LEU A 1 40  ? 3.496   -10.416 19.004  1.00 43.43 ? 131  LEU A CB    1 
ATOM   315  C CG    . LEU A 1 40  ? 4.906   -10.946 19.313  1.00 44.28 ? 131  LEU A CG    1 
ATOM   316  C CD1   . LEU A 1 40  ? 5.676   -11.312 18.030  1.00 39.49 ? 131  LEU A CD1   1 
ATOM   317  C CD2   . LEU A 1 40  ? 5.701   -9.938  20.135  1.00 41.05 ? 131  LEU A CD2   1 
ATOM   318  N N     . LYS A 1 41  ? 0.105   -10.086 20.117  1.00 41.19 ? 132  LYS A N     1 
ATOM   319  C CA    . LYS A 1 41  ? -1.203  -9.656  19.607  1.00 42.94 ? 132  LYS A CA    1 
ATOM   320  C C     . LYS A 1 41  ? -1.622  -8.220  19.964  1.00 38.77 ? 132  LYS A C     1 
ATOM   321  O O     . LYS A 1 41  ? -2.403  -7.612  19.240  1.00 37.92 ? 132  LYS A O     1 
ATOM   322  C CB    . LYS A 1 41  ? -2.295  -10.644 20.014  1.00 43.12 ? 132  LYS A CB    1 
ATOM   323  C CG    . LYS A 1 41  ? -2.465  -10.778 21.524  1.00 45.42 ? 132  LYS A CG    1 
ATOM   324  C CD    . LYS A 1 41  ? -3.443  -11.895 21.876  1.00 45.85 ? 132  LYS A CD    1 
ATOM   325  C CE    . LYS A 1 41  ? -3.544  -12.085 23.384  1.00 49.85 ? 132  LYS A CE    1 
ATOM   326  N NZ    . LYS A 1 41  ? -2.279  -12.640 23.941  1.00 52.35 ? 132  LYS A NZ    1 
ATOM   327  N N     . PHE A 1 42  ? -1.107  -7.679  21.062  1.00 39.83 ? 133  PHE A N     1 
ATOM   328  C CA    . PHE A 1 42  ? -1.468  -6.318  21.482  1.00 37.72 ? 133  PHE A CA    1 
ATOM   329  C C     . PHE A 1 42  ? -0.464  -5.283  21.000  1.00 39.99 ? 133  PHE A C     1 
ATOM   330  O O     . PHE A 1 42  ? -0.594  -4.099  21.300  1.00 37.63 ? 133  PHE A O     1 
ATOM   331  C CB    . PHE A 1 42  ? -1.608  -6.220  23.012  1.00 40.49 ? 133  PHE A CB    1 
ATOM   332  C CG    . PHE A 1 42  ? -2.856  -6.865  23.555  1.00 42.37 ? 133  PHE A CG    1 
ATOM   333  C CD1   . PHE A 1 42  ? -2.780  -7.987  24.356  1.00 47.87 ? 133  PHE A CD1   1 
ATOM   334  C CD2   . PHE A 1 42  ? -4.106  -6.347  23.262  1.00 43.82 ? 133  PHE A CD2   1 
ATOM   335  C CE1   . PHE A 1 42  ? -3.927  -8.582  24.853  1.00 49.94 ? 133  PHE A CE1   1 
ATOM   336  C CE2   . PHE A 1 42  ? -5.261  -6.938  23.752  1.00 45.48 ? 133  PHE A CE2   1 
ATOM   337  C CZ    . PHE A 1 42  ? -5.171  -8.054  24.548  1.00 46.51 ? 133  PHE A CZ    1 
ATOM   338  N N     . GLU A 1 43  ? 0.547   -5.722  20.259  1.00 36.59 ? 134  GLU A N     1 
ATOM   339  C CA    . GLU A 1 43  ? 1.483   -4.768  19.681  1.00 37.47 ? 134  GLU A CA    1 
ATOM   340  C C     . GLU A 1 43  ? 0.871   -4.204  18.397  1.00 38.77 ? 134  GLU A C     1 
ATOM   341  O O     . GLU A 1 43  ? 1.171   -4.650  17.282  1.00 33.23 ? 134  GLU A O     1 
ATOM   342  C CB    . GLU A 1 43  ? 2.864   -5.419  19.501  1.00 39.96 ? 134  GLU A CB    1 
ATOM   343  C CG    . GLU A 1 43  ? 3.489   -5.802  20.869  1.00 39.20 ? 134  GLU A CG    1 
ATOM   344  C CD    . GLU A 1 43  ? 4.921   -6.321  20.786  1.00 42.42 ? 134  GLU A CD    1 
ATOM   345  O OE1   . GLU A 1 43  ? 5.456   -6.512  19.672  1.00 38.51 ? 134  GLU A OE1   1 
ATOM   346  O OE2   . GLU A 1 43  ? 5.517   -6.539  21.859  1.00 46.21 ? 134  GLU A OE2   1 
ATOM   347  N N     . PHE A 1 44  ? -0.016  -3.229  18.588  1.00 38.35 ? 135  PHE A N     1 
ATOM   348  C CA    . PHE A 1 44  ? -0.972  -2.825  17.561  1.00 38.58 ? 135  PHE A CA    1 
ATOM   349  C C     . PHE A 1 44  ? -0.295  -2.290  16.301  1.00 34.47 ? 135  PHE A C     1 
ATOM   350  O O     . PHE A 1 44  ? -0.900  -2.282  15.241  1.00 31.92 ? 135  PHE A O     1 
ATOM   351  C CB    . PHE A 1 44  ? -1.952  -1.756  18.072  1.00 37.59 ? 135  PHE A CB    1 
ATOM   352  C CG    . PHE A 1 44  ? -2.882  -2.218  19.185  1.00 46.63 ? 135  PHE A CG    1 
ATOM   353  C CD1   . PHE A 1 44  ? -3.804  -3.231  18.981  1.00 44.01 ? 135  PHE A CD1   1 
ATOM   354  C CD2   . PHE A 1 44  ? -2.865  -1.583  20.427  1.00 48.53 ? 135  PHE A CD2   1 
ATOM   355  C CE1   . PHE A 1 44  ? -4.671  -3.628  20.012  1.00 47.57 ? 135  PHE A CE1   1 
ATOM   356  C CE2   . PHE A 1 44  ? -3.737  -1.975  21.456  1.00 48.08 ? 135  PHE A CE2   1 
ATOM   357  C CZ    . PHE A 1 44  ? -4.629  -2.992  21.247  1.00 45.12 ? 135  PHE A CZ    1 
ATOM   358  N N     . TRP A 1 45  ? 0.932   -1.798  16.420  1.00 36.27 ? 136  TRP A N     1 
ATOM   359  C CA    . TRP A 1 45  ? 1.603   -1.253  15.240  1.00 33.34 ? 136  TRP A CA    1 
ATOM   360  C C     . TRP A 1 45  ? 1.772   -2.311  14.156  1.00 34.16 ? 136  TRP A C     1 
ATOM   361  O O     . TRP A 1 45  ? 1.682   -1.997  12.981  1.00 34.37 ? 136  TRP A O     1 
ATOM   362  C CB    . TRP A 1 45  ? 2.952   -0.608  15.579  1.00 34.22 ? 136  TRP A CB    1 
ATOM   363  C CG    . TRP A 1 45  ? 3.990   -1.561  16.058  1.00 37.22 ? 136  TRP A CG    1 
ATOM   364  C CD1   . TRP A 1 45  ? 4.858   -2.293  15.292  1.00 38.35 ? 136  TRP A CD1   1 
ATOM   365  C CD2   . TRP A 1 45  ? 4.278   -1.890  17.421  1.00 38.98 ? 136  TRP A CD2   1 
ATOM   366  N NE1   . TRP A 1 45  ? 5.667   -3.057  16.100  1.00 40.47 ? 136  TRP A NE1   1 
ATOM   367  C CE2   . TRP A 1 45  ? 5.334   -2.824  17.411  1.00 39.40 ? 136  TRP A CE2   1 
ATOM   368  C CE3   . TRP A 1 45  ? 3.745   -1.485  18.650  1.00 40.18 ? 136  TRP A CE3   1 
ATOM   369  C CZ2   . TRP A 1 45  ? 5.872   -3.357  18.585  1.00 45.38 ? 136  TRP A CZ2   1 
ATOM   370  C CZ3   . TRP A 1 45  ? 4.283   -2.015  19.819  1.00 44.55 ? 136  TRP A CZ3   1 
ATOM   371  C CH2   . TRP A 1 45  ? 5.333   -2.940  19.776  1.00 44.85 ? 136  TRP A CH2   1 
ATOM   372  N N     . ARG A 1 46  ? 1.995   -3.560  14.561  1.00 33.60 ? 137  ARG A N     1 
ATOM   373  C CA    . ARG A 1 46  ? 2.227   -4.662  13.623  1.00 33.21 ? 137  ARG A CA    1 
ATOM   374  C C     . ARG A 1 46  ? 1.134   -4.897  12.574  1.00 35.28 ? 137  ARG A C     1 
ATOM   375  O O     . ARG A 1 46  ? 1.408   -5.483  11.524  1.00 32.54 ? 137  ARG A O     1 
ATOM   376  C CB    . ARG A 1 46  ? 2.456   -5.965  14.381  1.00 32.29 ? 137  ARG A CB    1 
ATOM   377  C CG    . ARG A 1 46  ? 3.527   -5.895  15.452  1.00 34.68 ? 137  ARG A CG    1 
ATOM   378  C CD    . ARG A 1 46  ? 3.742   -7.264  16.075  1.00 32.53 ? 137  ARG A CD    1 
ATOM   379  N NE    . ARG A 1 46  ? 4.907   -7.269  16.942  1.00 31.82 ? 137  ARG A NE    1 
ATOM   380  C CZ    . ARG A 1 46  ? 6.119   -7.658  16.557  1.00 38.13 ? 137  ARG A CZ    1 
ATOM   381  N NH1   . ARG A 1 46  ? 6.328   -8.072  15.312  1.00 35.30 ? 137  ARG A NH1   1 
ATOM   382  N NH2   . ARG A 1 46  ? 7.126   -7.631  17.417  1.00 36.70 ? 137  ARG A NH2   1 
ATOM   383  N N     . TYR A 1 47  ? -0.099  -4.480  12.860  1.00 31.23 ? 138  TYR A N     1 
ATOM   384  C CA    . TYR A 1 47  ? -1.199  -4.669  11.919  1.00 32.52 ? 138  TYR A CA    1 
ATOM   385  C C     . TYR A 1 47  ? -1.067  -3.700  10.743  1.00 27.19 ? 138  TYR A C     1 
ATOM   386  O O     . TYR A 1 47  ? -1.794  -3.799  9.758   1.00 29.89 ? 138  TYR A O     1 
ATOM   387  C CB    . TYR A 1 47  ? -2.571  -4.527  12.629  1.00 31.50 ? 138  TYR A CB    1 
ATOM   388  C CG    . TYR A 1 47  ? -2.729  -5.530  13.751  1.00 31.04 ? 138  TYR A CG    1 
ATOM   389  C CD1   . TYR A 1 47  ? -2.540  -5.164  15.081  1.00 31.24 ? 138  TYR A CD1   1 
ATOM   390  C CD2   . TYR A 1 47  ? -3.005  -6.858  13.474  1.00 33.24 ? 138  TYR A CD2   1 
ATOM   391  C CE1   . TYR A 1 47  ? -2.659  -6.098  16.108  1.00 30.49 ? 138  TYR A CE1   1 
ATOM   392  C CE2   . TYR A 1 47  ? -3.114  -7.794  14.480  1.00 35.27 ? 138  TYR A CE2   1 
ATOM   393  C CZ    . TYR A 1 47  ? -2.949  -7.409  15.797  1.00 34.19 ? 138  TYR A CZ    1 
ATOM   394  O OH    . TYR A 1 47  ? -3.073  -8.362  16.774  1.00 32.64 ? 138  TYR A OH    1 
ATOM   395  N N     . PHE A 1 48  ? -0.117  -2.781  10.857  1.00 30.92 ? 139  PHE A N     1 
ATOM   396  C CA    . PHE A 1 48  ? 0.097   -1.739  9.858   1.00 32.82 ? 139  PHE A CA    1 
ATOM   397  C C     . PHE A 1 48  ? 1.542   -1.703  9.318   1.00 34.84 ? 139  PHE A C     1 
ATOM   398  O O     . PHE A 1 48  ? 1.759   -1.481  8.122   1.00 30.13 ? 139  PHE A O     1 
ATOM   399  C CB    . PHE A 1 48  ? -0.258  -0.373  10.456  1.00 33.83 ? 139  PHE A CB    1 
ATOM   400  C CG    . PHE A 1 48  ? -1.636  -0.326  11.090  1.00 35.32 ? 139  PHE A CG    1 
ATOM   401  C CD1   . PHE A 1 48  ? -1.808  -0.600  12.436  1.00 36.14 ? 139  PHE A CD1   1 
ATOM   402  C CD2   . PHE A 1 48  ? -2.752  -0.016  10.329  1.00 36.66 ? 139  PHE A CD2   1 
ATOM   403  C CE1   . PHE A 1 48  ? -3.072  -0.556  13.018  1.00 36.49 ? 139  PHE A CE1   1 
ATOM   404  C CE2   . PHE A 1 48  ? -4.013  0.025   10.898  1.00 36.40 ? 139  PHE A CE2   1 
ATOM   405  C CZ    . PHE A 1 48  ? -4.167  -0.250  12.248  1.00 35.79 ? 139  PHE A CZ    1 
ATOM   406  N N     . THR A 1 49  ? 2.518   -1.907  10.205  1.00 31.23 ? 140  THR A N     1 
ATOM   407  C CA    . THR A 1 49  ? 3.925   -1.687  9.865   1.00 33.68 ? 140  THR A CA    1 
ATOM   408  C C     . THR A 1 49  ? 4.516   -2.692  8.888   1.00 29.88 ? 140  THR A C     1 
ATOM   409  O O     . THR A 1 49  ? 5.581   -2.460  8.348   1.00 31.32 ? 140  THR A O     1 
ATOM   410  C CB    . THR A 1 49  ? 4.825   -1.665  11.101  1.00 30.26 ? 140  THR A CB    1 
ATOM   411  O OG1   . THR A 1 49  ? 4.582   -2.843  11.873  1.00 33.25 ? 140  THR A OG1   1 
ATOM   412  C CG2   . THR A 1 49  ? 4.558   -0.432  11.923  1.00 29.10 ? 140  THR A CG2   1 
ATOM   413  N N     . HIS A 1 50  ? 3.832   -3.809  8.676   1.00 31.17 ? 141  HIS A N     1 
ATOM   414  C CA    . HIS A 1 50  ? 4.212   -4.718  7.620   1.00 30.46 ? 141  HIS A CA    1 
ATOM   415  C C     . HIS A 1 50  ? 4.306   -3.961  6.287   1.00 32.99 ? 141  HIS A C     1 
ATOM   416  O O     . HIS A 1 50  ? 5.048   -4.350  5.404   1.00 31.37 ? 141  HIS A O     1 
ATOM   417  C CB    . HIS A 1 50  ? 3.207   -5.878  7.501   1.00 28.70 ? 141  HIS A CB    1 
ATOM   418  C CG    . HIS A 1 50  ? 1.788   -5.437  7.321   1.00 32.84 ? 141  HIS A CG    1 
ATOM   419  N ND1   . HIS A 1 50  ? 1.259   -5.109  6.089   1.00 30.73 ? 141  HIS A ND1   1 
ATOM   420  C CD2   . HIS A 1 50  ? 0.780   -5.279  8.221   1.00 29.18 ? 141  HIS A CD2   1 
ATOM   421  C CE1   . HIS A 1 50  ? -0.009  -4.761  6.239   1.00 31.97 ? 141  HIS A CE1   1 
ATOM   422  N NE2   . HIS A 1 50  ? -0.325  -4.861  7.521   1.00 31.03 ? 141  HIS A NE2   1 
ATOM   423  N N     . ALA A 1 51  ? 3.548   -2.879  6.148   1.00 30.55 ? 142  ALA A N     1 
ATOM   424  C CA    . ALA A 1 51  ? 3.515   -2.164  4.878   1.00 30.87 ? 142  ALA A CA    1 
ATOM   425  C C     . ALA A 1 51  ? 4.782   -1.335  4.655   1.00 32.20 ? 142  ALA A C     1 
ATOM   426  O O     . ALA A 1 51  ? 5.021   -0.855  3.552   1.00 27.09 ? 142  ALA A O     1 
ATOM   427  C CB    . ALA A 1 51  ? 2.272   -1.286  4.785   1.00 29.61 ? 142  ALA A CB    1 
ATOM   428  N N     . LEU A 1 52  ? 5.585   -1.176  5.707   1.00 30.80 ? 143  LEU A N     1 
ATOM   429  C CA    . LEU A 1 52  ? 6.794   -0.347  5.640   1.00 31.05 ? 143  LEU A CA    1 
ATOM   430  C C     . LEU A 1 52  ? 8.015   -1.124  5.157   1.00 30.79 ? 143  LEU A C     1 
ATOM   431  O O     . LEU A 1 52  ? 9.047   -0.534  4.906   1.00 28.64 ? 143  LEU A O     1 
ATOM   432  C CB    . LEU A 1 52  ? 7.122   0.264   7.008   1.00 29.47 ? 143  LEU A CB    1 
ATOM   433  C CG    . LEU A 1 52  ? 6.095   1.250   7.584   1.00 32.95 ? 143  LEU A CG    1 
ATOM   434  C CD1   . LEU A 1 52  ? 6.612   1.895   8.847   1.00 32.87 ? 143  LEU A CD1   1 
ATOM   435  C CD2   . LEU A 1 52  ? 5.763   2.308   6.549   1.00 32.25 ? 143  LEU A CD2   1 
ATOM   436  N N     . MET A 1 53  ? 7.887   -2.445  5.053   1.00 32.63 ? 144  MET A N     1 
ATOM   437  C CA    . MET A 1 53  ? 9.015   -3.326  4.759   1.00 30.72 ? 144  MET A CA    1 
ATOM   438  C C     . MET A 1 53  ? 9.059   -3.734  3.293   1.00 32.96 ? 144  MET A C     1 
ATOM   439  O O     . MET A 1 53  ? 8.056   -4.130  2.728   1.00 28.66 ? 144  MET A O     1 
ATOM   440  C CB    . MET A 1 53  ? 8.951   -4.591  5.618   1.00 30.83 ? 144  MET A CB    1 
ATOM   441  C CG    . MET A 1 53  ? 9.231   -4.343  7.112   1.00 33.51 ? 144  MET A CG    1 
ATOM   442  S SD    . MET A 1 53  ? 9.334   -5.877  8.040   1.00 35.85 ? 144  MET A SD    1 
ATOM   443  C CE    . MET A 1 53  ? 7.603   -6.293  8.244   1.00 29.09 ? 144  MET A CE    1 
ATOM   444  N N     . HIS A 1 54  ? 10.246  -3.666  2.694   1.00 31.77 ? 145  HIS A N     1 
ATOM   445  C CA    . HIS A 1 54  ? 10.418  -4.088  1.310   1.00 31.75 ? 145  HIS A CA    1 
ATOM   446  C C     . HIS A 1 54  ? 11.640  -4.988  1.198   1.00 35.44 ? 145  HIS A C     1 
ATOM   447  O O     . HIS A 1 54  ? 12.606  -4.811  1.929   1.00 35.41 ? 145  HIS A O     1 
ATOM   448  C CB    . HIS A 1 54  ? 10.534  -2.872  0.403   1.00 32.66 ? 145  HIS A CB    1 
ATOM   449  C CG    . HIS A 1 54  ? 9.278   -2.059  0.342   1.00 32.58 ? 145  HIS A CG    1 
ATOM   450  N ND1   . HIS A 1 54  ? 9.064   -0.957  1.143   1.00 31.14 ? 145  HIS A ND1   1 
ATOM   451  C CD2   . HIS A 1 54  ? 8.165   -2.199  -0.413  1.00 30.83 ? 145  HIS A CD2   1 
ATOM   452  C CE1   . HIS A 1 54  ? 7.871   -0.453  0.881   1.00 30.60 ? 145  HIS A CE1   1 
ATOM   453  N NE2   . HIS A 1 54  ? 7.303   -1.191  -0.055  1.00 31.08 ? 145  HIS A NE2   1 
ATOM   454  N N     . PHE A 1 55  ? 11.586  -5.940  0.272   1.00 37.03 ? 146  PHE A N     1 
ATOM   455  C CA    . PHE A 1 55  ? 12.534  -7.045  0.208   1.00 38.43 ? 146  PHE A CA    1 
ATOM   456  C C     . PHE A 1 55  ? 13.517  -6.976  -0.951  1.00 40.11 ? 146  PHE A C     1 
ATOM   457  O O     . PHE A 1 55  ? 14.375  -7.846  -1.098  1.00 42.03 ? 146  PHE A O     1 
ATOM   458  C CB    . PHE A 1 55  ? 11.755  -8.355  0.199   1.00 35.31 ? 146  PHE A CB    1 
ATOM   459  C CG    . PHE A 1 55  ? 10.880  -8.498  1.399   1.00 41.16 ? 146  PHE A CG    1 
ATOM   460  C CD1   . PHE A 1 55  ? 9.529   -8.204  1.334   1.00 41.13 ? 146  PHE A CD1   1 
ATOM   461  C CD2   . PHE A 1 55  ? 11.425  -8.849  2.621   1.00 41.15 ? 146  PHE A CD2   1 
ATOM   462  C CE1   . PHE A 1 55  ? 8.735   -8.291  2.479   1.00 39.36 ? 146  PHE A CE1   1 
ATOM   463  C CE2   . PHE A 1 55  ? 10.636  -8.933  3.754   1.00 43.53 ? 146  PHE A CE2   1 
ATOM   464  C CZ    . PHE A 1 55  ? 9.286   -8.660  3.674   1.00 37.29 ? 146  PHE A CZ    1 
ATOM   465  N N     . SER A 1 56  ? 13.396  -5.937  -1.766  1.00 39.57 ? 147  SER A N     1 
ATOM   466  C CA    . SER A 1 56  ? 14.347  -5.701  -2.842  1.00 40.99 ? 147  SER A CA    1 
ATOM   467  C C     . SER A 1 56  ? 14.283  -4.257  -3.304  1.00 42.05 ? 147  SER A C     1 
ATOM   468  O O     . SER A 1 56  ? 13.350  -3.527  -2.968  1.00 36.77 ? 147  SER A O     1 
ATOM   469  C CB    . SER A 1 56  ? 14.103  -6.662  -4.016  1.00 43.24 ? 147  SER A CB    1 
ATOM   470  O OG    . SER A 1 56  ? 12.947  -6.321  -4.766  1.00 37.10 ? 147  SER A OG    1 
ATOM   471  N N     . LEU A 1 57  ? 15.296  -3.847  -4.059  1.00 39.84 ? 148  LEU A N     1 
ATOM   472  C CA    . LEU A 1 57  ? 15.343  -2.517  -4.651  1.00 40.99 ? 148  LEU A CA    1 
ATOM   473  C C     . LEU A 1 57  ? 14.119  -2.241  -5.513  1.00 38.18 ? 148  LEU A C     1 
ATOM   474  O O     . LEU A 1 57  ? 13.498  -1.190  -5.393  1.00 40.55 ? 148  LEU A O     1 
ATOM   475  C CB    . LEU A 1 57  ? 16.631  -2.346  -5.473  1.00 43.24 ? 148  LEU A CB    1 
ATOM   476  C CG    . LEU A 1 57  ? 16.791  -1.143  -6.409  1.00 46.84 ? 148  LEU A CG    1 
ATOM   477  C CD1   . LEU A 1 57  ? 16.484  0.172   -5.705  1.00 43.98 ? 148  LEU A CD1   1 
ATOM   478  C CD2   . LEU A 1 57  ? 18.206  -1.109  -7.005  1.00 45.69 ? 148  LEU A CD2   1 
ATOM   479  N N     . MET A 1 58  ? 13.762  -3.180  -6.377  1.00 34.02 ? 149  MET A N     1 
ATOM   480  C CA    . MET A 1 58  ? 12.613  -2.973  -7.241  1.00 39.08 ? 149  MET A CA    1 
ATOM   481  C C     . MET A 1 58  ? 11.308  -2.880  -6.424  1.00 39.06 ? 149  MET A C     1 
ATOM   482  O O     . MET A 1 58  ? 10.435  -2.067  -6.722  1.00 36.61 ? 149  MET A O     1 
ATOM   483  C CB    . MET A 1 58  ? 12.514  -4.082  -8.288  1.00 42.09 ? 149  MET A CB    1 
ATOM   484  C CG    . MET A 1 58  ? 13.581  -3.996  -9.384  1.00 54.03 ? 149  MET A CG    1 
ATOM   485  S SD    . MET A 1 58  ? 13.200  -5.042  -10.815 1.00 73.05 ? 149  MET A SD    1 
ATOM   486  C CE    . MET A 1 58  ? 13.690  -6.673  -10.248 1.00 62.21 ? 149  MET A CE    1 
ATOM   487  N N     . HIS A 1 59  ? 11.194  -3.726  -5.406  1.00 40.74 ? 150  HIS A N     1 
ATOM   488  C CA    . HIS A 1 59  ? 10.020  -3.756  -4.519  1.00 38.43 ? 150  HIS A CA    1 
ATOM   489  C C     . HIS A 1 59  ? 9.730   -2.355  -3.985  1.00 31.78 ? 150  HIS A C     1 
ATOM   490  O O     . HIS A 1 59  ? 8.656   -1.799  -4.219  1.00 32.19 ? 150  HIS A O     1 
ATOM   491  C CB    . HIS A 1 59  ? 10.267  -4.735  -3.367  1.00 37.89 ? 150  HIS A CB    1 
ATOM   492  C CG    . HIS A 1 59  ? 9.031   -5.119  -2.610  1.00 39.30 ? 150  HIS A CG    1 
ATOM   493  N ND1   . HIS A 1 59  ? 9.074   -5.625  -1.327  1.00 34.78 ? 150  HIS A ND1   1 
ATOM   494  C CD2   . HIS A 1 59  ? 7.722   -5.073  -2.952  1.00 36.19 ? 150  HIS A CD2   1 
ATOM   495  C CE1   . HIS A 1 59  ? 7.843   -5.870  -0.912  1.00 34.55 ? 150  HIS A CE1   1 
ATOM   496  N NE2   . HIS A 1 59  ? 7.004   -5.543  -1.879  1.00 36.39 ? 150  HIS A NE2   1 
ATOM   497  N N     . ILE A 1 60  ? 10.714  -1.769  -3.313  1.00 32.88 ? 151  ILE A N     1 
ATOM   498  C CA    . ILE A 1 60  ? 10.561  -0.430  -2.768  1.00 32.75 ? 151  ILE A CA    1 
ATOM   499  C C     . ILE A 1 60  ? 10.427  0.676   -3.821  1.00 34.36 ? 151  ILE A C     1 
ATOM   500  O O     . ILE A 1 60  ? 9.561   1.540   -3.694  1.00 29.66 ? 151  ILE A O     1 
ATOM   501  C CB    . ILE A 1 60  ? 11.668  -0.080  -1.773  1.00 32.25 ? 151  ILE A CB    1 
ATOM   502  C CG1   . ILE A 1 60  ? 11.315  1.201   -1.028  1.00 32.98 ? 151  ILE A CG1   1 
ATOM   503  C CG2   . ILE A 1 60  ? 13.026  0.086   -2.489  1.00 34.50 ? 151  ILE A CG2   1 
ATOM   504  C CD1   . ILE A 1 60  ? 12.184  1.440   0.216   1.00 31.83 ? 151  ILE A CD1   1 
ATOM   505  N N     . LEU A 1 61  ? 11.282  0.666   -4.844  1.00 34.16 ? 152  LEU A N     1 
ATOM   506  C CA    . LEU A 1 61  ? 11.234  1.687   -5.901  1.00 32.37 ? 152  LEU A CA    1 
ATOM   507  C C     . LEU A 1 61  ? 9.875   1.863   -6.564  1.00 30.57 ? 152  LEU A C     1 
ATOM   508  O O     . LEU A 1 61  ? 9.366   2.981   -6.678  1.00 36.30 ? 152  LEU A O     1 
ATOM   509  C CB    . LEU A 1 61  ? 12.243  1.380   -7.011  1.00 38.32 ? 152  LEU A CB    1 
ATOM   510  C CG    . LEU A 1 61  ? 13.665  1.862   -6.814  1.00 47.43 ? 152  LEU A CG    1 
ATOM   511  C CD1   . LEU A 1 61  ? 14.406  1.752   -8.149  1.00 50.83 ? 152  LEU A CD1   1 
ATOM   512  C CD2   . LEU A 1 61  ? 13.670  3.296   -6.298  1.00 45.71 ? 152  LEU A CD2   1 
ATOM   513  N N     . PHE A 1 62  ? 9.311   0.771   -7.058  1.00 30.89 ? 153  PHE A N     1 
ATOM   514  C CA    . PHE A 1 62  ? 8.043   0.866   -7.778  1.00 31.59 ? 153  PHE A CA    1 
ATOM   515  C C     . PHE A 1 62  ? 6.891   1.267   -6.837  1.00 33.68 ? 153  PHE A C     1 
ATOM   516  O O     . PHE A 1 62  ? 6.009   2.041   -7.214  1.00 32.53 ? 153  PHE A O     1 
ATOM   517  C CB    . PHE A 1 62  ? 7.719   -0.459  -8.455  1.00 40.27 ? 153  PHE A CB    1 
ATOM   518  C CG    . PHE A 1 62  ? 8.685   -0.839  -9.543  1.00 48.58 ? 153  PHE A CG    1 
ATOM   519  C CD1   . PHE A 1 62  ? 9.343   0.134   -10.272 1.00 46.27 ? 153  PHE A CD1   1 
ATOM   520  C CD2   . PHE A 1 62  ? 8.933   -2.173  -9.831  1.00 49.60 ? 153  PHE A CD2   1 
ATOM   521  C CE1   . PHE A 1 62  ? 10.227  -0.209  -11.275 1.00 56.32 ? 153  PHE A CE1   1 
ATOM   522  C CE2   . PHE A 1 62  ? 9.820   -2.523  -10.834 1.00 54.93 ? 153  PHE A CE2   1 
ATOM   523  C CZ    . PHE A 1 62  ? 10.465  -1.541  -11.554 1.00 54.87 ? 153  PHE A CZ    1 
ATOM   524  N N     . ASN A 1 63  ? 6.902   0.730   -5.620  1.00 32.85 ? 154  ASN A N     1 
ATOM   525  C CA    . ASN A 1 63  ? 5.869   1.077   -4.624  1.00 31.04 ? 154  ASN A CA    1 
ATOM   526  C C     . ASN A 1 63  ? 5.883   2.563   -4.328  1.00 29.51 ? 154  ASN A C     1 
ATOM   527  O O     . ASN A 1 63  ? 4.851   3.219   -4.405  1.00 32.52 ? 154  ASN A O     1 
ATOM   528  C CB    . ASN A 1 63  ? 6.045   0.258   -3.338  1.00 30.22 ? 154  ASN A CB    1 
ATOM   529  C CG    . ASN A 1 63  ? 5.384   -1.110  -3.435  1.00 32.65 ? 154  ASN A CG    1 
ATOM   530  O OD1   . ASN A 1 63  ? 4.492   -1.309  -4.248  1.00 32.83 ? 154  ASN A OD1   1 
ATOM   531  N ND2   . ASN A 1 63  ? 5.813   -2.046  -2.606  1.00 35.52 ? 154  ASN A ND2   1 
ATOM   532  N N     . LEU A 1 64  ? 7.068   3.094   -4.033  1.00 29.35 ? 155  LEU A N     1 
ATOM   533  C CA    . LEU A 1 64  ? 7.230   4.513   -3.708  1.00 30.87 ? 155  LEU A CA    1 
ATOM   534  C C     . LEU A 1 64  ? 6.974   5.453   -4.885  1.00 34.78 ? 155  LEU A C     1 
ATOM   535  O O     . LEU A 1 64  ? 6.508   6.569   -4.692  1.00 36.98 ? 155  LEU A O     1 
ATOM   536  C CB    . LEU A 1 64  ? 8.588   4.793   -3.066  1.00 30.75 ? 155  LEU A CB    1 
ATOM   537  C CG    . LEU A 1 64  ? 8.767   4.229   -1.650  1.00 35.20 ? 155  LEU A CG    1 
ATOM   538  C CD1   . LEU A 1 64  ? 9.975   4.817   -0.965  1.00 31.59 ? 155  LEU A CD1   1 
ATOM   539  C CD2   . LEU A 1 64  ? 7.519   4.486   -0.819  1.00 31.42 ? 155  LEU A CD2   1 
ATOM   540  N N     . LEU A 1 65  ? 7.268   5.002   -6.101  1.00 39.29 ? 156  LEU A N     1 
ATOM   541  C CA    . LEU A 1 65  ? 6.949   5.779   -7.291  1.00 36.78 ? 156  LEU A CA    1 
ATOM   542  C C     . LEU A 1 65  ? 5.443   5.953   -7.405  1.00 36.32 ? 156  LEU A C     1 
ATOM   543  O O     . LEU A 1 65  ? 4.948   7.067   -7.528  1.00 38.25 ? 156  LEU A O     1 
ATOM   544  C CB    . LEU A 1 65  ? 7.494   5.107   -8.547  1.00 40.08 ? 156  LEU A CB    1 
ATOM   545  C CG    . LEU A 1 65  ? 8.998   5.259   -8.818  1.00 47.39 ? 156  LEU A CG    1 
ATOM   546  C CD1   . LEU A 1 65  ? 9.419   4.419   -10.024 1.00 52.51 ? 156  LEU A CD1   1 
ATOM   547  C CD2   . LEU A 1 65  ? 9.377   6.719   -9.041  1.00 51.73 ? 156  LEU A CD2   1 
ATOM   548  N N     . TRP A 1 66  ? 4.722   4.841   -7.353  1.00 31.13 ? 157  TRP A N     1 
ATOM   549  C CA    . TRP A 1 66  ? 3.271   4.866   -7.368  1.00 34.67 ? 157  TRP A CA    1 
ATOM   550  C C     . TRP A 1 66  ? 2.685   5.653   -6.194  1.00 35.34 ? 157  TRP A C     1 
ATOM   551  O O     . TRP A 1 66  ? 1.795   6.477   -6.381  1.00 35.78 ? 157  TRP A O     1 
ATOM   552  C CB    . TRP A 1 66  ? 2.722   3.445   -7.352  1.00 36.34 ? 157  TRP A CB    1 
ATOM   553  C CG    . TRP A 1 66  ? 2.746   2.762   -8.678  1.00 38.32 ? 157  TRP A CG    1 
ATOM   554  C CD1   . TRP A 1 66  ? 3.505   1.687   -9.034  1.00 38.36 ? 157  TRP A CD1   1 
ATOM   555  C CD2   . TRP A 1 66  ? 1.965   3.102   -9.829  1.00 36.46 ? 157  TRP A CD2   1 
ATOM   556  N NE1   . TRP A 1 66  ? 3.236   1.325   -10.331 1.00 37.79 ? 157  TRP A NE1   1 
ATOM   557  C CE2   . TRP A 1 66  ? 2.296   2.181   -10.843 1.00 37.84 ? 157  TRP A CE2   1 
ATOM   558  C CE3   . TRP A 1 66  ? 1.006   4.083   -10.092 1.00 38.48 ? 157  TRP A CE3   1 
ATOM   559  C CZ2   . TRP A 1 66  ? 1.708   2.216   -12.106 1.00 38.38 ? 157  TRP A CZ2   1 
ATOM   560  C CZ3   . TRP A 1 66  ? 0.422   4.119   -11.345 1.00 42.45 ? 157  TRP A CZ3   1 
ATOM   561  C CH2   . TRP A 1 66  ? 0.782   3.194   -12.340 1.00 41.61 ? 157  TRP A CH2   1 
ATOM   562  N N     . TRP A 1 67  ? 3.197   5.405   -4.992  1.00 32.65 ? 158  TRP A N     1 
ATOM   563  C CA    . TRP A 1 67  ? 2.725   6.110   -3.799  1.00 35.63 ? 158  TRP A CA    1 
ATOM   564  C C     . TRP A 1 67  ? 2.926   7.607   -3.962  1.00 36.85 ? 158  TRP A C     1 
ATOM   565  O O     . TRP A 1 67  ? 2.023   8.401   -3.708  1.00 36.09 ? 158  TRP A O     1 
ATOM   566  C CB    . TRP A 1 67  ? 3.474   5.628   -2.545  1.00 31.05 ? 158  TRP A CB    1 
ATOM   567  C CG    . TRP A 1 67  ? 3.356   6.563   -1.382  1.00 32.29 ? 158  TRP A CG    1 
ATOM   568  C CD1   . TRP A 1 67  ? 4.218   7.562   -1.041  1.00 36.28 ? 158  TRP A CD1   1 
ATOM   569  C CD2   . TRP A 1 67  ? 2.307   6.587   -0.397  1.00 31.70 ? 158  TRP A CD2   1 
ATOM   570  N NE1   . TRP A 1 67  ? 3.779   8.204   0.090   1.00 36.28 ? 158  TRP A NE1   1 
ATOM   571  C CE2   . TRP A 1 67  ? 2.604   7.629   0.502   1.00 35.73 ? 158  TRP A CE2   1 
ATOM   572  C CE3   . TRP A 1 67  ? 1.158   5.820   -0.187  1.00 30.74 ? 158  TRP A CE3   1 
ATOM   573  C CZ2   . TRP A 1 67  ? 1.782   7.935   1.594   1.00 35.36 ? 158  TRP A CZ2   1 
ATOM   574  C CZ3   . TRP A 1 67  ? 0.335   6.126   0.905   1.00 33.47 ? 158  TRP A CZ3   1 
ATOM   575  C CH2   . TRP A 1 67  ? 0.655   7.171   1.774   1.00 32.58 ? 158  TRP A CH2   1 
ATOM   576  N N     . TRP A 1 68  ? 4.130   7.976   -4.383  1.00 35.47 ? 159  TRP A N     1 
ATOM   577  C CA    . TRP A 1 68  ? 4.506   9.371   -4.593  1.00 38.35 ? 159  TRP A CA    1 
ATOM   578  C C     . TRP A 1 68  ? 3.490   10.064  -5.482  1.00 40.72 ? 159  TRP A C     1 
ATOM   579  O O     . TRP A 1 68  ? 2.997   11.145  -5.163  1.00 41.47 ? 159  TRP A O     1 
ATOM   580  C CB    . TRP A 1 68  ? 5.886   9.431   -5.258  1.00 40.40 ? 159  TRP A CB    1 
ATOM   581  C CG    . TRP A 1 68  ? 6.436   10.812  -5.458  1.00 48.42 ? 159  TRP A CG    1 
ATOM   582  C CD1   . TRP A 1 68  ? 6.145   11.931  -4.732  1.00 50.55 ? 159  TRP A CD1   1 
ATOM   583  C CD2   . TRP A 1 68  ? 7.387   11.219  -6.453  1.00 54.42 ? 159  TRP A CD2   1 
ATOM   584  N NE1   . TRP A 1 68  ? 6.852   13.008  -5.215  1.00 48.35 ? 159  TRP A NE1   1 
ATOM   585  C CE2   . TRP A 1 68  ? 7.621   12.596  -6.272  1.00 53.20 ? 159  TRP A CE2   1 
ATOM   586  C CE3   . TRP A 1 68  ? 8.063   10.550  -7.480  1.00 55.51 ? 159  TRP A CE3   1 
ATOM   587  C CZ2   . TRP A 1 68  ? 8.506   13.316  -7.077  1.00 57.49 ? 159  TRP A CZ2   1 
ATOM   588  C CZ3   . TRP A 1 68  ? 8.941   11.269  -8.280  1.00 58.53 ? 159  TRP A CZ3   1 
ATOM   589  C CH2   . TRP A 1 68  ? 9.153   12.636  -8.073  1.00 57.49 ? 159  TRP A CH2   1 
ATOM   590  N N     . TYR A 1 69  ? 3.174   9.424   -6.604  1.00 37.72 ? 160  TYR A N     1 
ATOM   591  C CA    . TYR A 1 69  ? 2.241   9.979   -7.571  1.00 41.02 ? 160  TYR A CA    1 
ATOM   592  C C     . TYR A 1 69  ? 0.776   9.942   -7.115  1.00 42.70 ? 160  TYR A C     1 
ATOM   593  O O     . TYR A 1 69  ? 0.084   10.963  -7.139  1.00 42.70 ? 160  TYR A O     1 
ATOM   594  C CB    . TYR A 1 69  ? 2.366   9.238   -8.909  1.00 45.97 ? 160  TYR A CB    1 
ATOM   595  C CG    . TYR A 1 69  ? 1.471   9.813   -9.974  1.00 49.10 ? 160  TYR A CG    1 
ATOM   596  C CD1   . TYR A 1 69  ? 1.842   10.953  -10.675 1.00 55.02 ? 160  TYR A CD1   1 
ATOM   597  C CD2   . TYR A 1 69  ? 0.242   9.234   -10.261 1.00 53.99 ? 160  TYR A CD2   1 
ATOM   598  C CE1   . TYR A 1 69  ? 1.014   11.500  -11.648 1.00 60.48 ? 160  TYR A CE1   1 
ATOM   599  C CE2   . TYR A 1 69  ? -0.598  9.773   -11.228 1.00 58.16 ? 160  TYR A CE2   1 
ATOM   600  C CZ    . TYR A 1 69  ? -0.203  10.907  -11.918 1.00 62.96 ? 160  TYR A CZ    1 
ATOM   601  O OH    . TYR A 1 69  ? -1.026  11.444  -12.885 1.00 71.50 ? 160  TYR A OH    1 
ATOM   602  N N     . LEU A 1 70  ? 0.298   8.763   -6.735  1.00 36.54 ? 161  LEU A N     1 
ATOM   603  C CA    . LEU A 1 70  ? -1.108  8.603   -6.372  1.00 41.22 ? 161  LEU A CA    1 
ATOM   604  C C     . LEU A 1 70  ? -1.394  9.208   -4.996  1.00 41.60 ? 161  LEU A C     1 
ATOM   605  O O     . LEU A 1 70  ? -2.355  9.949   -4.818  1.00 44.37 ? 161  LEU A O     1 
ATOM   606  C CB    . LEU A 1 70  ? -1.512  7.126   -6.419  1.00 37.91 ? 161  LEU A CB    1 
ATOM   607  C CG    . LEU A 1 70  ? -1.442  6.453   -7.794  1.00 42.56 ? 161  LEU A CG    1 
ATOM   608  C CD1   . LEU A 1 70  ? -1.695  4.951   -7.712  1.00 34.96 ? 161  LEU A CD1   1 
ATOM   609  C CD2   . LEU A 1 70  ? -2.410  7.113   -8.762  1.00 39.62 ? 161  LEU A CD2   1 
ATOM   610  N N     . GLY A 1 71  ? -0.543  8.900   -4.029  1.00 38.44 ? 162  GLY A N     1 
ATOM   611  C CA    . GLY A 1 71  ? -0.678  9.467   -2.703  1.00 39.77 ? 162  GLY A CA    1 
ATOM   612  C C     . GLY A 1 71  ? -0.571  10.980  -2.704  1.00 42.51 ? 162  GLY A C     1 
ATOM   613  O O     . GLY A 1 71  ? -1.385  11.673  -2.085  1.00 40.03 ? 162  GLY A O     1 
ATOM   614  N N     . GLY A 1 72  ? 0.445   11.494  -3.395  1.00 42.73 ? 163  GLY A N     1 
ATOM   615  C CA    . GLY A 1 72  ? 0.614   12.924  -3.560  1.00 37.31 ? 163  GLY A CA    1 
ATOM   616  C C     . GLY A 1 72  ? -0.639  13.565  -4.138  1.00 44.87 ? 163  GLY A C     1 
ATOM   617  O O     . GLY A 1 72  ? -1.050  14.636  -3.699  1.00 47.06 ? 163  GLY A O     1 
ATOM   618  N N     . ALA A 1 73  ? -1.258  12.906  -5.112  1.00 42.18 ? 164  ALA A N     1 
ATOM   619  C CA    . ALA A 1 73  ? -2.468  13.443  -5.733  1.00 48.76 ? 164  ALA A CA    1 
ATOM   620  C C     . ALA A 1 73  ? -3.632  13.479  -4.740  1.00 48.98 ? 164  ALA A C     1 
ATOM   621  O O     . ALA A 1 73  ? -4.359  14.471  -4.648  1.00 47.90 ? 164  ALA A O     1 
ATOM   622  C CB    . ALA A 1 73  ? -2.849  12.635  -6.978  1.00 40.97 ? 164  ALA A CB    1 
ATOM   623  N N     . VAL A 1 74  ? -3.813  12.389  -4.005  1.00 45.70 ? 165  VAL A N     1 
ATOM   624  C CA    . VAL A 1 74  ? -4.885  12.330  -3.015  1.00 44.95 ? 165  VAL A CA    1 
ATOM   625  C C     . VAL A 1 74  ? -4.731  13.434  -1.974  1.00 42.40 ? 165  VAL A C     1 
ATOM   626  O O     . VAL A 1 74  ? -5.670  14.173  -1.692  1.00 44.99 ? 165  VAL A O     1 
ATOM   627  C CB    . VAL A 1 74  ? -4.940  10.962  -2.328  1.00 41.63 ? 165  VAL A CB    1 
ATOM   628  C CG1   . VAL A 1 74  ? -5.902  11.003  -1.138  1.00 39.77 ? 165  VAL A CG1   1 
ATOM   629  C CG2   . VAL A 1 74  ? -5.358  9.885   -3.335  1.00 35.27 ? 165  VAL A CG2   1 
ATOM   630  N N     . GLU A 1 75  ? -3.533  13.550  -1.423  1.00 41.32 ? 166  GLU A N     1 
ATOM   631  C CA    . GLU A 1 75  ? -3.235  14.574  -0.428  1.00 46.97 ? 166  GLU A CA    1 
ATOM   632  C C     . GLU A 1 75  ? -3.471  16.000  -0.941  1.00 51.11 ? 166  GLU A C     1 
ATOM   633  O O     . GLU A 1 75  ? -4.029  16.837  -0.228  1.00 51.39 ? 166  GLU A O     1 
ATOM   634  C CB    . GLU A 1 75  ? -1.800  14.425  0.088   1.00 41.86 ? 166  GLU A CB    1 
ATOM   635  C CG    . GLU A 1 75  ? -1.505  15.274  1.320   1.00 44.15 ? 166  GLU A CG    1 
ATOM   636  C CD    . GLU A 1 75  ? -0.225  14.875  2.038   1.00 46.74 ? 166  GLU A CD    1 
ATOM   637  O OE1   . GLU A 1 75  ? 0.696   14.319  1.388   1.00 42.73 ? 166  GLU A OE1   1 
ATOM   638  O OE2   . GLU A 1 75  ? -0.140  15.120  3.265   1.00 46.29 ? 166  GLU A OE2   1 
ATOM   639  N N     . LYS A 1 76  ? -3.050  16.281  -2.169  1.00 48.27 ? 167  LYS A N     1 
ATOM   640  C CA    . LYS A 1 76  ? -3.195  17.626  -2.720  1.00 51.32 ? 167  LYS A CA    1 
ATOM   641  C C     . LYS A 1 76  ? -4.653  18.004  -2.950  1.00 51.74 ? 167  LYS A C     1 
ATOM   642  O O     . LYS A 1 76  ? -5.071  19.111  -2.625  1.00 51.48 ? 167  LYS A O     1 
ATOM   643  C CB    . LYS A 1 76  ? -2.425  17.770  -4.036  1.00 53.55 ? 167  LYS A CB    1 
ATOM   644  C CG    . LYS A 1 76  ? -2.455  19.189  -4.596  1.00 60.29 ? 167  LYS A CG    1 
ATOM   645  C CD    . LYS A 1 76  ? -2.153  19.216  -6.096  1.00 70.98 ? 167  LYS A CD    1 
ATOM   646  C CE    . LYS A 1 76  ? -2.053  20.644  -6.621  1.00 74.93 ? 167  LYS A CE    1 
ATOM   647  N NZ    . LYS A 1 76  ? -0.931  21.396  -5.984  1.00 81.82 ? 167  LYS A NZ    1 
ATOM   648  N N     . ARG A 1 77  ? -5.420  17.085  -3.524  1.00 49.67 ? 168  ARG A N     1 
ATOM   649  C CA    . ARG A 1 77  ? -6.794  17.373  -3.899  1.00 51.79 ? 168  ARG A CA    1 
ATOM   650  C C     . ARG A 1 77  ? -7.795  17.114  -2.772  1.00 57.07 ? 168  ARG A C     1 
ATOM   651  O O     . ARG A 1 77  ? -8.805  17.816  -2.669  1.00 57.05 ? 168  ARG A O     1 
ATOM   652  C CB    . ARG A 1 77  ? -7.189  16.568  -5.144  1.00 57.89 ? 168  ARG A CB    1 
ATOM   653  C CG    . ARG A 1 77  ? -6.248  16.765  -6.329  1.00 60.78 ? 168  ARG A CG    1 
ATOM   654  C CD    . ARG A 1 77  ? -6.147  18.233  -6.724  1.00 68.50 ? 168  ARG A CD    1 
ATOM   655  N NE    . ARG A 1 77  ? -5.103  18.468  -7.723  1.00 75.42 ? 168  ARG A NE    1 
ATOM   656  C CZ    . ARG A 1 77  ? -5.313  18.482  -9.038  1.00 83.39 ? 168  ARG A CZ    1 
ATOM   657  N NH1   . ARG A 1 77  ? -6.535  18.277  -9.518  1.00 82.48 ? 168  ARG A NH1   1 
ATOM   658  N NH2   . ARG A 1 77  ? -4.305  18.702  -9.877  1.00 81.00 ? 168  ARG A NH2   1 
ATOM   659  N N     . LEU A 1 78  ? -7.516  16.112  -1.937  1.00 51.65 ? 169  LEU A N     1 
ATOM   660  C CA    . LEU A 1 78  ? -8.468  15.682  -0.911  1.00 47.75 ? 169  LEU A CA    1 
ATOM   661  C C     . LEU A 1 78  ? -7.975  15.870  0.533   1.00 50.10 ? 169  LEU A C     1 
ATOM   662  O O     . LEU A 1 78  ? -8.750  15.749  1.480   1.00 54.83 ? 169  LEU A O     1 
ATOM   663  C CB    . LEU A 1 78  ? -8.873  14.223  -1.144  1.00 49.26 ? 169  LEU A CB    1 
ATOM   664  C CG    . LEU A 1 78  ? -9.272  13.847  -2.576  1.00 46.80 ? 169  LEU A CG    1 
ATOM   665  C CD1   . LEU A 1 78  ? -9.627  12.370  -2.685  1.00 44.97 ? 169  LEU A CD1   1 
ATOM   666  C CD2   . LEU A 1 78  ? -10.422 14.705  -3.040  1.00 52.43 ? 169  LEU A CD2   1 
ATOM   667  N N     . GLY A 1 79  ? -6.690  16.150  0.703   1.00 47.96 ? 170  GLY A N     1 
ATOM   668  C CA    . GLY A 1 79  ? -6.147  16.438  2.013   1.00 47.28 ? 170  GLY A CA    1 
ATOM   669  C C     . GLY A 1 79  ? -5.388  15.296  2.661   1.00 43.74 ? 170  GLY A C     1 
ATOM   670  O O     . GLY A 1 79  ? -5.597  14.126  2.337   1.00 42.67 ? 170  GLY A O     1 
ATOM   671  N N     . SER A 1 80  ? -4.517  15.655  3.596   1.00 43.23 ? 171  SER A N     1 
ATOM   672  C CA    . SER A 1 80  ? -3.671  14.706  4.300   1.00 42.35 ? 171  SER A CA    1 
ATOM   673  C C     . SER A 1 80  ? -4.475  13.648  5.049   1.00 43.55 ? 171  SER A C     1 
ATOM   674  O O     . SER A 1 80  ? -4.178  12.461  4.958   1.00 42.50 ? 171  SER A O     1 
ATOM   675  C CB    . SER A 1 80  ? -2.772  15.442  5.284   1.00 42.63 ? 171  SER A CB    1 
ATOM   676  O OG    . SER A 1 80  ? -2.064  16.487  4.647   1.00 46.29 ? 171  SER A OG    1 
ATOM   677  N N     . GLY A 1 81  ? -5.485  14.075  5.800   1.00 45.21 ? 172  GLY A N     1 
ATOM   678  C CA    . GLY A 1 81  ? -6.270  13.143  6.597   1.00 39.64 ? 172  GLY A CA    1 
ATOM   679  C C     . GLY A 1 81  ? -6.849  12.026  5.756   1.00 38.69 ? 172  GLY A C     1 
ATOM   680  O O     . GLY A 1 81  ? -6.861  10.869  6.173   1.00 41.36 ? 172  GLY A O     1 
ATOM   681  N N     . LYS A 1 82  ? -7.342  12.370  4.572   1.00 36.37 ? 173  LYS A N     1 
ATOM   682  C CA    . LYS A 1 82  ? -7.913  11.380  3.663   1.00 41.31 ? 173  LYS A CA    1 
ATOM   683  C C     . LYS A 1 82  ? -6.875  10.335  3.234   1.00 42.35 ? 173  LYS A C     1 
ATOM   684  O O     . LYS A 1 82  ? -7.168  9.133   3.191   1.00 39.40 ? 173  LYS A O     1 
ATOM   685  C CB    . LYS A 1 82  ? -8.500  12.066  2.420   1.00 41.96 ? 173  LYS A CB    1 
ATOM   686  C CG    . LYS A 1 82  ? -8.859  11.116  1.284   1.00 42.92 ? 173  LYS A CG    1 
ATOM   687  C CD    . LYS A 1 82  ? -10.078 10.260  1.629   1.00 47.23 ? 173  LYS A CD    1 
ATOM   688  C CE    . LYS A 1 82  ? -11.324 11.120  1.712   1.00 50.24 ? 173  LYS A CE    1 
ATOM   689  N NZ    . LYS A 1 82  ? -12.496 10.349  2.158   1.00 48.84 ? 173  LYS A NZ    1 
ATOM   690  N N     . LEU A 1 83  ? -5.670  10.788  2.898   1.00 36.72 ? 174  LEU A N     1 
ATOM   691  C CA    . LEU A 1 83  ? -4.610  9.852   2.545   1.00 37.14 ? 174  LEU A CA    1 
ATOM   692  C C     . LEU A 1 83  ? -4.279  8.952   3.745   1.00 38.69 ? 174  LEU A C     1 
ATOM   693  O O     . LEU A 1 83  ? -4.088  7.742   3.593   1.00 36.48 ? 174  LEU A O     1 
ATOM   694  C CB    . LEU A 1 83  ? -3.362  10.602  2.065   1.00 36.51 ? 174  LEU A CB    1 
ATOM   695  C CG    . LEU A 1 83  ? -2.177  9.741   1.594   1.00 35.88 ? 174  LEU A CG    1 
ATOM   696  C CD1   . LEU A 1 83  ? -2.652  8.666   0.616   1.00 33.61 ? 174  LEU A CD1   1 
ATOM   697  C CD2   . LEU A 1 83  ? -1.080  10.602  0.970   1.00 36.55 ? 174  LEU A CD2   1 
ATOM   698  N N     . ILE A 1 84  ? -4.221  9.542   4.937   1.00 33.61 ? 175  ILE A N     1 
ATOM   699  C CA    . ILE A 1 84  ? -3.963  8.758   6.150   1.00 34.51 ? 175  ILE A CA    1 
ATOM   700  C C     . ILE A 1 84  ? -4.948  7.596   6.291   1.00 33.55 ? 175  ILE A C     1 
ATOM   701  O O     . ILE A 1 84  ? -4.561  6.454   6.542   1.00 35.90 ? 175  ILE A O     1 
ATOM   702  C CB    . ILE A 1 84  ? -3.986  9.640   7.413   1.00 38.36 ? 175  ILE A CB    1 
ATOM   703  C CG1   . ILE A 1 84  ? -2.780  10.579  7.412   1.00 33.56 ? 175  ILE A CG1   1 
ATOM   704  C CG2   . ILE A 1 84  ? -4.000  8.780   8.694   1.00 35.79 ? 175  ILE A CG2   1 
ATOM   705  C CD1   . ILE A 1 84  ? -2.671  11.456  8.641   1.00 39.02 ? 175  ILE A CD1   1 
ATOM   706  N N     . VAL A 1 85  ? -6.223  7.880   6.091   1.00 35.08 ? 176  VAL A N     1 
ATOM   707  C CA    . VAL A 1 85  ? -7.266  6.891   6.332   1.00 34.08 ? 176  VAL A CA    1 
ATOM   708  C C     . VAL A 1 85  ? -7.270  5.807   5.263   1.00 31.54 ? 176  VAL A C     1 
ATOM   709  O O     . VAL A 1 85  ? -7.386  4.621   5.565   1.00 30.35 ? 176  VAL A O     1 
ATOM   710  C CB    . VAL A 1 85  ? -8.656  7.570   6.446   1.00 40.58 ? 176  VAL A CB    1 
ATOM   711  C CG1   . VAL A 1 85  ? -9.769  6.531   6.489   1.00 37.70 ? 176  VAL A CG1   1 
ATOM   712  C CG2   . VAL A 1 85  ? -8.698  8.452   7.691   1.00 38.90 ? 176  VAL A CG2   1 
ATOM   713  N N     . ILE A 1 86  ? -7.120  6.202   4.004   1.00 34.66 ? 177  ILE A N     1 
ATOM   714  C CA    . ILE A 1 86  ? -6.965  5.201   2.959   1.00 35.18 ? 177  ILE A CA    1 
ATOM   715  C C     . ILE A 1 86  ? -5.804  4.280   3.313   1.00 27.99 ? 177  ILE A C     1 
ATOM   716  O O     . ILE A 1 86  ? -5.908  3.070   3.202   1.00 30.73 ? 177  ILE A O     1 
ATOM   717  C CB    . ILE A 1 86  ? -6.729  5.842   1.571   1.00 39.04 ? 177  ILE A CB    1 
ATOM   718  C CG1   . ILE A 1 86  ? -7.979  6.623   1.122   1.00 40.52 ? 177  ILE A CG1   1 
ATOM   719  C CG2   . ILE A 1 86  ? -6.378  4.765   0.554   1.00 38.93 ? 177  ILE A CG2   1 
ATOM   720  C CD1   . ILE A 1 86  ? -7.801  7.444   -0.182  1.00 37.75 ? 177  ILE A CD1   1 
ATOM   721  N N     . THR A 1 87  ? -4.706  4.864   3.771   1.00 29.80 ? 178  THR A N     1 
ATOM   722  C CA    . THR A 1 87  ? -3.498  4.096   4.067   1.00 33.24 ? 178  THR A CA    1 
ATOM   723  C C     . THR A 1 87  ? -3.684  3.118   5.230   1.00 33.74 ? 178  THR A C     1 
ATOM   724  O O     . THR A 1 87  ? -3.304  1.943   5.129   1.00 32.23 ? 178  THR A O     1 
ATOM   725  C CB    . THR A 1 87  ? -2.311  5.024   4.356   1.00 34.93 ? 178  THR A CB    1 
ATOM   726  O OG1   . THR A 1 87  ? -2.096  5.882   3.228   1.00 35.04 ? 178  THR A OG1   1 
ATOM   727  C CG2   . THR A 1 87  ? -1.054  4.218   4.636   1.00 31.04 ? 178  THR A CG2   1 
ATOM   728  N N     . LEU A 1 88  ? -4.271  3.593   6.327   1.00 30.11 ? 179  LEU A N     1 
ATOM   729  C CA    . LEU A 1 88  ? -4.533  2.728   7.472   1.00 31.28 ? 179  LEU A CA    1 
ATOM   730  C C     . LEU A 1 88  ? -5.506  1.609   7.108   1.00 29.13 ? 179  LEU A C     1 
ATOM   731  O O     . LEU A 1 88  ? -5.314  0.467   7.495   1.00 33.17 ? 179  LEU A O     1 
ATOM   732  C CB    . LEU A 1 88  ? -5.081  3.540   8.660   1.00 31.84 ? 179  LEU A CB    1 
ATOM   733  C CG    . LEU A 1 88  ? -4.127  4.550   9.295   1.00 35.40 ? 179  LEU A CG    1 
ATOM   734  C CD1   . LEU A 1 88  ? -4.793  5.311   10.463  1.00 36.21 ? 179  LEU A CD1   1 
ATOM   735  C CD2   . LEU A 1 88  ? -2.852  3.843   9.750   1.00 33.59 ? 179  LEU A CD2   1 
ATOM   736  N N     . ILE A 1 89  ? -6.542  1.920   6.342   1.00 27.80 ? 180  ILE A N     1 
ATOM   737  C CA    . ILE A 1 89  ? -7.538  0.895   6.060   1.00 29.69 ? 180  ILE A CA    1 
ATOM   738  C C     . ILE A 1 89  ? -6.999  -0.199  5.135   1.00 32.36 ? 180  ILE A C     1 
ATOM   739  O O     . ILE A 1 89  ? -7.120  -1.405  5.413   1.00 32.51 ? 180  ILE A O     1 
ATOM   740  C CB    . ILE A 1 89  ? -8.826  1.509   5.495   1.00 35.01 ? 180  ILE A CB    1 
ATOM   741  C CG1   . ILE A 1 89  ? -9.579  2.261   6.604   1.00 36.40 ? 180  ILE A CG1   1 
ATOM   742  C CG2   . ILE A 1 89  ? -9.724  0.428   4.918   1.00 34.70 ? 180  ILE A CG2   1 
ATOM   743  C CD1   . ILE A 1 89  ? -10.817 2.973   6.108   1.00 37.56 ? 180  ILE A CD1   1 
ATOM   744  N N     . SER A 1 90  ? -6.390  0.223   4.034   1.00 30.74 ? 181  SER A N     1 
ATOM   745  C CA    . SER A 1 90  ? -5.826  -0.737  3.091   1.00 33.41 ? 181  SER A CA    1 
ATOM   746  C C     . SER A 1 90  ? -4.704  -1.556  3.744   1.00 27.15 ? 181  SER A C     1 
ATOM   747  O O     . SER A 1 90  ? -4.661  -2.770  3.587   1.00 32.65 ? 181  SER A O     1 
ATOM   748  C CB    . SER A 1 90  ? -5.373  -0.036  1.801   1.00 28.76 ? 181  SER A CB    1 
ATOM   749  O OG    . SER A 1 90  ? -4.446  0.996   2.079   1.00 31.03 ? 181  SER A OG    1 
ATOM   750  N N     . ALA A 1 91  ? -3.830  -0.914  4.505   1.00 27.61 ? 182  ALA A N     1 
ATOM   751  C CA    . ALA A 1 91  ? -2.759  -1.651  5.168   1.00 29.09 ? 182  ALA A CA    1 
ATOM   752  C C     . ALA A 1 91  ? -3.320  -2.729  6.077   1.00 30.23 ? 182  ALA A C     1 
ATOM   753  O O     . ALA A 1 91  ? -2.911  -3.886  6.021   1.00 32.20 ? 182  ALA A O     1 
ATOM   754  C CB    . ALA A 1 91  ? -1.837  -0.705  5.958   1.00 29.33 ? 182  ALA A CB    1 
ATOM   755  N N     . LEU A 1 92  ? -4.271  -2.345  6.919   1.00 33.43 ? 183  LEU A N     1 
ATOM   756  C CA    . LEU A 1 92  ? -4.886  -3.281  7.847   1.00 30.48 ? 183  LEU A CA    1 
ATOM   757  C C     . LEU A 1 92  ? -5.605  -4.417  7.148   1.00 28.29 ? 183  LEU A C     1 
ATOM   758  O O     . LEU A 1 92  ? -5.399  -5.582  7.484   1.00 30.58 ? 183  LEU A O     1 
ATOM   759  C CB    . LEU A 1 92  ? -5.845  -2.529  8.781   1.00 33.55 ? 183  LEU A CB    1 
ATOM   760  C CG    . LEU A 1 92  ? -6.639  -3.303  9.826   1.00 36.56 ? 183  LEU A CG    1 
ATOM   761  C CD1   . LEU A 1 92  ? -5.736  -4.105  10.754  1.00 32.81 ? 183  LEU A CD1   1 
ATOM   762  C CD2   . LEU A 1 92  ? -7.491  -2.315  10.637  1.00 36.09 ? 183  LEU A CD2   1 
ATOM   763  N N     . LEU A 1 93  ? -6.462  -4.090  6.183   1.00 29.92 ? 184  LEU A N     1 
ATOM   764  C CA    . LEU A 1 93  ? -7.244  -5.124  5.490   1.00 34.02 ? 184  LEU A CA    1 
ATOM   765  C C     . LEU A 1 93  ? -6.400  -6.044  4.623   1.00 35.67 ? 184  LEU A C     1 
ATOM   766  O O     . LEU A 1 93  ? -6.617  -7.261  4.604   1.00 30.87 ? 184  LEU A O     1 
ATOM   767  C CB    . LEU A 1 93  ? -8.350  -4.509  4.618   1.00 35.87 ? 184  LEU A CB    1 
ATOM   768  C CG    . LEU A 1 93  ? -9.724  -4.302  5.275   1.00 43.65 ? 184  LEU A CG    1 
ATOM   769  C CD1   . LEU A 1 93  ? -10.406 -5.638  5.552   1.00 46.59 ? 184  LEU A CD1   1 
ATOM   770  C CD2   . LEU A 1 93  ? -9.560  -3.489  6.557   1.00 41.86 ? 184  LEU A CD2   1 
ATOM   771  N N     . SER A 1 94  ? -5.448  -5.469  3.890   1.00 31.75 ? 185  SER A N     1 
ATOM   772  C CA    . SER A 1 94  ? -4.619  -6.303  3.023   1.00 33.64 ? 185  SER A CA    1 
ATOM   773  C C     . SER A 1 94  ? -3.745  -7.251  3.847   1.00 33.61 ? 185  SER A C     1 
ATOM   774  O O     . SER A 1 94  ? -3.594  -8.422  3.496   1.00 35.58 ? 185  SER A O     1 
ATOM   775  C CB    . SER A 1 94  ? -3.821  -5.472  2.006   1.00 30.58 ? 185  SER A CB    1 
ATOM   776  O OG    . SER A 1 94  ? -2.924  -4.567  2.624   1.00 36.35 ? 185  SER A OG    1 
ATOM   777  N N     . GLY A 1 95  ? -3.214  -6.767  4.966   1.00 32.48 ? 186  GLY A N     1 
ATOM   778  C CA    . GLY A 1 95  ? -2.455  -7.628  5.856   1.00 29.44 ? 186  GLY A CA    1 
ATOM   779  C C     . GLY A 1 95  ? -3.302  -8.767  6.385   1.00 33.58 ? 186  GLY A C     1 
ATOM   780  O O     . GLY A 1 95  ? -2.887  -9.939  6.406   1.00 32.31 ? 186  GLY A O     1 
ATOM   781  N N     . TYR A 1 96  ? -4.515  -8.428  6.810   1.00 33.48 ? 187  TYR A N     1 
ATOM   782  C CA    . TYR A 1 96  ? -5.423  -9.433  7.341   1.00 34.55 ? 187  TYR A CA    1 
ATOM   783  C C     . TYR A 1 96  ? -5.634  -10.563 6.355   1.00 33.62 ? 187  TYR A C     1 
ATOM   784  O O     . TYR A 1 96  ? -5.462  -11.727 6.701   1.00 36.22 ? 187  TYR A O     1 
ATOM   785  C CB    . TYR A 1 96  ? -6.752  -8.796  7.743   1.00 35.69 ? 187  TYR A CB    1 
ATOM   786  C CG    . TYR A 1 96  ? -7.941  -9.705  7.606   1.00 34.42 ? 187  TYR A CG    1 
ATOM   787  C CD1   . TYR A 1 96  ? -8.121  -10.792 8.459   1.00 39.47 ? 187  TYR A CD1   1 
ATOM   788  C CD2   . TYR A 1 96  ? -8.901  -9.467  6.636   1.00 40.49 ? 187  TYR A CD2   1 
ATOM   789  C CE1   . TYR A 1 96  ? -9.222  -11.625 8.333   1.00 39.97 ? 187  TYR A CE1   1 
ATOM   790  C CE2   . TYR A 1 96  ? -10.011 -10.289 6.507   1.00 44.59 ? 187  TYR A CE2   1 
ATOM   791  C CZ    . TYR A 1 96  ? -10.163 -11.365 7.354   1.00 44.87 ? 187  TYR A CZ    1 
ATOM   792  O OH    . TYR A 1 96  ? -11.273 -12.172 7.207   1.00 50.74 ? 187  TYR A OH    1 
ATOM   793  N N     . VAL A 1 97  ? -6.013  -10.216 5.126   1.00 35.79 ? 188  VAL A N     1 
ATOM   794  C CA    . VAL A 1 97  ? -6.241  -11.205 4.070   1.00 34.65 ? 188  VAL A CA    1 
ATOM   795  C C     . VAL A 1 97  ? -4.963  -11.985 3.736   1.00 38.63 ? 188  VAL A C     1 
ATOM   796  O O     . VAL A 1 97  ? -4.988  -13.212 3.630   1.00 40.25 ? 188  VAL A O     1 
ATOM   797  C CB    . VAL A 1 97  ? -6.800  -10.541 2.790   1.00 37.68 ? 188  VAL A CB    1 
ATOM   798  C CG1   . VAL A 1 97  ? -6.826  -11.521 1.648   1.00 41.12 ? 188  VAL A CG1   1 
ATOM   799  C CG2   . VAL A 1 97  ? -8.206  -9.986  3.039   1.00 38.08 ? 188  VAL A CG2   1 
ATOM   800  N N     . GLN A 1 98  ? -3.842  -11.274 3.585   1.00 36.75 ? 189  GLN A N     1 
ATOM   801  C CA    . GLN A 1 98  ? -2.564  -11.927 3.289   1.00 36.14 ? 189  GLN A CA    1 
ATOM   802  C C     . GLN A 1 98  ? -2.254  -12.951 4.363   1.00 38.58 ? 189  GLN A C     1 
ATOM   803  O O     . GLN A 1 98  ? -1.902  -14.087 4.069   1.00 40.16 ? 189  GLN A O     1 
ATOM   804  C CB    . GLN A 1 98  ? -1.431  -10.901 3.215   1.00 35.47 ? 189  GLN A CB    1 
ATOM   805  C CG    . GLN A 1 98  ? -0.029  -11.507 3.060   1.00 38.64 ? 189  GLN A CG    1 
ATOM   806  C CD    . GLN A 1 98  ? 0.278   -11.924 1.626   1.00 42.11 ? 189  GLN A CD    1 
ATOM   807  O OE1   . GLN A 1 98  ? -0.456  -11.578 0.701   1.00 43.13 ? 189  GLN A OE1   1 
ATOM   808  N NE2   . GLN A 1 98  ? 1.357   -12.679 1.440   1.00 39.11 ? 189  GLN A NE2   1 
ATOM   809  N N     . GLN A 1 99  ? -2.388  -12.533 5.617   1.00 36.66 ? 190  GLN A N     1 
ATOM   810  C CA    . GLN A 1 99  ? -2.090  -13.392 6.760   1.00 40.44 ? 190  GLN A CA    1 
ATOM   811  C C     . GLN A 1 99  ? -2.984  -14.630 6.763   1.00 42.14 ? 190  GLN A C     1 
ATOM   812  O O     . GLN A 1 99  ? -2.526  -15.741 7.015   1.00 41.35 ? 190  GLN A O     1 
ATOM   813  C CB    . GLN A 1 99  ? -2.297  -12.608 8.060   1.00 39.27 ? 190  GLN A CB    1 
ATOM   814  C CG    . GLN A 1 99  ? -1.782  -13.297 9.315   1.00 46.29 ? 190  GLN A CG    1 
ATOM   815  C CD    . GLN A 1 99  ? -2.660  -14.446 9.801   1.00 45.55 ? 190  GLN A CD    1 
ATOM   816  O OE1   . GLN A 1 99  ? -3.877  -14.451 9.615   1.00 41.08 ? 190  GLN A OE1   1 
ATOM   817  N NE2   . GLN A 1 99  ? -2.028  -15.428 10.437  1.00 49.65 ? 190  GLN A NE2   1 
ATOM   818  N N     . LYS A 1 100 ? -4.267  -14.408 6.503   1.00 44.95 ? 191  LYS A N     1 
ATOM   819  C CA    . LYS A 1 100 ? -5.279  -15.459 6.491   1.00 43.20 ? 191  LYS A CA    1 
ATOM   820  C C     . LYS A 1 100 ? -4.844  -16.611 5.594   1.00 50.95 ? 191  LYS A C     1 
ATOM   821  O O     . LYS A 1 100 ? -4.947  -17.779 5.963   1.00 51.36 ? 191  LYS A O     1 
ATOM   822  C CB    . LYS A 1 100 ? -6.609  -14.869 6.003   1.00 45.69 ? 191  LYS A CB    1 
ATOM   823  C CG    . LYS A 1 100 ? -7.672  -15.879 5.541   1.00 53.14 ? 191  LYS A CG    1 
ATOM   824  C CD    . LYS A 1 100 ? -8.012  -16.885 6.621   1.00 53.63 ? 191  LYS A CD    1 
ATOM   825  C CE    . LYS A 1 100 ? -9.202  -17.760 6.217   1.00 57.96 ? 191  LYS A CE    1 
ATOM   826  N NZ    . LYS A 1 100 ? -9.007  -18.420 4.901   1.00 53.63 ? 191  LYS A NZ    1 
ATOM   827  N N     . PHE A 1 101 ? -4.339  -16.271 4.417   1.00 49.17 ? 192  PHE A N     1 
ATOM   828  C CA    . PHE A 1 101 ? -3.989  -17.281 3.430   1.00 49.46 ? 192  PHE A CA    1 
ATOM   829  C C     . PHE A 1 101 ? -2.517  -17.721 3.429   1.00 47.33 ? 192  PHE A C     1 
ATOM   830  O O     . PHE A 1 101 ? -2.210  -18.807 2.950   1.00 51.10 ? 192  PHE A O     1 
ATOM   831  C CB    . PHE A 1 101 ? -4.372  -16.798 2.035   1.00 46.10 ? 192  PHE A CB    1 
ATOM   832  C CG    . PHE A 1 101 ? -5.858  -16.680 1.814   1.00 54.44 ? 192  PHE A CG    1 
ATOM   833  C CD1   . PHE A 1 101 ? -6.620  -17.800 1.519   1.00 55.13 ? 192  PHE A CD1   1 
ATOM   834  C CD2   . PHE A 1 101 ? -6.486  -15.447 1.867   1.00 49.19 ? 192  PHE A CD2   1 
ATOM   835  C CE1   . PHE A 1 101 ? -7.984  -17.694 1.297   1.00 58.35 ? 192  PHE A CE1   1 
ATOM   836  C CE2   . PHE A 1 101 ? -7.848  -15.335 1.650   1.00 54.14 ? 192  PHE A CE2   1 
ATOM   837  C CZ    . PHE A 1 101 ? -8.599  -16.462 1.364   1.00 59.69 ? 192  PHE A CZ    1 
ATOM   838  N N     . SER A 1 102 ? -1.610  -16.898 3.952   1.00 44.95 ? 193  SER A N     1 
ATOM   839  C CA    . SER A 1 102 ? -0.179  -17.175 3.780   1.00 44.37 ? 193  SER A CA    1 
ATOM   840  C C     . SER A 1 102 ? 0.680   -17.037 5.036   1.00 44.77 ? 193  SER A C     1 
ATOM   841  O O     . SER A 1 102 ? 1.892   -17.267 4.995   1.00 42.31 ? 193  SER A O     1 
ATOM   842  C CB    . SER A 1 102 ? 0.392   -16.280 2.676   1.00 43.70 ? 193  SER A CB    1 
ATOM   843  O OG    . SER A 1 102 ? -0.522  -16.203 1.587   1.00 54.75 ? 193  SER A OG    1 
ATOM   844  N N     . GLY A 1 103 ? 0.073   -16.636 6.145   1.00 41.57 ? 194  GLY A N     1 
ATOM   845  C CA    . GLY A 1 103 ? 0.842   -16.451 7.360   1.00 37.51 ? 194  GLY A CA    1 
ATOM   846  C C     . GLY A 1 103 ? 1.334   -15.025 7.467   1.00 36.17 ? 194  GLY A C     1 
ATOM   847  O O     . GLY A 1 103 ? 1.095   -14.226 6.570   1.00 39.78 ? 194  GLY A O     1 
ATOM   848  N N     . PRO A 1 104 ? 2.024   -14.708 8.567   1.00 38.12 ? 195  PRO A N     1 
ATOM   849  C CA    . PRO A 1 104 ? 2.415   -13.359 8.993   1.00 37.45 ? 195  PRO A CA    1 
ATOM   850  C C     . PRO A 1 104 ? 3.714   -12.812 8.400   1.00 36.92 ? 195  PRO A C     1 
ATOM   851  O O     . PRO A 1 104 ? 4.025   -11.649 8.652   1.00 35.17 ? 195  PRO A O     1 
ATOM   852  C CB    . PRO A 1 104 ? 2.599   -13.538 10.499  1.00 37.30 ? 195  PRO A CB    1 
ATOM   853  C CG    . PRO A 1 104 ? 3.132   -14.921 10.608  1.00 37.82 ? 195  PRO A CG    1 
ATOM   854  C CD    . PRO A 1 104 ? 2.342   -15.712 9.601   1.00 35.52 ? 195  PRO A CD    1 
ATOM   855  N N     . TRP A 1 105 ? 4.457   -13.610 7.636   1.00 38.32 ? 196  TRP A N     1 
ATOM   856  C CA    . TRP A 1 105 ? 5.782   -13.177 7.185   1.00 37.03 ? 196  TRP A CA    1 
ATOM   857  C C     . TRP A 1 105 ? 5.712   -12.493 5.827   1.00 38.11 ? 196  TRP A C     1 
ATOM   858  O O     . TRP A 1 105 ? 5.880   -13.125 4.791   1.00 40.61 ? 196  TRP A O     1 
ATOM   859  C CB    . TRP A 1 105 ? 6.764   -14.353 7.179   1.00 40.01 ? 196  TRP A CB    1 
ATOM   860  C CG    . TRP A 1 105 ? 6.864   -14.993 8.540   1.00 37.14 ? 196  TRP A CG    1 
ATOM   861  C CD1   . TRP A 1 105 ? 6.306   -16.168 8.936   1.00 37.46 ? 196  TRP A CD1   1 
ATOM   862  C CD2   . TRP A 1 105 ? 7.528   -14.457 9.682   1.00 35.26 ? 196  TRP A CD2   1 
ATOM   863  N NE1   . TRP A 1 105 ? 6.600   -16.409 10.261  1.00 38.48 ? 196  TRP A NE1   1 
ATOM   864  C CE2   . TRP A 1 105 ? 7.347   -15.367 10.740  1.00 36.03 ? 196  TRP A CE2   1 
ATOM   865  C CE3   . TRP A 1 105 ? 8.271   -13.296 9.909   1.00 38.65 ? 196  TRP A CE3   1 
ATOM   866  C CZ2   . TRP A 1 105 ? 7.878   -15.152 12.011  1.00 38.48 ? 196  TRP A CZ2   1 
ATOM   867  C CZ3   . TRP A 1 105 ? 8.800   -13.085 11.171  1.00 40.56 ? 196  TRP A CZ3   1 
ATOM   868  C CH2   . TRP A 1 105 ? 8.596   -14.009 12.207  1.00 41.34 ? 196  TRP A CH2   1 
ATOM   869  N N     . PHE A 1 106 ? 5.445   -11.193 5.840   1.00 34.92 ? 197  PHE A N     1 
ATOM   870  C CA    . PHE A 1 106 ? 5.222   -10.472 4.596   1.00 34.47 ? 197  PHE A CA    1 
ATOM   871  C C     . PHE A 1 106 ? 5.432   -9.004  4.856   1.00 33.31 ? 197  PHE A C     1 
ATOM   872  O O     . PHE A 1 106 ? 5.568   -8.597  6.012   1.00 32.11 ? 197  PHE A O     1 
ATOM   873  C CB    . PHE A 1 106 ? 3.822   -10.738 4.033   1.00 34.26 ? 197  PHE A CB    1 
ATOM   874  C CG    . PHE A 1 106 ? 2.688   -10.313 4.951   1.00 34.07 ? 197  PHE A CG    1 
ATOM   875  C CD1   . PHE A 1 106 ? 2.261   -8.994  4.984   1.00 33.89 ? 197  PHE A CD1   1 
ATOM   876  C CD2   . PHE A 1 106 ? 2.048   -11.238 5.762   1.00 34.63 ? 197  PHE A CD2   1 
ATOM   877  C CE1   . PHE A 1 106 ? 1.223   -8.600  5.814   1.00 35.34 ? 197  PHE A CE1   1 
ATOM   878  C CE2   . PHE A 1 106 ? 0.996   -10.860 6.594   1.00 36.35 ? 197  PHE A CE2   1 
ATOM   879  C CZ    . PHE A 1 106 ? 0.584   -9.538  6.629   1.00 34.59 ? 197  PHE A CZ    1 
ATOM   880  N N     . GLY A 1 107 ? 5.495   -8.220  3.782   1.00 30.39 ? 198  GLY A N     1 
ATOM   881  C CA    . GLY A 1 107 ? 5.685   -6.782  3.880   1.00 28.74 ? 198  GLY A CA    1 
ATOM   882  C C     . GLY A 1 107 ? 5.510   -6.134  2.528   1.00 33.37 ? 198  GLY A C     1 
ATOM   883  O O     . GLY A 1 107 ? 5.508   -6.820  1.506   1.00 32.92 ? 198  GLY A O     1 
ATOM   884  N N     . GLY A 1 108 ? 5.366   -4.815  2.503   1.00 31.90 ? 199  GLY A N     1 
ATOM   885  C CA    . GLY A 1 108 ? 5.269   -4.112  1.235   1.00 28.29 ? 199  GLY A CA    1 
ATOM   886  C C     . GLY A 1 108 ? 4.109   -3.144  1.194   1.00 33.34 ? 199  GLY A C     1 
ATOM   887  O O     . GLY A 1 108 ? 3.032   -3.422  1.723   1.00 28.47 ? 199  GLY A O     1 
ATOM   888  N N     . LEU A 1 109 ? 4.350   -1.988  0.589   1.00 31.27 ? 200  LEU A N     1 
ATOM   889  C CA    . LEU A 1 109 ? 3.347   -0.932  0.478   1.00 32.46 ? 200  LEU A CA    1 
ATOM   890  C C     . LEU A 1 109 ? 2.363   -1.188  -0.671  1.00 32.66 ? 200  LEU A C     1 
ATOM   891  O O     . LEU A 1 109 ? 1.467   -0.387  -0.933  1.00 33.09 ? 200  LEU A O     1 
ATOM   892  C CB    . LEU A 1 109 ? 4.055   0.415   0.287   1.00 31.09 ? 200  LEU A CB    1 
ATOM   893  C CG    . LEU A 1 109 ? 3.268   1.720   0.412   1.00 34.69 ? 200  LEU A CG    1 
ATOM   894  C CD1   . LEU A 1 109 ? 2.529   1.785   1.753   1.00 28.76 ? 200  LEU A CD1   1 
ATOM   895  C CD2   . LEU A 1 109 ? 4.211   2.916   0.246   1.00 30.59 ? 200  LEU A CD2   1 
ATOM   896  N N     . SER A 1 110 ? 2.517   -2.312  -1.355  1.00 31.71 ? 201  SER A N     1 
ATOM   897  C CA    . SER A 1 110 ? 1.745   -2.531  -2.573  1.00 33.21 ? 201  SER A CA    1 
ATOM   898  C C     . SER A 1 110 ? 0.237   -2.700  -2.313  1.00 33.64 ? 201  SER A C     1 
ATOM   899  O O     . SER A 1 110 ? -0.583  -2.371  -3.169  1.00 32.36 ? 201  SER A O     1 
ATOM   900  C CB    . SER A 1 110 ? 2.317   -3.692  -3.400  1.00 34.60 ? 201  SER A CB    1 
ATOM   901  O OG    . SER A 1 110 ? 2.125   -4.954  -2.780  1.00 34.90 ? 201  SER A OG    1 
ATOM   902  N N     . GLY A 1 111 ? -0.130  -3.196  -1.136  1.00 34.63 ? 202  GLY A N     1 
ATOM   903  C CA    . GLY A 1 111 ? -1.543  -3.268  -0.751  1.00 31.51 ? 202  GLY A CA    1 
ATOM   904  C C     . GLY A 1 111 ? -2.168  -1.885  -0.750  1.00 28.18 ? 202  GLY A C     1 
ATOM   905  O O     . GLY A 1 111 ? -3.257  -1.678  -1.270  1.00 32.47 ? 202  GLY A O     1 
ATOM   906  N N     . VAL A 1 112 ? -1.452  -0.926  -0.180  1.00 29.62 ? 203  VAL A N     1 
ATOM   907  C CA    . VAL A 1 112 ? -1.868  0.475   -0.187  1.00 30.55 ? 203  VAL A CA    1 
ATOM   908  C C     . VAL A 1 112 ? -1.854  1.070   -1.603  1.00 34.63 ? 203  VAL A C     1 
ATOM   909  O O     . VAL A 1 112 ? -2.756  1.813   -1.977  1.00 32.80 ? 203  VAL A O     1 
ATOM   910  C CB    . VAL A 1 112 ? -0.952  1.327   0.710   1.00 29.90 ? 203  VAL A CB    1 
ATOM   911  C CG1   . VAL A 1 112 ? -1.365  2.783   0.649   1.00 29.09 ? 203  VAL A CG1   1 
ATOM   912  C CG2   . VAL A 1 112 ? -0.982  0.805   2.164   1.00 28.57 ? 203  VAL A CG2   1 
ATOM   913  N N     . VAL A 1 113 ? -0.819  0.753   -2.379  1.00 33.49 ? 204  VAL A N     1 
ATOM   914  C CA    . VAL A 1 113 ? -0.719  1.251   -3.744  1.00 32.66 ? 204  VAL A CA    1 
ATOM   915  C C     . VAL A 1 113 ? -1.918  0.796   -4.564  1.00 31.94 ? 204  VAL A C     1 
ATOM   916  O O     . VAL A 1 113 ? -2.562  1.600   -5.233  1.00 36.15 ? 204  VAL A O     1 
ATOM   917  C CB    . VAL A 1 113 ? 0.602   0.818   -4.429  1.00 31.17 ? 204  VAL A CB    1 
ATOM   918  C CG1   . VAL A 1 113 ? 0.496   0.970   -5.953  1.00 31.59 ? 204  VAL A CG1   1 
ATOM   919  C CG2   . VAL A 1 113 ? 1.784   1.617   -3.862  1.00 28.53 ? 204  VAL A CG2   1 
ATOM   920  N N     . TYR A 1 114 ? -2.248  -0.485  -4.500  1.00 30.74 ? 205  TYR A N     1 
ATOM   921  C CA    . TYR A 1 114 ? -3.392  -0.971  -5.273  1.00 33.28 ? 205  TYR A CA    1 
ATOM   922  C C     . TYR A 1 114 ? -4.704  -0.311  -4.827  1.00 37.00 ? 205  TYR A C     1 
ATOM   923  O O     . TYR A 1 114 ? -5.555  0.032   -5.654  1.00 35.69 ? 205  TYR A O     1 
ATOM   924  C CB    . TYR A 1 114 ? -3.481  -2.506  -5.242  1.00 37.33 ? 205  TYR A CB    1 
ATOM   925  C CG    . TYR A 1 114 ? -2.418  -3.222  -6.084  1.00 41.81 ? 205  TYR A CG    1 
ATOM   926  C CD1   . TYR A 1 114 ? -2.360  -3.053  -7.468  1.00 39.22 ? 205  TYR A CD1   1 
ATOM   927  C CD2   . TYR A 1 114 ? -1.503  -4.090  -5.498  1.00 37.44 ? 205  TYR A CD2   1 
ATOM   928  C CE1   . TYR A 1 114 ? -1.403  -3.714  -8.237  1.00 39.92 ? 205  TYR A CE1   1 
ATOM   929  C CE2   . TYR A 1 114 ? -0.546  -4.759  -6.262  1.00 37.53 ? 205  TYR A CE2   1 
ATOM   930  C CZ    . TYR A 1 114 ? -0.501  -4.565  -7.630  1.00 41.84 ? 205  TYR A CZ    1 
ATOM   931  O OH    . TYR A 1 114 ? 0.453   -5.228  -8.393  1.00 38.24 ? 205  TYR A OH    1 
ATOM   932  N N     . ALA A 1 115 ? -4.859  -0.120  -3.517  1.00 31.66 ? 206  ALA A N     1 
ATOM   933  C CA    . ALA A 1 115 ? -5.969  0.671   -2.995  1.00 33.94 ? 206  ALA A CA    1 
ATOM   934  C C     . ALA A 1 115 ? -5.977  2.064   -3.615  1.00 34.68 ? 206  ALA A C     1 
ATOM   935  O O     . ALA A 1 115 ? -7.020  2.542   -4.035  1.00 38.73 ? 206  ALA A O     1 
ATOM   936  C CB    . ALA A 1 115 ? -5.897  0.764   -1.474  1.00 31.19 ? 206  ALA A CB    1 
ATOM   937  N N     . LEU A 1 116 ? -4.813  2.711   -3.685  1.00 33.60 ? 207  LEU A N     1 
ATOM   938  C CA    . LEU A 1 116 ? -4.754  4.054   -4.244  1.00 35.00 ? 207  LEU A CA    1 
ATOM   939  C C     . LEU A 1 116 ? -5.124  4.048   -5.724  1.00 37.39 ? 207  LEU A C     1 
ATOM   940  O O     . LEU A 1 116 ? -5.754  4.983   -6.214  1.00 39.39 ? 207  LEU A O     1 
ATOM   941  C CB    . LEU A 1 116 ? -3.379  4.696   -4.045  1.00 31.70 ? 207  LEU A CB    1 
ATOM   942  C CG    . LEU A 1 116 ? -3.094  5.192   -2.627  1.00 38.22 ? 207  LEU A CG    1 
ATOM   943  C CD1   . LEU A 1 116 ? -1.646  5.625   -2.477  1.00 31.81 ? 207  LEU A CD1   1 
ATOM   944  C CD2   . LEU A 1 116 ? -4.053  6.331   -2.239  1.00 34.61 ? 207  LEU A CD2   1 
ATOM   945  N N     . MET A 1 117 ? -4.736  2.992   -6.428  1.00 35.52 ? 208  MET A N     1 
ATOM   946  C CA    . MET A 1 117 ? -5.077  2.848   -7.841  1.00 35.10 ? 208  MET A CA    1 
ATOM   947  C C     . MET A 1 117 ? -6.585  2.756   -8.049  1.00 41.00 ? 208  MET A C     1 
ATOM   948  O O     . MET A 1 117 ? -7.160  3.505   -8.840  1.00 40.52 ? 208  MET A O     1 
ATOM   949  C CB    . MET A 1 117 ? -4.403  1.608   -8.429  1.00 36.04 ? 208  MET A CB    1 
ATOM   950  C CG    . MET A 1 117 ? -2.915  1.788   -8.707  1.00 36.96 ? 208  MET A CG    1 
ATOM   951  S SD    . MET A 1 117 ? -2.183  0.243   -9.257  1.00 36.46 ? 208  MET A SD    1 
ATOM   952  C CE    . MET A 1 117 ? -0.501  0.773   -9.546  1.00 34.22 ? 208  MET A CE    1 
ATOM   953  N N     . GLY A 1 118 ? -7.214  1.820   -7.346  1.00 35.11 ? 209  GLY A N     1 
ATOM   954  C CA    . GLY A 1 118 ? -8.654  1.668   -7.380  1.00 38.37 ? 209  GLY A CA    1 
ATOM   955  C C     . GLY A 1 118 ? -9.376  2.921   -6.912  1.00 41.91 ? 209  GLY A C     1 
ATOM   956  O O     . GLY A 1 118 ? -10.402 3.298   -7.477  1.00 44.36 ? 209  GLY A O     1 
ATOM   957  N N     . TYR A 1 119 ? -8.837  3.578   -5.891  1.00 40.65 ? 210  TYR A N     1 
ATOM   958  C CA    . TYR A 1 119 ? -9.492  4.753   -5.331  1.00 42.41 ? 210  TYR A CA    1 
ATOM   959  C C     . TYR A 1 119 ? -9.501  5.923   -6.308  1.00 41.64 ? 210  TYR A C     1 
ATOM   960  O O     . TYR A 1 119 ? -10.551 6.463   -6.620  1.00 42.05 ? 210  TYR A O     1 
ATOM   961  C CB    . TYR A 1 119 ? -8.838  5.217   -4.022  1.00 40.30 ? 210  TYR A CB    1 
ATOM   962  C CG    . TYR A 1 119 ? -9.600  6.377   -3.424  1.00 42.23 ? 210  TYR A CG    1 
ATOM   963  C CD1   . TYR A 1 119 ? -10.674 6.153   -2.564  1.00 42.39 ? 210  TYR A CD1   1 
ATOM   964  C CD2   . TYR A 1 119 ? -9.282  7.690   -3.752  1.00 41.23 ? 210  TYR A CD2   1 
ATOM   965  C CE1   . TYR A 1 119 ? -11.392 7.203   -2.031  1.00 41.11 ? 210  TYR A CE1   1 
ATOM   966  C CE2   . TYR A 1 119 ? -10.003 8.749   -3.227  1.00 43.82 ? 210  TYR A CE2   1 
ATOM   967  C CZ    . TYR A 1 119 ? -11.058 8.496   -2.364  1.00 44.26 ? 210  TYR A CZ    1 
ATOM   968  O OH    . TYR A 1 119 ? -11.780 9.538   -1.832  1.00 43.95 ? 210  TYR A OH    1 
ATOM   969  N N     . VAL A 1 120 ? -8.319  6.326   -6.760  1.00 42.50 ? 211  VAL A N     1 
ATOM   970  C CA    . VAL A 1 120 ? -8.196  7.479   -7.643  1.00 43.46 ? 211  VAL A CA    1 
ATOM   971  C C     . VAL A 1 120 ? -9.004  7.286   -8.928  1.00 46.16 ? 211  VAL A C     1 
ATOM   972  O O     . VAL A 1 120 ? -9.634  8.223   -9.421  1.00 47.39 ? 211  VAL A O     1 
ATOM   973  C CB    . VAL A 1 120 ? -6.724  7.786   -7.974  1.00 41.93 ? 211  VAL A CB    1 
ATOM   974  C CG1   . VAL A 1 120 ? -6.620  8.874   -9.043  1.00 43.21 ? 211  VAL A CG1   1 
ATOM   975  C CG2   . VAL A 1 120 ? -5.973  8.186   -6.707  1.00 41.18 ? 211  VAL A CG2   1 
ATOM   976  N N     . TRP A 1 121 ? -9.003  6.065   -9.453  1.00 43.23 ? 212  TRP A N     1 
ATOM   977  C CA    . TRP A 1 121 ? -9.746  5.781   -10.675 1.00 44.35 ? 212  TRP A CA    1 
ATOM   978  C C     . TRP A 1 121 ? -11.251 5.884   -10.472 1.00 49.48 ? 212  TRP A C     1 
ATOM   979  O O     . TRP A 1 121 ? -11.924 6.664   -11.146 1.00 51.28 ? 212  TRP A O     1 
ATOM   980  C CB    . TRP A 1 121 ? -9.399  4.397   -11.235 1.00 43.40 ? 212  TRP A CB    1 
ATOM   981  C CG    . TRP A 1 121 ? -10.281 4.010   -12.377 1.00 47.00 ? 212  TRP A CG    1 
ATOM   982  C CD1   . TRP A 1 121 ? -10.259 4.534   -13.642 1.00 45.45 ? 212  TRP A CD1   1 
ATOM   983  C CD2   . TRP A 1 121 ? -11.327 3.030   -12.366 1.00 47.12 ? 212  TRP A CD2   1 
ATOM   984  N NE1   . TRP A 1 121 ? -11.224 3.935   -14.417 1.00 50.03 ? 212  TRP A NE1   1 
ATOM   985  C CE2   . TRP A 1 121 ? -11.896 3.012   -13.659 1.00 46.52 ? 212  TRP A CE2   1 
ATOM   986  C CE3   . TRP A 1 121 ? -11.838 2.166   -11.392 1.00 48.32 ? 212  TRP A CE3   1 
ATOM   987  C CZ2   . TRP A 1 121 ? -12.943 2.168   -14.001 1.00 45.25 ? 212  TRP A CZ2   1 
ATOM   988  C CZ3   . TRP A 1 121 ? -12.887 1.325   -11.734 1.00 46.49 ? 212  TRP A CZ3   1 
ATOM   989  C CH2   . TRP A 1 121 ? -13.429 1.333   -13.030 1.00 49.38 ? 212  TRP A CH2   1 
ATOM   990  N N     . LEU A 1 122 ? -11.789 5.086   -9.557  1.00 45.96 ? 213  LEU A N     1 
ATOM   991  C CA    . LEU A 1 122 ? -13.235 4.999   -9.413  1.00 47.89 ? 213  LEU A CA    1 
ATOM   992  C C     . LEU A 1 122 ? -13.826 6.334   -8.961  1.00 50.06 ? 213  LEU A C     1 
ATOM   993  O O     . LEU A 1 122 ? -14.932 6.707   -9.335  1.00 54.65 ? 213  LEU A O     1 
ATOM   994  C CB    . LEU A 1 122 ? -13.624 3.874   -8.453  1.00 44.48 ? 213  LEU A CB    1 
ATOM   995  C CG    . LEU A 1 122 ? -15.136 3.634   -8.372  1.00 48.73 ? 213  LEU A CG    1 
ATOM   996  C CD1   . LEU A 1 122 ? -15.690 3.290   -9.755  1.00 50.86 ? 213  LEU A CD1   1 
ATOM   997  C CD2   . LEU A 1 122 ? -15.493 2.549   -7.360  1.00 45.06 ? 213  LEU A CD2   1 
ATOM   998  N N     . ARG A 1 123 ? -13.057 7.055   -8.165  1.00 49.03 ? 214  ARG A N     1 
ATOM   999  C CA    . ARG A 1 123 ? -13.480 8.329   -7.620  1.00 50.89 ? 214  ARG A CA    1 
ATOM   1000 C C     . ARG A 1 123 ? -13.542 9.415   -8.696  1.00 57.39 ? 214  ARG A C     1 
ATOM   1001 O O     . ARG A 1 123 ? -14.355 10.332  -8.612  1.00 58.02 ? 214  ARG A O     1 
ATOM   1002 C CB    . ARG A 1 123 ? -12.498 8.733   -6.535  1.00 49.02 ? 214  ARG A CB    1 
ATOM   1003 C CG    . ARG A 1 123 ? -12.643 10.141  -6.056  1.00 53.86 ? 214  ARG A CG    1 
ATOM   1004 C CD    . ARG A 1 123 ? -13.850 10.279  -5.186  1.00 55.56 ? 214  ARG A CD    1 
ATOM   1005 N NE    . ARG A 1 123 ? -13.679 11.432  -4.319  1.00 62.13 ? 214  ARG A NE    1 
ATOM   1006 C CZ    . ARG A 1 123 ? -14.656 11.976  -3.616  1.00 57.27 ? 214  ARG A CZ    1 
ATOM   1007 N NH1   . ARG A 1 123 ? -15.873 11.460  -3.689  1.00 63.64 ? 214  ARG A NH1   1 
ATOM   1008 N NH2   . ARG A 1 123 ? -14.411 13.031  -2.850  1.00 58.81 ? 214  ARG A NH2   1 
ATOM   1009 N N     . GLY A 1 124 ? -12.656 9.325   -9.687  1.00 54.80 ? 215  GLY A N     1 
ATOM   1010 C CA    . GLY A 1 124 ? -12.678 10.242  -10.811 1.00 55.09 ? 215  GLY A CA    1 
ATOM   1011 C C     . GLY A 1 124 ? -13.807 9.859   -11.750 1.00 58.83 ? 215  GLY A C     1 
ATOM   1012 O O     . GLY A 1 124 ? -14.430 10.705  -12.384 1.00 62.86 ? 215  GLY A O     1 
ATOM   1013 N N     . GLU A 1 125 ? -14.088 8.565   -11.806 1.00 54.97 ? 216  GLU A N     1 
ATOM   1014 C CA    . GLU A 1 125 ? -15.050 8.021   -12.746 1.00 55.52 ? 216  GLU A CA    1 
ATOM   1015 C C     . GLU A 1 125 ? -16.481 8.118   -12.220 1.00 62.61 ? 216  GLU A C     1 
ATOM   1016 O O     . GLU A 1 125 ? -17.440 7.801   -12.929 1.00 64.99 ? 216  GLU A O     1 
ATOM   1017 C CB    . GLU A 1 125 ? -14.689 6.561   -13.039 1.00 53.72 ? 216  GLU A CB    1 
ATOM   1018 C CG    . GLU A 1 125 ? -15.446 5.944   -14.187 1.00 60.74 ? 216  GLU A CG    1 
ATOM   1019 C CD    . GLU A 1 125 ? -15.031 6.513   -15.528 1.00 64.45 ? 216  GLU A CD    1 
ATOM   1020 O OE1   . GLU A 1 125 ? -13.883 7.003   -15.644 1.00 60.22 ? 216  GLU A OE1   1 
ATOM   1021 O OE2   . GLU A 1 125 ? -15.857 6.470   -16.466 1.00 73.41 ? 216  GLU A OE2   1 
ATOM   1022 N N     . ARG A 1 126 ? -16.626 8.558   -10.974 1.00 59.39 ? 217  ARG A N     1 
ATOM   1023 C CA    . ARG A 1 126 ? -17.928 8.560   -10.320 1.00 55.17 ? 217  ARG A CA    1 
ATOM   1024 C C     . ARG A 1 126 ? -18.206 9.880   -9.632  1.00 59.50 ? 217  ARG A C     1 
ATOM   1025 O O     . ARG A 1 126 ? -19.336 10.165  -9.250  1.00 63.15 ? 217  ARG A O     1 
ATOM   1026 C CB    . ARG A 1 126 ? -18.021 7.416   -9.307  1.00 56.26 ? 217  ARG A CB    1 
ATOM   1027 C CG    . ARG A 1 126 ? -18.783 6.210   -9.819  1.00 61.21 ? 217  ARG A CG    1 
ATOM   1028 C CD    . ARG A 1 126 ? -18.727 5.044   -8.857  1.00 60.71 ? 217  ARG A CD    1 
ATOM   1029 N NE    . ARG A 1 126 ? -19.331 5.352   -7.565  1.00 65.40 ? 217  ARG A NE    1 
ATOM   1030 C CZ    . ARG A 1 126 ? -20.605 5.123   -7.252  1.00 66.98 ? 217  ARG A CZ    1 
ATOM   1031 N NH1   . ARG A 1 126 ? -21.425 4.585   -8.146  1.00 66.17 ? 217  ARG A NH1   1 
ATOM   1032 N NH2   . ARG A 1 126 ? -21.058 5.434   -6.043  1.00 65.81 ? 217  ARG A NH2   1 
ATOM   1033 N N     . ASP A 1 127 ? -17.165 10.684  -9.469  1.00 60.59 ? 218  ASP A N     1 
ATOM   1034 C CA    . ASP A 1 127 ? -17.283 11.962  -8.786  1.00 61.50 ? 218  ASP A CA    1 
ATOM   1035 C C     . ASP A 1 127 ? -16.225 12.902  -9.332  1.00 61.67 ? 218  ASP A C     1 
ATOM   1036 O O     . ASP A 1 127 ? -15.305 13.308  -8.614  1.00 60.31 ? 218  ASP A O     1 
ATOM   1037 C CB    . ASP A 1 127 ? -17.133 11.780  -7.269  1.00 62.03 ? 218  ASP A CB    1 
ATOM   1038 C CG    . ASP A 1 127 ? -17.252 13.094  -6.500  1.00 63.61 ? 218  ASP A CG    1 
ATOM   1039 O OD1   . ASP A 1 127 ? -17.623 14.124  -7.105  1.00 64.29 ? 218  ASP A OD1   1 
ATOM   1040 O OD2   . ASP A 1 127 ? -16.984 13.098  -5.283  1.00 60.75 ? 218  ASP A OD2   1 
ATOM   1041 N N     . PRO A 1 128 ? -16.348 13.243  -10.623 1.00 59.85 ? 219  PRO A N     1 
ATOM   1042 C CA    . PRO A 1 128 ? -15.382 14.099  -11.318 1.00 61.72 ? 219  PRO A CA    1 
ATOM   1043 C C     . PRO A 1 128 ? -15.200 15.431  -10.599 1.00 61.30 ? 219  PRO A C     1 
ATOM   1044 O O     . PRO A 1 128 ? -14.109 16.007  -10.621 1.00 62.49 ? 219  PRO A O     1 
ATOM   1045 C CB    . PRO A 1 128 ? -16.038 14.313  -12.685 1.00 62.57 ? 219  PRO A CB    1 
ATOM   1046 C CG    . PRO A 1 128 ? -16.918 13.118  -12.870 1.00 60.27 ? 219  PRO A CG    1 
ATOM   1047 C CD    . PRO A 1 128 ? -17.438 12.798  -11.509 1.00 60.41 ? 219  PRO A CD    1 
ATOM   1048 N N     . GLN A 1 129 ? -16.269 15.900  -9.958  1.00 61.58 ? 220  GLN A N     1 
ATOM   1049 C CA    . GLN A 1 129 ? -16.258 17.165  -9.228  1.00 65.14 ? 220  GLN A CA    1 
ATOM   1050 C C     . GLN A 1 129 ? -15.375 17.127  -7.976  1.00 69.97 ? 220  GLN A C     1 
ATOM   1051 O O     . GLN A 1 129 ? -15.129 18.161  -7.347  1.00 70.98 ? 220  GLN A O     1 
ATOM   1052 C CB    . GLN A 1 129 ? -17.682 17.584  -8.861  1.00 63.55 ? 220  GLN A CB    1 
ATOM   1053 N N     . SER A 1 130 ? -14.901 15.936  -7.619  1.00 66.23 ? 221  SER A N     1 
ATOM   1054 C CA    . SER A 1 130 ? -13.929 15.787  -6.538  1.00 64.83 ? 221  SER A CA    1 
ATOM   1055 C C     . SER A 1 130 ? -12.629 16.487  -6.909  1.00 64.50 ? 221  SER A C     1 
ATOM   1056 O O     . SER A 1 130 ? -11.889 16.961  -6.042  1.00 62.67 ? 221  SER A O     1 
ATOM   1057 C CB    . SER A 1 130 ? -13.647 14.308  -6.284  1.00 62.89 ? 221  SER A CB    1 
ATOM   1058 O OG    . SER A 1 130 ? -13.111 13.696  -7.445  1.00 62.00 ? 221  SER A OG    1 
ATOM   1059 N N     . GLY A 1 131 ? -12.354 16.544  -8.208  1.00 65.95 ? 222  GLY A N     1 
ATOM   1060 C CA    . GLY A 1 131 ? -11.152 17.192  -8.699  1.00 67.94 ? 222  GLY A CA    1 
ATOM   1061 C C     . GLY A 1 131 ? -9.946  16.275  -8.667  1.00 65.25 ? 222  GLY A C     1 
ATOM   1062 O O     . GLY A 1 131 ? -8.808  16.734  -8.598  1.00 71.86 ? 222  GLY A O     1 
ATOM   1063 N N     . ILE A 1 132 ? -10.198 14.971  -8.707  1.00 60.26 ? 223  ILE A N     1 
ATOM   1064 C CA    . ILE A 1 132 ? -9.127  13.987  -8.778  1.00 58.12 ? 223  ILE A CA    1 
ATOM   1065 C C     . ILE A 1 132 ? -9.502  12.920  -9.788  1.00 53.91 ? 223  ILE A C     1 
ATOM   1066 O O     . ILE A 1 132 ? -10.679 12.607  -9.955  1.00 55.30 ? 223  ILE A O     1 
ATOM   1067 C CB    . ILE A 1 132 ? -8.843  13.321  -7.405  1.00 58.88 ? 223  ILE A CB    1 
ATOM   1068 C CG1   . ILE A 1 132 ? -7.401  12.806  -7.347  1.00 55.83 ? 223  ILE A CG1   1 
ATOM   1069 C CG2   . ILE A 1 132 ? -9.850  12.206  -7.108  1.00 53.45 ? 223  ILE A CG2   1 
ATOM   1070 C CD1   . ILE A 1 132 ? -7.110  11.927  -6.146  1.00 52.14 ? 223  ILE A CD1   1 
ATOM   1071 N N     . TYR A 1 133 ? -8.502  12.374  -10.473 1.00 52.97 ? 224  TYR A N     1 
ATOM   1072 C CA    . TYR A 1 133 ? -8.744  11.279  -11.404 1.00 52.65 ? 224  TYR A CA    1 
ATOM   1073 C C     . TYR A 1 133 ? -7.445  10.615  -11.864 1.00 48.72 ? 224  TYR A C     1 
ATOM   1074 O O     . TYR A 1 133 ? -6.353  11.151  -11.684 1.00 48.77 ? 224  TYR A O     1 
ATOM   1075 C CB    . TYR A 1 133 ? -9.534  11.771  -12.619 1.00 55.90 ? 224  TYR A CB    1 
ATOM   1076 C CG    . TYR A 1 133 ? -8.741  12.714  -13.489 1.00 57.72 ? 224  TYR A CG    1 
ATOM   1077 C CD1   . TYR A 1 133 ? -8.228  12.298  -14.712 1.00 57.27 ? 224  TYR A CD1   1 
ATOM   1078 C CD2   . TYR A 1 133 ? -8.484  14.016  -13.075 1.00 59.43 ? 224  TYR A CD2   1 
ATOM   1079 C CE1   . TYR A 1 133 ? -7.496  13.157  -15.504 1.00 60.73 ? 224  TYR A CE1   1 
ATOM   1080 C CE2   . TYR A 1 133 ? -7.751  14.881  -13.857 1.00 64.39 ? 224  TYR A CE2   1 
ATOM   1081 C CZ    . TYR A 1 133 ? -7.258  14.447  -15.073 1.00 70.78 ? 224  TYR A CZ    1 
ATOM   1082 O OH    . TYR A 1 133 ? -6.525  15.313  -15.857 1.00 78.32 ? 224  TYR A OH    1 
ATOM   1083 N N     . LEU A 1 134 ? -7.586  9.437   -12.460 1.00 43.58 ? 225  LEU A N     1 
ATOM   1084 C CA    . LEU A 1 134 ? -6.462  8.709   -13.011 1.00 51.79 ? 225  LEU A CA    1 
ATOM   1085 C C     . LEU A 1 134 ? -6.430  8.940   -14.528 1.00 51.32 ? 225  LEU A C     1 
ATOM   1086 O O     . LEU A 1 134 ? -7.300  8.464   -15.257 1.00 48.35 ? 225  LEU A O     1 
ATOM   1087 C CB    . LEU A 1 134 ? -6.607  7.219   -12.701 1.00 45.84 ? 225  LEU A CB    1 
ATOM   1088 C CG    . LEU A 1 134 ? -5.354  6.370   -12.877 1.00 49.44 ? 225  LEU A CG    1 
ATOM   1089 C CD1   . LEU A 1 134 ? -4.259  6.856   -11.934 1.00 43.59 ? 225  LEU A CD1   1 
ATOM   1090 C CD2   . LEU A 1 134 ? -5.674  4.902   -12.643 1.00 47.06 ? 225  LEU A CD2   1 
ATOM   1091 N N     . GLN A 1 135 ? -5.434  9.686   -14.990 1.00 54.24 ? 226  GLN A N     1 
ATOM   1092 C CA    . GLN A 1 135 ? -5.313  9.992   -16.414 1.00 55.02 ? 226  GLN A CA    1 
ATOM   1093 C C     . GLN A 1 135 ? -5.253  8.718   -17.243 1.00 52.88 ? 226  GLN A C     1 
ATOM   1094 O O     . GLN A 1 135 ? -4.738  7.693   -16.789 1.00 51.33 ? 226  GLN A O     1 
ATOM   1095 C CB    . GLN A 1 135 ? -4.071  10.842  -16.682 1.00 57.96 ? 226  GLN A CB    1 
ATOM   1096 C CG    . GLN A 1 135 ? -4.017  11.392  -18.092 1.00 63.94 ? 226  GLN A CG    1 
ATOM   1097 C CD    . GLN A 1 135 ? -2.668  11.985  -18.441 1.00 72.75 ? 226  GLN A CD    1 
ATOM   1098 O OE1   . GLN A 1 135 ? -1.691  11.805  -17.710 1.00 77.25 ? 226  GLN A OE1   1 
ATOM   1099 N NE2   . GLN A 1 135 ? -2.603  12.694  -19.569 1.00 73.95 ? 226  GLN A NE2   1 
ATOM   1100 N N     . ARG A 1 136 ? -5.779  8.800   -18.463 1.00 56.31 ? 227  ARG A N     1 
ATOM   1101 C CA    . ARG A 1 136 ? -5.921  7.658   -19.363 1.00 52.54 ? 227  ARG A CA    1 
ATOM   1102 C C     . ARG A 1 136 ? -4.689  6.771   -19.408 1.00 51.64 ? 227  ARG A C     1 
ATOM   1103 O O     . ARG A 1 136 ? -4.785  5.559   -19.220 1.00 53.38 ? 227  ARG A O     1 
ATOM   1104 C CB    . ARG A 1 136 ? -6.224  8.143   -20.781 1.00 53.43 ? 227  ARG A CB    1 
ATOM   1105 C CG    . ARG A 1 136 ? -7.666  8.030   -21.195 1.00 53.40 ? 227  ARG A CG    1 
ATOM   1106 C CD    . ARG A 1 136 ? -7.840  8.580   -22.595 1.00 54.10 ? 227  ARG A CD    1 
ATOM   1107 N NE    . ARG A 1 136 ? -9.155  8.284   -23.143 1.00 55.92 ? 227  ARG A NE    1 
ATOM   1108 C CZ    . ARG A 1 136 ? -9.489  8.477   -24.414 1.00 58.58 ? 227  ARG A CZ    1 
ATOM   1109 N NH1   . ARG A 1 136 ? -8.600  8.962   -25.270 1.00 54.96 ? 227  ARG A NH1   1 
ATOM   1110 N NH2   . ARG A 1 136 ? -10.707 8.173   -24.829 1.00 60.89 ? 227  ARG A NH2   1 
ATOM   1111 N N     . GLY A 1 137 ? -3.540  7.377   -19.685 1.00 48.65 ? 228  GLY A N     1 
ATOM   1112 C CA    . GLY A 1 137 ? -2.295  6.645   -19.787 1.00 49.81 ? 228  GLY A CA    1 
ATOM   1113 C C     . GLY A 1 137 ? -1.984  5.838   -18.541 1.00 51.49 ? 228  GLY A C     1 
ATOM   1114 O O     . GLY A 1 137 ? -1.654  4.655   -18.624 1.00 49.93 ? 228  GLY A O     1 
ATOM   1115 N N     . LEU A 1 138 ? -2.091  6.473   -17.379 1.00 49.79 ? 229  LEU A N     1 
ATOM   1116 C CA    . LEU A 1 138 ? -1.780  5.798   -16.119 1.00 51.59 ? 229  LEU A CA    1 
ATOM   1117 C C     . LEU A 1 138 ? -2.776  4.697   -15.757 1.00 44.37 ? 229  LEU A C     1 
ATOM   1118 O O     . LEU A 1 138 ? -2.416  3.724   -15.109 1.00 43.90 ? 229  LEU A O     1 
ATOM   1119 C CB    . LEU A 1 138 ? -1.610  6.808   -14.980 1.00 52.08 ? 229  LEU A CB    1 
ATOM   1120 C CG    . LEU A 1 138 ? -0.392  7.704   -15.236 1.00 54.80 ? 229  LEU A CG    1 
ATOM   1121 C CD1   . LEU A 1 138 ? -0.222  8.722   -14.138 1.00 58.90 ? 229  LEU A CD1   1 
ATOM   1122 C CD2   . LEU A 1 138 ? 0.871   6.865   -15.385 1.00 54.39 ? 229  LEU A CD2   1 
ATOM   1123 N N     . ILE A 1 139 ? -4.019  4.835   -16.194 1.00 46.25 ? 230  ILE A N     1 
ATOM   1124 C CA    . ILE A 1 139 ? -4.957  3.728   -16.097 1.00 43.43 ? 230  ILE A CA    1 
ATOM   1125 C C     . ILE A 1 139 ? -4.336  2.472   -16.713 1.00 48.60 ? 230  ILE A C     1 
ATOM   1126 O O     . ILE A 1 139 ? -4.371  1.390   -16.117 1.00 43.69 ? 230  ILE A O     1 
ATOM   1127 C CB    . ILE A 1 139 ? -6.264  4.036   -16.842 1.00 47.82 ? 230  ILE A CB    1 
ATOM   1128 C CG1   . ILE A 1 139 ? -6.962  5.248   -16.220 1.00 50.70 ? 230  ILE A CG1   1 
ATOM   1129 C CG2   . ILE A 1 139 ? -7.187  2.822   -16.839 1.00 47.80 ? 230  ILE A CG2   1 
ATOM   1130 C CD1   . ILE A 1 139 ? -8.398  5.439   -16.708 1.00 48.11 ? 230  ILE A CD1   1 
ATOM   1131 N N     . ILE A 1 140 ? -3.769  2.622   -17.912 1.00 42.86 ? 231  ILE A N     1 
ATOM   1132 C CA    . ILE A 1 140 ? -3.156  1.500   -18.615 1.00 41.89 ? 231  ILE A CA    1 
ATOM   1133 C C     . ILE A 1 140 ? -2.036  0.866   -17.793 1.00 39.78 ? 231  ILE A C     1 
ATOM   1134 O O     . ILE A 1 140 ? -1.987  -0.346  -17.611 1.00 40.64 ? 231  ILE A O     1 
ATOM   1135 C CB    . ILE A 1 140 ? -2.596  1.926   -19.994 1.00 43.71 ? 231  ILE A CB    1 
ATOM   1136 C CG1   . ILE A 1 140 ? -3.748  2.222   -20.971 1.00 38.20 ? 231  ILE A CG1   1 
ATOM   1137 C CG2   . ILE A 1 140 ? -1.627  0.867   -20.535 1.00 38.35 ? 231  ILE A CG2   1 
ATOM   1138 C CD1   . ILE A 1 140 ? -4.669  1.030   -21.249 1.00 38.24 ? 231  ILE A CD1   1 
ATOM   1139 N N     . PHE A 1 141 ? -1.129  1.687   -17.297 1.00 39.16 ? 232  PHE A N     1 
ATOM   1140 C CA    . PHE A 1 141 ? -0.022  1.150   -16.531 1.00 42.46 ? 232  PHE A CA    1 
ATOM   1141 C C     . PHE A 1 141 ? -0.473  0.588   -15.175 1.00 42.48 ? 232  PHE A C     1 
ATOM   1142 O O     . PHE A 1 141 ? 0.060   -0.418  -14.717 1.00 40.74 ? 232  PHE A O     1 
ATOM   1143 C CB    . PHE A 1 141 ? 1.103   2.178   -16.448 1.00 45.40 ? 232  PHE A CB    1 
ATOM   1144 C CG    . PHE A 1 141 ? 1.561   2.630   -17.799 1.00 48.68 ? 232  PHE A CG    1 
ATOM   1145 C CD1   . PHE A 1 141 ? 1.316   3.918   -18.244 1.00 54.57 ? 232  PHE A CD1   1 
ATOM   1146 C CD2   . PHE A 1 141 ? 2.170   1.734   -18.664 1.00 51.91 ? 232  PHE A CD2   1 
ATOM   1147 C CE1   . PHE A 1 141 ? 1.711   4.317   -19.517 1.00 50.69 ? 232  PHE A CE1   1 
ATOM   1148 C CE2   . PHE A 1 141 ? 2.563   2.131   -19.941 1.00 46.98 ? 232  PHE A CE2   1 
ATOM   1149 C CZ    . PHE A 1 141 ? 2.329   3.422   -20.361 1.00 46.95 ? 232  PHE A CZ    1 
ATOM   1150 N N     . ALA A 1 142 ? -1.484  1.205   -14.566 1.00 37.71 ? 233  ALA A N     1 
ATOM   1151 C CA    . ALA A 1 142 ? -2.078  0.656   -13.357 1.00 43.65 ? 233  ALA A CA    1 
ATOM   1152 C C     . ALA A 1 142 ? -2.639  -0.732  -13.643 1.00 42.99 ? 233  ALA A C     1 
ATOM   1153 O O     . ALA A 1 142 ? -2.364  -1.678  -12.909 1.00 39.84 ? 233  ALA A O     1 
ATOM   1154 C CB    . ALA A 1 142 ? -3.174  1.576   -12.821 1.00 44.03 ? 233  ALA A CB    1 
ATOM   1155 N N     . LEU A 1 143 ? -3.409  -0.856  -14.724 1.00 40.71 ? 234  LEU A N     1 
ATOM   1156 C CA    . LEU A 1 143 ? -3.970  -2.145  -15.104 1.00 41.12 ? 234  LEU A CA    1 
ATOM   1157 C C     . LEU A 1 143 ? -2.878  -3.198  -15.277 1.00 41.64 ? 234  LEU A C     1 
ATOM   1158 O O     . LEU A 1 143 ? -3.017  -4.335  -14.818 1.00 40.91 ? 234  LEU A O     1 
ATOM   1159 C CB    . LEU A 1 143 ? -4.786  -2.035  -16.395 1.00 41.46 ? 234  LEU A CB    1 
ATOM   1160 C CG    . LEU A 1 143 ? -6.264  -1.684  -16.304 1.00 47.99 ? 234  LEU A CG    1 
ATOM   1161 C CD1   . LEU A 1 143 ? -6.850  -1.569  -17.721 1.00 49.59 ? 234  LEU A CD1   1 
ATOM   1162 C CD2   . LEU A 1 143 ? -7.020  -2.736  -15.491 1.00 48.24 ? 234  LEU A CD2   1 
ATOM   1163 N N     . ILE A 1 144 ? -1.800  -2.819  -15.960 1.00 39.57 ? 235  ILE A N     1 
ATOM   1164 C CA    . ILE A 1 144 ? -0.677  -3.723  -16.155 1.00 37.98 ? 235  ILE A CA    1 
ATOM   1165 C C     . ILE A 1 144 ? -0.086  -4.122  -14.795 1.00 43.43 ? 235  ILE A C     1 
ATOM   1166 O O     . ILE A 1 144 ? 0.216   -5.297  -14.557 1.00 40.52 ? 235  ILE A O     1 
ATOM   1167 C CB    . ILE A 1 144 ? 0.416   -3.083  -17.034 1.00 38.20 ? 235  ILE A CB    1 
ATOM   1168 C CG1   . ILE A 1 144 ? -0.078  -2.916  -18.492 1.00 42.47 ? 235  ILE A CG1   1 
ATOM   1169 C CG2   . ILE A 1 144 ? 1.672   -3.925  -17.012 1.00 37.71 ? 235  ILE A CG2   1 
ATOM   1170 C CD1   . ILE A 1 144 ? 0.949   -2.222  -19.408 1.00 37.77 ? 235  ILE A CD1   1 
ATOM   1171 N N     . TRP A 1 145 ? 0.086   -3.143  -13.907 1.00 37.65 ? 236  TRP A N     1 
ATOM   1172 C CA    . TRP A 1 145 ? 0.572   -3.444  -12.564 1.00 42.34 ? 236  TRP A CA    1 
ATOM   1173 C C     . TRP A 1 145 ? -0.318  -4.479  -11.890 1.00 39.61 ? 236  TRP A C     1 
ATOM   1174 O O     . TRP A 1 145 ? 0.166   -5.451  -11.305 1.00 41.19 ? 236  TRP A O     1 
ATOM   1175 C CB    . TRP A 1 145 ? 0.649   -2.187  -11.707 1.00 39.82 ? 236  TRP A CB    1 
ATOM   1176 C CG    . TRP A 1 145 ? 1.919   -2.122  -10.928 1.00 42.11 ? 236  TRP A CG    1 
ATOM   1177 C CD1   . TRP A 1 145 ? 2.072   -2.256  -9.570  1.00 35.00 ? 236  TRP A CD1   1 
ATOM   1178 C CD2   . TRP A 1 145 ? 3.231   -1.928  -11.465 1.00 42.48 ? 236  TRP A CD2   1 
ATOM   1179 N NE1   . TRP A 1 145 ? 3.403   -2.150  -9.237  1.00 41.55 ? 236  TRP A NE1   1 
ATOM   1180 C CE2   . TRP A 1 145 ? 4.133   -1.943  -10.378 1.00 44.21 ? 236  TRP A CE2   1 
ATOM   1181 C CE3   . TRP A 1 145 ? 3.733   -1.741  -12.760 1.00 46.01 ? 236  TRP A CE3   1 
ATOM   1182 C CZ2   . TRP A 1 145 ? 5.509   -1.783  -10.548 1.00 48.22 ? 236  TRP A CZ2   1 
ATOM   1183 C CZ3   . TRP A 1 145 ? 5.108   -1.568  -12.926 1.00 44.83 ? 236  TRP A CZ3   1 
ATOM   1184 C CH2   . TRP A 1 145 ? 5.976   -1.596  -11.826 1.00 49.07 ? 236  TRP A CH2   1 
ATOM   1185 N N     . ILE A 1 146 ? -1.625  -4.281  -11.995 1.00 38.83 ? 237  ILE A N     1 
ATOM   1186 C CA    . ILE A 1 146 ? -2.570  -5.194  -11.367 1.00 40.06 ? 237  ILE A CA    1 
ATOM   1187 C C     . ILE A 1 146 ? -2.463  -6.580  -11.988 1.00 42.70 ? 237  ILE A C     1 
ATOM   1188 O O     . ILE A 1 146 ? -2.417  -7.589  -11.283 1.00 39.93 ? 237  ILE A O     1 
ATOM   1189 C CB    . ILE A 1 146 ? -3.990  -4.675  -11.479 1.00 40.07 ? 237  ILE A CB    1 
ATOM   1190 C CG1   . ILE A 1 146 ? -4.125  -3.374  -10.687 1.00 42.93 ? 237  ILE A CG1   1 
ATOM   1191 C CG2   . ILE A 1 146 ? -4.993  -5.725  -10.982 1.00 41.36 ? 237  ILE A CG2   1 
ATOM   1192 C CD1   . ILE A 1 146 ? -5.438  -2.637  -10.934 1.00 40.36 ? 237  ILE A CD1   1 
ATOM   1193 N N     . VAL A 1 147 ? -2.416  -6.621  -13.315 1.00 42.93 ? 238  VAL A N     1 
ATOM   1194 C CA    . VAL A 1 147 ? -2.197  -7.871  -14.030 1.00 41.52 ? 238  VAL A CA    1 
ATOM   1195 C C     . VAL A 1 147 ? -0.913  -8.575  -13.572 1.00 40.00 ? 238  VAL A C     1 
ATOM   1196 O O     . VAL A 1 147 ? -0.910  -9.783  -13.349 1.00 41.37 ? 238  VAL A O     1 
ATOM   1197 C CB    . VAL A 1 147 ? -2.152  -7.646  -15.568 1.00 46.16 ? 238  VAL A CB    1 
ATOM   1198 C CG1   . VAL A 1 147 ? -1.711  -8.916  -16.282 1.00 35.45 ? 238  VAL A CG1   1 
ATOM   1199 C CG2   . VAL A 1 147 ? -3.510  -7.182  -16.068 1.00 42.29 ? 238  VAL A CG2   1 
ATOM   1200 N N     . ALA A 1 148 ? 0.178   -7.825  -13.468 1.00 37.01 ? 239  ALA A N     1 
ATOM   1201 C CA    . ALA A 1 148 ? 1.446   -8.376  -12.993 1.00 41.02 ? 239  ALA A CA    1 
ATOM   1202 C C     . ALA A 1 148 ? 1.338   -8.970  -11.571 1.00 43.90 ? 239  ALA A C     1 
ATOM   1203 O O     . ALA A 1 148 ? 1.908   -10.022 -11.274 1.00 41.56 ? 239  ALA A O     1 
ATOM   1204 C CB    . ALA A 1 148 ? 2.546   -7.306  -13.048 1.00 37.53 ? 239  ALA A CB    1 
ATOM   1205 N N     . GLY A 1 149 ? 0.603   -8.299  -10.692 1.00 39.94 ? 240  GLY A N     1 
ATOM   1206 C CA    . GLY A 1 149 ? 0.386   -8.828  -9.356  1.00 40.90 ? 240  GLY A CA    1 
ATOM   1207 C C     . GLY A 1 149 ? -0.428  -10.106 -9.388  1.00 43.45 ? 240  GLY A C     1 
ATOM   1208 O O     . GLY A 1 149 ? -0.060  -11.119 -8.797  1.00 40.71 ? 240  GLY A O     1 
ATOM   1209 N N     . TRP A 1 150 ? -1.533  -10.069 -10.119 1.00 41.41 ? 241  TRP A N     1 
ATOM   1210 C CA    . TRP A 1 150 ? -2.445  -11.201 -10.156 1.00 43.97 ? 241  TRP A CA    1 
ATOM   1211 C C     . TRP A 1 150 ? -1.816  -12.470 -10.726 1.00 47.92 ? 241  TRP A C     1 
ATOM   1212 O O     . TRP A 1 150 ? -2.094  -13.579 -10.262 1.00 50.93 ? 241  TRP A O     1 
ATOM   1213 C CB    . TRP A 1 150 ? -3.694  -10.844 -10.948 1.00 45.48 ? 241  TRP A CB    1 
ATOM   1214 C CG    . TRP A 1 150 ? -4.709  -11.912 -10.892 1.00 50.06 ? 241  TRP A CG    1 
ATOM   1215 C CD1   . TRP A 1 150 ? -5.141  -12.684 -11.922 1.00 52.06 ? 241  TRP A CD1   1 
ATOM   1216 C CD2   . TRP A 1 150 ? -5.410  -12.363 -9.726  1.00 59.62 ? 241  TRP A CD2   1 
ATOM   1217 N NE1   . TRP A 1 150 ? -6.089  -13.574 -11.480 1.00 55.92 ? 241  TRP A NE1   1 
ATOM   1218 C CE2   . TRP A 1 150 ? -6.270  -13.402 -10.134 1.00 58.65 ? 241  TRP A CE2   1 
ATOM   1219 C CE3   . TRP A 1 150 ? -5.398  -11.984 -8.377  1.00 59.33 ? 241  TRP A CE3   1 
ATOM   1220 C CZ2   . TRP A 1 150 ? -7.117  -14.070 -9.243  1.00 62.57 ? 241  TRP A CZ2   1 
ATOM   1221 C CZ3   . TRP A 1 150 ? -6.240  -12.651 -7.490  1.00 64.91 ? 241  TRP A CZ3   1 
ATOM   1222 C CH2   . TRP A 1 150 ? -7.090  -13.682 -7.932  1.00 56.90 ? 241  TRP A CH2   1 
ATOM   1223 N N     . PHE A 1 151 ? -0.958  -12.307 -11.727 1.00 44.57 ? 242  PHE A N     1 
ATOM   1224 C CA    . PHE A 1 151 ? -0.377  -13.451 -12.418 1.00 44.71 ? 242  PHE A CA    1 
ATOM   1225 C C     . PHE A 1 151 ? 1.049   -13.713 -12.001 1.00 45.66 ? 242  PHE A C     1 
ATOM   1226 O O     . PHE A 1 151 ? 1.756   -14.498 -12.632 1.00 50.20 ? 242  PHE A O     1 
ATOM   1227 C CB    . PHE A 1 151 ? -0.502  -13.273 -13.937 1.00 39.83 ? 242  PHE A CB    1 
ATOM   1228 C CG    . PHE A 1 151 ? -1.911  -13.386 -14.419 1.00 40.21 ? 242  PHE A CG    1 
ATOM   1229 C CD1   . PHE A 1 151 ? -2.664  -12.256 -14.666 1.00 40.77 ? 242  PHE A CD1   1 
ATOM   1230 C CD2   . PHE A 1 151 ? -2.505  -14.629 -14.560 1.00 42.53 ? 242  PHE A CD2   1 
ATOM   1231 C CE1   . PHE A 1 151 ? -3.971  -12.357 -15.078 1.00 41.23 ? 242  PHE A CE1   1 
ATOM   1232 C CE2   . PHE A 1 151 ? -3.820  -14.741 -14.969 1.00 40.93 ? 242  PHE A CE2   1 
ATOM   1233 C CZ    . PHE A 1 151 ? -4.556  -13.607 -15.229 1.00 45.66 ? 242  PHE A CZ    1 
ATOM   1234 N N     . ASP A 1 152 ? 1.461   -13.053 -10.925 1.00 46.32 ? 243  ASP A N     1 
ATOM   1235 C CA    . ASP A 1 152 ? 2.781   -13.254 -10.350 1.00 46.09 ? 243  ASP A CA    1 
ATOM   1236 C C     . ASP A 1 152 ? 3.883   -13.021 -11.387 1.00 48.98 ? 243  ASP A C     1 
ATOM   1237 O O     . ASP A 1 152 ? 4.771   -13.854 -11.570 1.00 49.55 ? 243  ASP A O     1 
ATOM   1238 C CB    . ASP A 1 152 ? 2.890   -14.654 -9.724  1.00 50.34 ? 243  ASP A CB    1 
ATOM   1239 C CG    . ASP A 1 152 ? 1.786   -14.930 -8.683  1.00 58.50 ? 243  ASP A CG    1 
ATOM   1240 O OD1   . ASP A 1 152 ? 0.884   -15.756 -8.968  1.00 59.86 ? 243  ASP A OD1   1 
ATOM   1241 O OD2   . ASP A 1 152 ? 1.816   -14.318 -7.585  1.00 57.32 ? 243  ASP A OD2   1 
ATOM   1242 N N     . LEU A 1 153 ? 3.832   -11.865 -12.044 1.00 46.16 ? 244  LEU A N     1 
ATOM   1243 C CA    . LEU A 1 153 ? 4.792   -11.528 -13.091 1.00 46.53 ? 244  LEU A CA    1 
ATOM   1244 C C     . LEU A 1 153 ? 5.969   -10.681 -12.593 1.00 49.30 ? 244  LEU A C     1 
ATOM   1245 O O     . LEU A 1 153 ? 6.799   -10.256 -13.386 1.00 48.90 ? 244  LEU A O     1 
ATOM   1246 C CB    . LEU A 1 153 ? 4.084   -10.797 -14.240 1.00 42.97 ? 244  LEU A CB    1 
ATOM   1247 C CG    . LEU A 1 153 ? 2.917   -11.510 -14.923 1.00 43.20 ? 244  LEU A CG    1 
ATOM   1248 C CD1   . LEU A 1 153 ? 2.452   -10.714 -16.134 1.00 41.00 ? 244  LEU A CD1   1 
ATOM   1249 C CD2   . LEU A 1 153 ? 3.304   -12.926 -15.326 1.00 41.62 ? 244  LEU A CD2   1 
ATOM   1250 N N     . PHE A 1 154 ? 6.038   -10.445 -11.285 1.00 47.17 ? 245  PHE A N     1 
ATOM   1251 C CA    . PHE A 1 154 ? 7.080   -9.590  -10.711 1.00 48.67 ? 245  PHE A CA    1 
ATOM   1252 C C     . PHE A 1 154 ? 8.326   -10.379 -10.326 1.00 52.54 ? 245  PHE A C     1 
ATOM   1253 O O     . PHE A 1 154 ? 9.375   -9.804  -10.067 1.00 55.23 ? 245  PHE A O     1 
ATOM   1254 C CB    . PHE A 1 154 ? 6.569   -8.831  -9.474  1.00 48.16 ? 245  PHE A CB    1 
ATOM   1255 C CG    . PHE A 1 154 ? 5.654   -7.672  -9.793  1.00 47.46 ? 245  PHE A CG    1 
ATOM   1256 C CD1   . PHE A 1 154 ? 6.102   -6.603  -10.558 1.00 45.89 ? 245  PHE A CD1   1 
ATOM   1257 C CD2   . PHE A 1 154 ? 4.354   -7.641  -9.303  1.00 44.17 ? 245  PHE A CD2   1 
ATOM   1258 C CE1   . PHE A 1 154 ? 5.270   -5.542  -10.840 1.00 41.90 ? 245  PHE A CE1   1 
ATOM   1259 C CE2   . PHE A 1 154 ? 3.517   -6.577  -9.579  1.00 40.63 ? 245  PHE A CE2   1 
ATOM   1260 C CZ    . PHE A 1 154 ? 3.975   -5.525  -10.353 1.00 40.86 ? 245  PHE A CZ    1 
ATOM   1261 N N     . GLY A 1 155 ? 8.214   -11.697 -10.280 1.00 54.85 ? 246  GLY A N     1 
ATOM   1262 C CA    . GLY A 1 155 ? 9.325   -12.499 -9.805  1.00 60.10 ? 246  GLY A CA    1 
ATOM   1263 C C     . GLY A 1 155 ? 9.495   -12.318 -8.307  1.00 61.77 ? 246  GLY A C     1 
ATOM   1264 O O     . GLY A 1 155 ? 10.606  -12.120 -7.813  1.00 63.31 ? 246  GLY A O     1 
ATOM   1265 N N     . MET A 1 156 ? 8.370   -12.364 -7.593  1.00 58.45 ? 247  MET A N     1 
ATOM   1266 C CA    . MET A 1 156 ? 8.348   -12.286 -6.137  1.00 62.26 ? 247  MET A CA    1 
ATOM   1267 C C     . MET A 1 156 ? 7.743   -13.561 -5.569  1.00 63.40 ? 247  MET A C     1 
ATOM   1268 O O     . MET A 1 156 ? 6.759   -14.083 -6.100  1.00 58.80 ? 247  MET A O     1 
ATOM   1269 C CB    . MET A 1 156 ? 7.516   -11.091 -5.665  1.00 60.66 ? 247  MET A CB    1 
ATOM   1270 C CG    . MET A 1 156 ? 8.227   -9.741  -5.694  1.00 63.46 ? 247  MET A CG    1 
ATOM   1271 S SD    . MET A 1 156 ? 7.023   -8.391  -5.573  1.00 66.82 ? 247  MET A SD    1 
ATOM   1272 C CE    . MET A 1 156 ? 6.043   -8.963  -4.184  1.00 58.29 ? 247  MET A CE    1 
ATOM   1273 N N     . SER A 1 157 ? 8.336   -14.055 -4.485  1.00 65.38 ? 248  SER A N     1 
ATOM   1274 C CA    . SER A 1 157 ? 7.814   -15.226 -3.787  1.00 69.92 ? 248  SER A CA    1 
ATOM   1275 C C     . SER A 1 157 ? 6.543   -14.875 -3.001  1.00 68.20 ? 248  SER A C     1 
ATOM   1276 O O     . SER A 1 157 ? 5.642   -15.704 -2.861  1.00 67.97 ? 248  SER A O     1 
ATOM   1277 C CB    . SER A 1 157 ? 8.882   -15.828 -2.867  1.00 74.78 ? 248  SER A CB    1 
ATOM   1278 O OG    . SER A 1 157 ? 9.330   -14.886 -1.903  1.00 76.28 ? 248  SER A OG    1 
ATOM   1279 N N     . MET A 1 158 ? 6.486   -13.641 -2.495  1.00 72.69 ? 249  MET A N     1 
ATOM   1280 C CA    . MET A 1 158 ? 5.293   -13.100 -1.835  1.00 67.82 ? 249  MET A CA    1 
ATOM   1281 C C     . MET A 1 158 ? 4.020   -13.544 -2.534  1.00 62.38 ? 249  MET A C     1 
ATOM   1282 O O     . MET A 1 158 ? 3.965   -13.544 -3.760  1.00 61.16 ? 249  MET A O     1 
ATOM   1283 C CB    . MET A 1 158 ? 5.328   -11.570 -1.871  1.00 60.33 ? 249  MET A CB    1 
ATOM   1284 C CG    . MET A 1 158 ? 6.268   -10.927 -0.889  1.00 61.78 ? 249  MET A CG    1 
ATOM   1285 S SD    . MET A 1 158 ? 5.406   -10.532 0.648   1.00 48.58 ? 249  MET A SD    1 
ATOM   1286 C CE    . MET A 1 158 ? 6.777   -10.041 1.631   1.00 45.46 ? 249  MET A CE    1 
ATOM   1287 N N     . ALA A 1 159 ? 2.995   -13.900 -1.758  1.00 60.24 ? 250  ALA A N     1 
ATOM   1288 C CA    . ALA A 1 159 ? 1.688   -14.232 -2.335  1.00 65.08 ? 250  ALA A CA    1 
ATOM   1289 C C     . ALA A 1 159 ? 0.997   -12.944 -2.779  1.00 59.10 ? 250  ALA A C     1 
ATOM   1290 O O     . ALA A 1 159 ? 1.624   -11.891 -2.790  1.00 63.12 ? 250  ALA A O     1 
ATOM   1291 C CB    . ALA A 1 159 ? 0.827   -15.000 -1.335  1.00 67.69 ? 250  ALA A CB    1 
ATOM   1292 N N     . ASN A 1 160 ? -0.281  -13.015 -3.135  1.00 57.70 ? 251  ASN A N     1 
ATOM   1293 C CA    . ASN A 1 160 ? -0.979  -11.823 -3.650  1.00 58.25 ? 251  ASN A CA    1 
ATOM   1294 C C     . ASN A 1 160 ? -2.421  -11.622 -3.129  1.00 53.57 ? 251  ASN A C     1 
ATOM   1295 O O     . ASN A 1 160 ? -3.292  -11.071 -3.830  1.00 41.56 ? 251  ASN A O     1 
ATOM   1296 C CB    . ASN A 1 160 ? -0.959  -11.815 -5.184  1.00 57.74 ? 251  ASN A CB    1 
ATOM   1297 C CG    . ASN A 1 160 ? -1.680  -13.006 -5.777  1.00 57.11 ? 251  ASN A CG    1 
ATOM   1298 O OD1   . ASN A 1 160 ? -2.444  -13.686 -5.082  1.00 58.20 ? 251  ASN A OD1   1 
ATOM   1299 N ND2   . ASN A 1 160 ? -1.443  -13.273 -7.063  1.00 52.27 ? 251  ASN A ND2   1 
ATOM   1300 N N     . GLY A 1 161 ? -2.668  -12.089 -1.903  1.00 57.46 ? 252  GLY A N     1 
ATOM   1301 C CA    . GLY A 1 161 ? -3.910  -11.784 -1.208  1.00 42.75 ? 252  GLY A CA    1 
ATOM   1302 C C     . GLY A 1 161 ? -3.895  -10.305 -0.859  1.00 42.32 ? 252  GLY A C     1 
ATOM   1303 O O     . GLY A 1 161 ? -4.891  -9.601  -1.008  1.00 43.69 ? 252  GLY A O     1 
ATOM   1304 N N     . ALA A 1 162 ? -2.739  -9.828  -0.412  1.00 40.81 ? 253  ALA A N     1 
ATOM   1305 C CA    . ALA A 1 162 ? -2.564  -8.412  -0.125  1.00 41.50 ? 253  ALA A CA    1 
ATOM   1306 C C     . ALA A 1 162 ? -3.008  -7.534  -1.303  1.00 41.56 ? 253  ALA A C     1 
ATOM   1307 O O     . ALA A 1 162 ? -3.640  -6.486  -1.111  1.00 37.82 ? 253  ALA A O     1 
ATOM   1308 C CB    . ALA A 1 162 ? -1.115  -8.122  0.244   1.00 39.07 ? 253  ALA A CB    1 
ATOM   1309 N N     . HIS A 1 163 ? -2.679  -7.971  -2.514  1.00 38.18 ? 254  HIS A N     1 
ATOM   1310 C CA    . HIS A 1 163 ? -2.946  -7.186  -3.716  1.00 41.01 ? 254  HIS A CA    1 
ATOM   1311 C C     . HIS A 1 163 ? -4.437  -6.966  -3.948  1.00 36.21 ? 254  HIS A C     1 
ATOM   1312 O O     . HIS A 1 163 ? -4.882  -5.836  -4.107  1.00 37.90 ? 254  HIS A O     1 
ATOM   1313 C CB    . HIS A 1 163 ? -2.346  -7.861  -4.954  1.00 40.06 ? 254  HIS A CB    1 
ATOM   1314 C CG    . HIS A 1 163 ? -0.848  -7.940  -4.957  1.00 41.52 ? 254  HIS A CG    1 
ATOM   1315 N ND1   . HIS A 1 163 ? -0.156  -8.545  -5.987  1.00 42.76 ? 254  HIS A ND1   1 
ATOM   1316 C CD2   . HIS A 1 163 ? 0.089   -7.504  -4.075  1.00 40.37 ? 254  HIS A CD2   1 
ATOM   1317 C CE1   . HIS A 1 163 ? 1.141   -8.476  -5.750  1.00 42.24 ? 254  HIS A CE1   1 
ATOM   1318 N NE2   . HIS A 1 163 ? 1.311   -7.836  -4.610  1.00 41.38 ? 254  HIS A NE2   1 
ATOM   1319 N N     . ILE A 1 164 ? -5.209  -8.048  -3.962  1.00 37.13 ? 255  ILE A N     1 
ATOM   1320 C CA    . ILE A 1 164 ? -6.628  -7.955  -4.302  1.00 35.85 ? 255  ILE A CA    1 
ATOM   1321 C C     . ILE A 1 164 ? -7.453  -7.291  -3.194  1.00 39.27 ? 255  ILE A C     1 
ATOM   1322 O O     . ILE A 1 164 ? -8.389  -6.531  -3.456  1.00 37.87 ? 255  ILE A O     1 
ATOM   1323 C CB    . ILE A 1 164 ? -7.207  -9.339  -4.626  1.00 41.60 ? 255  ILE A CB    1 
ATOM   1324 C CG1   . ILE A 1 164 ? -8.679  -9.206  -5.031  1.00 48.87 ? 255  ILE A CG1   1 
ATOM   1325 C CG2   . ILE A 1 164 ? -7.026  -10.292 -3.434  1.00 47.35 ? 255  ILE A CG2   1 
ATOM   1326 C CD1   . ILE A 1 164 ? -9.429  -10.521 -5.138  1.00 52.93 ? 255  ILE A CD1   1 
ATOM   1327 N N     . ALA A 1 165 ? -7.101  -7.581  -1.951  1.00 40.99 ? 256  ALA A N     1 
ATOM   1328 C CA    . ALA A 1 165 ? -7.744  -6.944  -0.813  1.00 35.86 ? 256  ALA A CA    1 
ATOM   1329 C C     . ALA A 1 165 ? -7.497  -5.438  -0.840  1.00 37.87 ? 256  ALA A C     1 
ATOM   1330 O O     . ALA A 1 165 ? -8.392  -4.652  -0.561  1.00 41.54 ? 256  ALA A O     1 
ATOM   1331 C CB    . ALA A 1 165 ? -7.230  -7.552  0.477   1.00 35.02 ? 256  ALA A CB    1 
ATOM   1332 N N     . GLY A 1 166 ? -6.276  -5.036  -1.187  1.00 39.54 ? 257  GLY A N     1 
ATOM   1333 C CA    . GLY A 1 166 ? -5.951  -3.624  -1.313  1.00 36.58 ? 257  GLY A CA    1 
ATOM   1334 C C     . GLY A 1 166 ? -6.806  -2.936  -2.370  1.00 39.62 ? 257  GLY A C     1 
ATOM   1335 O O     . GLY A 1 166 ? -7.418  -1.896  -2.120  1.00 38.41 ? 257  GLY A O     1 
ATOM   1336 N N     . LEU A 1 167 ? -6.843  -3.515  -3.565  1.00 35.93 ? 258  LEU A N     1 
ATOM   1337 C CA    . LEU A 1 167 ? -7.619  -2.924  -4.651  1.00 38.05 ? 258  LEU A CA    1 
ATOM   1338 C C     . LEU A 1 167 ? -9.101  -2.815  -4.281  1.00 39.63 ? 258  LEU A C     1 
ATOM   1339 O O     . LEU A 1 167 ? -9.732  -1.782  -4.503  1.00 38.05 ? 258  LEU A O     1 
ATOM   1340 C CB    . LEU A 1 167 ? -7.455  -3.748  -5.919  1.00 36.11 ? 258  LEU A CB    1 
ATOM   1341 C CG    . LEU A 1 167 ? -8.363  -3.379  -7.095  1.00 40.10 ? 258  LEU A CG    1 
ATOM   1342 C CD1   . LEU A 1 167 ? -8.090  -1.955  -7.562  1.00 39.19 ? 258  LEU A CD1   1 
ATOM   1343 C CD2   . LEU A 1 167 ? -8.152  -4.382  -8.219  1.00 37.79 ? 258  LEU A CD2   1 
ATOM   1344 N N     . ALA A 1 168 ? -9.639  -3.889  -3.711  1.00 39.98 ? 259  ALA A N     1 
ATOM   1345 C CA    . ALA A 1 168 ? -11.036 -3.938  -3.293  1.00 40.59 ? 259  ALA A CA    1 
ATOM   1346 C C     . ALA A 1 168 ? -11.339 -2.818  -2.313  1.00 42.68 ? 259  ALA A C     1 
ATOM   1347 O O     . ALA A 1 168 ? -12.388 -2.181  -2.391  1.00 44.98 ? 259  ALA A O     1 
ATOM   1348 C CB    . ALA A 1 168 ? -11.340 -5.281  -2.653  1.00 41.55 ? 259  ALA A CB    1 
ATOM   1349 N N     . VAL A 1 169 ? -10.418 -2.595  -1.382  1.00 38.51 ? 260  VAL A N     1 
ATOM   1350 C CA    . VAL A 1 169 ? -10.574 -1.555  -0.385  1.00 40.73 ? 260  VAL A CA    1 
ATOM   1351 C C     . VAL A 1 169 ? -10.626 -0.177  -1.020  1.00 42.20 ? 260  VAL A C     1 
ATOM   1352 O O     . VAL A 1 169 ? -11.450 0.657   -0.640  1.00 38.79 ? 260  VAL A O     1 
ATOM   1353 C CB    . VAL A 1 169 ? -9.418  -1.577  0.639   1.00 40.36 ? 260  VAL A CB    1 
ATOM   1354 C CG1   . VAL A 1 169 ? -9.234  -0.205  1.263   1.00 39.17 ? 260  VAL A CG1   1 
ATOM   1355 C CG2   . VAL A 1 169 ? -9.671  -2.621  1.700   1.00 39.56 ? 260  VAL A CG2   1 
ATOM   1356 N N     . GLY A 1 170 ? -9.725  0.073   -1.968  1.00 39.04 ? 261  GLY A N     1 
ATOM   1357 C CA    . GLY A 1 170 ? -9.650  1.372   -2.613  1.00 36.52 ? 261  GLY A CA    1 
ATOM   1358 C C     . GLY A 1 170 ? -10.936 1.667   -3.369  1.00 40.95 ? 261  GLY A C     1 
ATOM   1359 O O     . GLY A 1 170 ? -11.480 2.770   -3.294  1.00 41.65 ? 261  GLY A O     1 
ATOM   1360 N N     . LEU A 1 171 ? -11.415 0.673   -4.107  1.00 38.69 ? 262  LEU A N     1 
ATOM   1361 C CA    . LEU A 1 171 ? -12.666 0.801   -4.851  1.00 43.23 ? 262  LEU A CA    1 
ATOM   1362 C C     . LEU A 1 171 ? -13.828 1.107   -3.909  1.00 42.60 ? 262  LEU A C     1 
ATOM   1363 O O     . LEU A 1 171 ? -14.615 2.007   -4.165  1.00 43.66 ? 262  LEU A O     1 
ATOM   1364 C CB    . LEU A 1 171 ? -12.957 -0.476  -5.640  1.00 38.18 ? 262  LEU A CB    1 
ATOM   1365 C CG    . LEU A 1 171 ? -12.018 -0.870  -6.783  1.00 40.61 ? 262  LEU A CG    1 
ATOM   1366 C CD1   . LEU A 1 171 ? -12.348 -2.282  -7.273  1.00 44.99 ? 262  LEU A CD1   1 
ATOM   1367 C CD2   . LEU A 1 171 ? -12.077 0.128   -7.936  1.00 36.78 ? 262  LEU A CD2   1 
ATOM   1368 N N     . ALA A 1 172 ? -13.917 0.362   -2.811  1.00 45.50 ? 263  ALA A N     1 
ATOM   1369 C CA    . ALA A 1 172 ? -15.004 0.514   -1.840  1.00 44.72 ? 263  ALA A CA    1 
ATOM   1370 C C     . ALA A 1 172 ? -15.051 1.913   -1.224  1.00 47.30 ? 263  ALA A C     1 
ATOM   1371 O O     . ALA A 1 172 ? -16.120 2.504   -1.040  1.00 48.26 ? 263  ALA A O     1 
ATOM   1372 C CB    . ALA A 1 172 ? -14.871 -0.537  -0.743  1.00 45.77 ? 263  ALA A CB    1 
ATOM   1373 N N     . MET A 1 173 ? -13.881 2.434   -0.886  1.00 43.59 ? 264  MET A N     1 
ATOM   1374 C CA    . MET A 1 173 ? -13.789 3.762   -0.313  1.00 45.99 ? 264  MET A CA    1 
ATOM   1375 C C     . MET A 1 173 ? -14.173 4.855   -1.322  1.00 48.07 ? 264  MET A C     1 
ATOM   1376 O O     . MET A 1 173 ? -14.745 5.879   -0.948  1.00 45.84 ? 264  MET A O     1 
ATOM   1377 C CB    . MET A 1 173 ? -12.380 3.996   0.247   1.00 44.07 ? 264  MET A CB    1 
ATOM   1378 C CG    . MET A 1 173 ? -12.073 3.174   1.510   1.00 41.21 ? 264  MET A CG    1 
ATOM   1379 S SD    . MET A 1 173 ? -10.479 3.624   2.238   1.00 41.40 ? 264  MET A SD    1 
ATOM   1380 C CE    . MET A 1 173 ? -10.799 5.281   2.873   1.00 36.49 ? 264  MET A CE    1 
ATOM   1381 N N     . ALA A 1 174 ? -13.837 4.644   -2.592  1.00 46.90 ? 265  ALA A N     1 
ATOM   1382 C CA    . ALA A 1 174 ? -14.206 5.593   -3.637  1.00 49.35 ? 265  ALA A CA    1 
ATOM   1383 C C     . ALA A 1 174 ? -15.721 5.591   -3.793  1.00 47.43 ? 265  ALA A C     1 
ATOM   1384 O O     . ALA A 1 174 ? -16.357 6.636   -3.882  1.00 50.59 ? 265  ALA A O     1 
ATOM   1385 C CB    . ALA A 1 174 ? -13.523 5.234   -4.967  1.00 42.95 ? 265  ALA A CB    1 
ATOM   1386 N N     . PHE A 1 175 ? -16.289 4.398   -3.822  1.00 43.81 ? 266  PHE A N     1 
ATOM   1387 C CA    . PHE A 1 175 ? -17.723 4.242   -3.888  1.00 51.51 ? 266  PHE A CA    1 
ATOM   1388 C C     . PHE A 1 175 ? -18.399 5.062   -2.784  1.00 54.21 ? 266  PHE A C     1 
ATOM   1389 O O     . PHE A 1 175 ? -19.210 5.949   -3.054  1.00 53.81 ? 266  PHE A O     1 
ATOM   1390 C CB    . PHE A 1 175 ? -18.077 2.767   -3.745  1.00 53.44 ? 266  PHE A CB    1 
ATOM   1391 C CG    . PHE A 1 175 ? -19.543 2.506   -3.679  1.00 60.72 ? 266  PHE A CG    1 
ATOM   1392 C CD1   . PHE A 1 175 ? -20.280 2.339   -4.841  1.00 63.13 ? 266  PHE A CD1   1 
ATOM   1393 C CD2   . PHE A 1 175 ? -20.191 2.428   -2.456  1.00 61.01 ? 266  PHE A CD2   1 
ATOM   1394 C CE1   . PHE A 1 175 ? -21.644 2.096   -4.783  1.00 65.43 ? 266  PHE A CE1   1 
ATOM   1395 C CE2   . PHE A 1 175 ? -21.551 2.185   -2.389  1.00 61.87 ? 266  PHE A CE2   1 
ATOM   1396 C CZ    . PHE A 1 175 ? -22.278 2.019   -3.556  1.00 63.66 ? 266  PHE A CZ    1 
ATOM   1397 N N     . VAL A 1 176 ? -18.045 4.760   -1.540  1.00 50.72 ? 267  VAL A N     1 
ATOM   1398 C CA    . VAL A 1 176 ? -18.586 5.456   -0.385  1.00 48.07 ? 267  VAL A CA    1 
ATOM   1399 C C     . VAL A 1 176 ? -18.393 6.963   -0.486  1.00 49.69 ? 267  VAL A C     1 
ATOM   1400 O O     . VAL A 1 176 ? -19.287 7.733   -0.148  1.00 53.16 ? 267  VAL A O     1 
ATOM   1401 C CB    . VAL A 1 176 ? -17.912 4.955   0.911   1.00 48.12 ? 267  VAL A CB    1 
ATOM   1402 C CG1   . VAL A 1 176 ? -18.127 5.940   2.049   1.00 46.72 ? 267  VAL A CG1   1 
ATOM   1403 C CG2   . VAL A 1 176 ? -18.414 3.564   1.261   1.00 47.68 ? 267  VAL A CG2   1 
ATOM   1404 N N     . ASP A 1 177 ? -17.220 7.382   -0.944  1.00 49.32 ? 268  ASP A N     1 
ATOM   1405 C CA    . ASP A 1 177 ? -16.863 8.797   -0.968  1.00 49.94 ? 268  ASP A CA    1 
ATOM   1406 C C     . ASP A 1 177 ? -17.595 9.582   -2.051  1.00 54.90 ? 268  ASP A C     1 
ATOM   1407 O O     . ASP A 1 177 ? -17.835 10.779  -1.905  1.00 57.58 ? 268  ASP A O     1 
ATOM   1408 C CB    . ASP A 1 177 ? -15.354 8.961   -1.160  1.00 50.18 ? 268  ASP A CB    1 
ATOM   1409 C CG    . ASP A 1 177 ? -14.578 8.731   0.111   1.00 52.77 ? 268  ASP A CG    1 
ATOM   1410 O OD1   . ASP A 1 177 ? -15.185 8.267   1.106   1.00 52.28 ? 268  ASP A OD1   1 
ATOM   1411 O OD2   . ASP A 1 177 ? -13.362 9.015   0.120   1.00 47.95 ? 268  ASP A OD2   1 
ATOM   1412 N N     . SER A 1 178 ? -17.938 8.913   -3.142  1.00 54.01 ? 269  SER A N     1 
ATOM   1413 C CA    . SER A 1 178 ? -18.562 9.603   -4.262  1.00 60.26 ? 269  SER A CA    1 
ATOM   1414 C C     . SER A 1 178 ? -20.051 9.799   -3.993  1.00 63.76 ? 269  SER A C     1 
ATOM   1415 O O     . SER A 1 178 ? -20.718 10.564  -4.691  1.00 66.62 ? 269  SER A O     1 
ATOM   1416 C CB    . SER A 1 178 ? -18.308 8.861   -5.582  1.00 56.15 ? 269  SER A CB    1 
ATOM   1417 O OG    . SER A 1 178 ? -18.857 7.557   -5.552  1.00 63.15 ? 269  SER A OG    1 
ATOM   1418 N N     . LEU A 1 179 ? -20.559 9.117   -2.969  1.00 61.07 ? 270  LEU A N     1 
ATOM   1419 C CA    . LEU A 1 179 ? -21.935 9.325   -2.529  1.00 65.20 ? 270  LEU A CA    1 
ATOM   1420 C C     . LEU A 1 179 ? -22.078 10.726  -1.924  1.00 69.92 ? 270  LEU A C     1 
ATOM   1421 O O     . LEU A 1 179 ? -23.086 11.404  -2.141  1.00 72.71 ? 270  LEU A O     1 
ATOM   1422 C CB    . LEU A 1 179 ? -22.363 8.254   -1.514  1.00 58.14 ? 270  LEU A CB    1 
ATOM   1423 C CG    . LEU A 1 179 ? -22.393 6.807   -2.018  1.00 59.68 ? 270  LEU A CG    1 
ATOM   1424 C CD1   . LEU A 1 179 ? -22.768 5.827   -0.912  1.00 55.64 ? 270  LEU A CD1   1 
ATOM   1425 C CD2   . LEU A 1 179 ? -23.341 6.667   -3.197  1.00 61.19 ? 270  LEU A CD2   1 
ATOM   1426 O OXT   . LEU A 1 179 ? -21.187 11.220  -1.221  1.00 64.48 ? 270  LEU A OXT   1 
HETATM 1427 O O1    . ISM B 2 .   ? 3.768   -4.588  -1.564  1.00 31.34 ? 401  ISM A O1    1 
HETATM 1428 C C1    . ISM B 2 .   ? 3.304   -5.496  -2.234  1.00 35.41 ? 401  ISM A C1    1 
HETATM 1429 C C2    . ISM B 2 .   ? 2.946   -6.743  -1.713  1.00 33.53 ? 401  ISM A C2    1 
HETATM 1430 C C3    . ISM B 2 .   ? 2.855   -6.933  -0.330  1.00 37.55 ? 401  ISM A C3    1 
HETATM 1431 C C4    . ISM B 2 .   ? 2.485   -8.172  0.197   1.00 36.28 ? 401  ISM A C4    1 
HETATM 1432 N N1    . ISM B 2 .   ? 2.421   -8.359  1.505   1.00 39.99 ? 401  ISM A N1    1 
HETATM 1433 C C5    . ISM B 2 .   ? 2.160   -9.218  -0.645  1.00 42.02 ? 401  ISM A C5    1 
HETATM 1434 C C6    . ISM B 2 .   ? 2.231   -9.024  -2.018  1.00 40.12 ? 401  ISM A C6    1 
HETATM 1435 C C7    . ISM B 2 .   ? 2.585   -7.794  -2.568  1.00 41.12 ? 401  ISM A C7    1 
HETATM 1436 C C8    . ISM B 2 .   ? 2.621   -7.743  -3.988  1.00 39.58 ? 401  ISM A C8    1 
HETATM 1437 C C9    . ISM B 2 .   ? 3.499   -6.670  -4.676  1.00 40.57 ? 401  ISM A C9    1 
HETATM 1438 O O2    . ISM B 2 .   ? 4.593   -6.338  -4.225  1.00 40.63 ? 401  ISM A O2    1 
HETATM 1439 O O3    . ISM B 2 .   ? 2.992   -6.148  -5.839  1.00 43.68 ? 401  ISM A O3    1 
HETATM 1440 C C10   . ISM B 2 .   ? 3.869   -5.144  -6.357  1.00 40.78 ? 401  ISM A C10   1 
HETATM 1441 C "C1'" . BNG C 3 .   ? 5.421   5.640   11.699  1.00 59.40 ? 501  BNG A "C1'" 1 
HETATM 1442 C "C2'" . BNG C 3 .   ? 5.560   6.553   10.480  1.00 56.54 ? 501  BNG A "C2'" 1 
HETATM 1443 C "C3'" . BNG C 3 .   ? 4.771   6.020   9.289   1.00 48.31 ? 501  BNG A "C3'" 1 
HETATM 1444 C "C4'" . BNG C 3 .   ? 4.169   7.176   8.502   1.00 51.09 ? 501  BNG A "C4'" 1 
HETATM 1445 C "C5'" . BNG C 3 .   ? 3.084   6.716   7.533   1.00 46.79 ? 501  BNG A "C5'" 1 
HETATM 1446 C "C6'" . BNG C 3 .   ? 1.709   7.190   7.998   1.00 46.28 ? 501  BNG A "C6'" 1 
HETATM 1447 C "C7'" . BNG C 3 .   ? 0.608   6.875   6.985   1.00 43.91 ? 501  BNG A "C7'" 1 
HETATM 1448 C "C8'" . BNG C 3 .   ? -0.728  6.701   7.676   1.00 40.23 ? 501  BNG A "C8'" 1 
HETATM 1449 C "C1'" . BNG D 3 .   ? -12.484 -1.532  -15.806 1.00 58.30 ? 502  BNG A "C1'" 1 
HETATM 1450 C "C2'" . BNG D 3 .   ? -11.457 -0.900  -16.742 1.00 62.02 ? 502  BNG A "C2'" 1 
HETATM 1451 C "C3'" . BNG D 3 .   ? -10.533 0.064   -16.008 1.00 52.93 ? 502  BNG A "C3'" 1 
HETATM 1452 C "C4'" . BNG D 3 .   ? -9.925  -0.568  -14.756 1.00 54.09 ? 502  BNG A "C4'" 1 
HETATM 1453 C "C5'" . BNG D 3 .   ? -9.003  0.441   -14.079 1.00 46.33 ? 502  BNG A "C5'" 1 
HETATM 1454 C "C6'" . BNG D 3 .   ? -8.680  0.071   -12.637 1.00 52.88 ? 502  BNG A "C6'" 1 
HETATM 1455 C "C7'" . BNG D 3 .   ? -7.387  0.767   -12.224 1.00 49.47 ? 502  BNG A "C7'" 1 
HETATM 1456 C "C8'" . BNG D 3 .   ? -7.093  0.489   -10.772 1.00 50.08 ? 502  BNG A "C8'" 1 
HETATM 1457 C "C1'" . BNG E 3 .   ? 19.964  5.998   8.347   1.00 65.44 ? 503  BNG A "C1'" 1 
HETATM 1458 C "C2'" . BNG E 3 .   ? 18.569  5.620   8.845   1.00 52.15 ? 503  BNG A "C2'" 1 
HETATM 1459 C "C3'" . BNG E 3 .   ? 18.556  5.461   10.361  1.00 59.56 ? 503  BNG A "C3'" 1 
HETATM 1460 C "C4'" . BNG E 3 .   ? 19.331  4.224   10.808  1.00 62.08 ? 503  BNG A "C4'" 1 
HETATM 1461 C "C5'" . BNG E 3 .   ? 18.739  2.963   10.187  1.00 55.65 ? 503  BNG A "C5'" 1 
HETATM 1462 C "C6'" . BNG E 3 .   ? 19.526  1.717   10.587  1.00 56.60 ? 503  BNG A "C6'" 1 
HETATM 1463 C "C7'" . BNG E 3 .   ? 19.380  1.422   12.078  1.00 61.74 ? 503  BNG A "C7'" 1 
HETATM 1464 C "C8'" . BNG E 3 .   ? 19.839  0.015   12.409  1.00 58.91 ? 503  BNG A "C8'" 1 
HETATM 1465 C C1    . BNG F 3 .   ? 5.878   0.920   21.613  1.00 65.31 ? 504  BNG A C1    1 
HETATM 1466 C "C1'" . BNG F 3 .   ? 7.028   0.606   19.559  1.00 62.69 ? 504  BNG A "C1'" 1 
HETATM 1467 C "C2'" . BNG F 3 .   ? 6.723   1.474   18.342  1.00 59.24 ? 504  BNG A "C2'" 1 
HETATM 1468 C "C3'" . BNG F 3 .   ? 6.981   0.732   17.032  1.00 57.58 ? 504  BNG A "C3'" 1 
HETATM 1469 C "C4'" . BNG F 3 .   ? 6.750   1.633   15.820  1.00 56.71 ? 504  BNG A "C4'" 1 
HETATM 1470 C "C5'" . BNG F 3 .   ? 7.826   1.411   14.760  1.00 59.31 ? 504  BNG A "C5'" 1 
HETATM 1471 C "C6'" . BNG F 3 .   ? 7.668   2.357   13.567  1.00 59.83 ? 504  BNG A "C6'" 1 
HETATM 1472 C "C7'" . BNG F 3 .   ? 8.951   2.450   12.738  1.00 59.04 ? 504  BNG A "C7'" 1 
HETATM 1473 C "C8'" . BNG F 3 .   ? 8.831   3.493   11.632  1.00 53.43 ? 504  BNG A "C8'" 1 
HETATM 1474 C "C9'" . BNG F 3 .   ? 10.187  4.000   11.188  1.00 53.91 ? 504  BNG A "C9'" 1 
HETATM 1475 O O1    . BNG F 3 .   ? 6.913   1.394   20.748  1.00 72.40 ? 504  BNG A O1    1 
HETATM 1476 C "C1'" . BNG G 3 .   ? -9.781  -14.013 -1.752  1.00 59.12 ? 505  BNG A "C1'" 1 
HETATM 1477 C "C2'" . BNG G 3 .   ? -9.598  -12.561 -1.317  1.00 59.74 ? 505  BNG A "C2'" 1 
HETATM 1478 C "C3'" . BNG G 3 .   ? -10.758 -11.711 -1.827  1.00 64.73 ? 505  BNG A "C3'" 1 
HETATM 1479 C "C4'" . BNG G 3 .   ? -10.615 -10.233 -1.462  1.00 57.99 ? 505  BNG A "C4'" 1 
HETATM 1480 C "C5'" . BNG G 3 .   ? -11.362 -9.888  -0.172  1.00 60.07 ? 505  BNG A "C5'" 1 
HETATM 1481 C "C6'" . BNG G 3 .   ? -11.557 -8.377  -0.039  1.00 59.10 ? 505  BNG A "C6'" 1 
HETATM 1482 C "C7'" . BNG G 3 .   ? -12.530 -8.010  1.076   1.00 58.59 ? 505  BNG A "C7'" 1 
HETATM 1483 C "C8'" . BNG G 3 .   ? -11.812 -7.930  2.420   1.00 60.34 ? 505  BNG A "C8'" 1 
HETATM 1484 C "C9'" . BNG G 3 .   ? -12.734 -7.428  3.514   1.00 57.88 ? 505  BNG A "C9'" 1 
HETATM 1485 C "C1'" . BNG H 3 .   ? 14.720  1.745   12.658  1.00 63.96 ? 506  BNG A "C1'" 1 
HETATM 1486 C "C2'" . BNG H 3 .   ? 13.425  1.502   11.889  1.00 58.56 ? 506  BNG A "C2'" 1 
HETATM 1487 C "C3'" . BNG H 3 .   ? 12.655  0.320   12.471  1.00 61.02 ? 506  BNG A "C3'" 1 
HETATM 1488 C "C4'" . BNG H 3 .   ? 12.178  0.630   13.884  1.00 56.17 ? 506  BNG A "C4'" 1 
HETATM 1489 C "C5'" . BNG H 3 .   ? 11.756  -0.647  14.597  1.00 57.88 ? 506  BNG A "C5'" 1 
HETATM 1490 C "C6'" . BNG H 3 .   ? 10.943  -0.331  15.849  1.00 57.82 ? 506  BNG A "C6'" 1 
HETATM 1491 C "C7'" . BNG H 3 .   ? 10.259  -1.602  16.344  1.00 57.48 ? 506  BNG A "C7'" 1 
HETATM 1492 C "C8'" . BNG H 3 .   ? 9.415   -1.338  17.570  1.00 59.92 ? 506  BNG A "C8'" 1 
HETATM 1493 C "C1'" . BNG I 3 .   ? -5.315  18.463  4.714   1.00 51.90 ? 507  BNG A "C1'" 1 
HETATM 1494 C "C2'" . BNG I 3 .   ? -4.590  18.747  6.033   1.00 51.02 ? 507  BNG A "C2'" 1 
HETATM 1495 C "C3'" . BNG I 3 .   ? -4.854  17.646  7.058   1.00 54.02 ? 507  BNG A "C3'" 1 
HETATM 1496 C "C4'" . BNG I 3 .   ? -6.262  17.041  6.995   1.00 40.24 ? 507  BNG A "C4'" 1 
HETATM 1497 C "C5'" . BNG I 3 .   ? -6.351  16.012  8.117   1.00 50.75 ? 507  BNG A "C5'" 1 
HETATM 1498 C "C6'" . BNG I 3 .   ? -7.735  15.865  8.750   1.00 48.19 ? 507  BNG A "C6'" 1 
HETATM 1499 C "C7'" . BNG I 3 .   ? -7.664  14.873  9.910   1.00 48.03 ? 507  BNG A "C7'" 1 
HETATM 1500 C "C8'" . BNG I 3 .   ? -7.899  13.413  9.475   1.00 43.18 ? 507  BNG A "C8'" 1 
HETATM 1501 O O1    . BNG I 3 .   ? -4.657  19.153  3.651   1.00 57.67 ? 507  BNG A O1    1 
HETATM 1502 C "C1'" . BNG J 3 .   ? 2.068   3.311   11.671  1.00 55.44 ? 508  BNG A "C1'" 1 
HETATM 1503 C "C2'" . BNG J 3 .   ? 2.587   3.163   10.241  1.00 50.51 ? 508  BNG A "C2'" 1 
HETATM 1504 C "C3'" . BNG J 3 .   ? 1.426   2.869   9.306   1.00 41.00 ? 508  BNG A "C3'" 1 
HETATM 1505 C "C4'" . BNG J 3 .   ? 1.893   2.555   7.900   1.00 36.55 ? 508  BNG A "C4'" 1 
HETATM 1506 C "C5'" . BNG J 3 .   ? 0.765   1.881   7.141   1.00 36.77 ? 508  BNG A "C5'" 1 
HETATM 1507 C C1    . BNG K 3 .   ? 6.613   -12.546 -16.898 1.00 53.77 ? 509  BNG A C1    1 
HETATM 1508 C "C1'" . BNG K 3 .   ? 7.974   -10.682 -16.376 1.00 55.53 ? 509  BNG A "C1'" 1 
HETATM 1509 C "C2'" . BNG K 3 .   ? 8.506   -9.428  -17.085 1.00 54.45 ? 509  BNG A "C2'" 1 
HETATM 1510 C "C3'" . BNG K 3 .   ? 10.016  -9.331  -17.198 1.00 47.14 ? 509  BNG A "C3'" 1 
HETATM 1511 C "C4'" . BNG K 3 .   ? 10.621  -10.161 -18.333 1.00 53.59 ? 509  BNG A "C4'" 1 
HETATM 1512 C "C5'" . BNG K 3 .   ? 10.463  -11.671 -18.157 1.00 55.97 ? 509  BNG A "C5'" 1 
HETATM 1513 O O1    . BNG K 3 .   ? 6.758   -11.130 -16.999 1.00 46.95 ? 509  BNG A O1    1 
HETATM 1514 O O5    . BNG K 3 .   ? 6.093   -13.133 -18.098 1.00 52.40 ? 509  BNG A O5    1 
HETATM 1515 C C1    . BNG L 3 .   ? 1.431   19.079  8.664   1.00 65.71 ? 510  BNG A C1    1 
HETATM 1516 C "C1'" . BNG L 3 .   ? 3.177   17.658  9.409   1.00 70.78 ? 510  BNG A "C1'" 1 
HETATM 1517 C "C2'" . BNG L 3 .   ? 3.633   16.196  9.393   1.00 68.99 ? 510  BNG A "C2'" 1 
HETATM 1518 C "C3'" . BNG L 3 .   ? 5.126   16.032  9.675   1.00 64.89 ? 510  BNG A "C3'" 1 
HETATM 1519 C "C4'" . BNG L 3 .   ? 5.418   16.185  11.164  1.00 73.13 ? 510  BNG A "C4'" 1 
HETATM 1520 C "C5'" . BNG L 3 .   ? 4.676   15.132  11.983  1.00 67.71 ? 510  BNG A "C5'" 1 
HETATM 1521 C "C6'" . BNG L 3 .   ? 5.474   13.833  12.056  1.00 65.60 ? 510  BNG A "C6'" 1 
HETATM 1522 C "C7'" . BNG L 3 .   ? 4.746   12.690  11.365  1.00 57.17 ? 510  BNG A "C7'" 1 
HETATM 1523 C "C8'" . BNG L 3 .   ? 4.708   11.461  12.262  1.00 61.23 ? 510  BNG A "C8'" 1 
HETATM 1524 C "C9'" . BNG L 3 .   ? 4.370   11.850  13.689  1.00 62.61 ? 510  BNG A "C9'" 1 
HETATM 1525 O O1    . BNG L 3 .   ? 1.801   17.749  9.022   1.00 61.35 ? 510  BNG A O1    1 
HETATM 1526 C "C1'" . BNG M 3 .   ? -8.334  -11.880 -13.983 1.00 57.90 ? 511  BNG A "C1'" 1 
HETATM 1527 C "C2'" . BNG M 3 .   ? -7.219  -10.834 -14.011 1.00 55.11 ? 511  BNG A "C2'" 1 
HETATM 1528 C "C3'" . BNG M 3 .   ? -7.715  -9.523  -14.616 1.00 53.09 ? 511  BNG A "C3'" 1 
HETATM 1529 C "C4'" . BNG M 3 .   ? -6.678  -8.436  -14.390 1.00 52.32 ? 511  BNG A "C4'" 1 
HETATM 1530 C "C5'" . BNG M 3 .   ? -5.994  -8.679  -13.050 1.00 51.62 ? 511  BNG A "C5'" 1 
HETATM 1531 C "C1'" . BNG N 3 .   ? 11.138  5.842   -13.461 1.00 70.44 ? 512  BNG A "C1'" 1 
HETATM 1532 C "C2'" . BNG N 3 .   ? 11.794  7.209   -13.293 1.00 68.16 ? 512  BNG A "C2'" 1 
HETATM 1533 C "C3'" . BNG N 3 .   ? 10.859  8.187   -12.590 1.00 69.52 ? 512  BNG A "C3'" 1 
HETATM 1534 C "C4'" . BNG N 3 .   ? 10.447  9.317   -13.529 1.00 74.47 ? 512  BNG A "C4'" 1 
HETATM 1535 C "C5'" . BNG N 3 .   ? 9.391   10.213  -12.892 1.00 71.60 ? 512  BNG A "C5'" 1 
HETATM 1536 C "C1'" . BNG O 3 .   ? -4.399  -13.120 13.083  1.00 44.70 ? 513  BNG A "C1'" 1 
HETATM 1537 C "C2'" . BNG O 3 .   ? -5.817  -12.806 13.528  1.00 48.63 ? 513  BNG A "C2'" 1 
HETATM 1538 C "C3'" . BNG O 3 .   ? -6.776  -13.910 13.099  1.00 50.72 ? 513  BNG A "C3'" 1 
HETATM 1539 C "C4'" . BNG O 3 .   ? -7.111  -13.731 11.625  1.00 51.61 ? 513  BNG A "C4'" 1 
HETATM 1540 C "C5'" . BNG O 3 .   ? -7.503  -12.284 11.343  1.00 46.48 ? 513  BNG A "C5'" 1 
HETATM 1541 O O1    . BNG O 3 .   ? -3.540  -12.175 13.700  1.00 44.67 ? 513  BNG A O1    1 
HETATM 1542 C "C1'" . BNG P 3 .   ? 10.688  -13.943 20.257  1.00 62.19 ? 514  BNG A "C1'" 1 
HETATM 1543 C "C2'" . BNG P 3 .   ? 9.931   -12.888 19.457  1.00 57.41 ? 514  BNG A "C2'" 1 
HETATM 1544 C "C3'" . BNG P 3 .   ? 10.764  -11.616 19.342  1.00 57.99 ? 514  BNG A "C3'" 1 
HETATM 1545 C "C4'" . BNG P 3 .   ? 9.863   -10.386 19.258  1.00 58.73 ? 514  BNG A "C4'" 1 
HETATM 1546 C C1    . BNG Q 3 .   ? 10.908  -10.151 -13.912 1.00 71.94 ? 515  BNG A C1    1 
HETATM 1547 C C2    . BNG Q 3 .   ? 11.874  -10.197 -12.723 1.00 74.27 ? 515  BNG A C2    1 
HETATM 1548 C C3    . BNG Q 3 .   ? 12.588  -11.533 -12.572 1.00 77.92 ? 515  BNG A C3    1 
HETATM 1549 C C4    . BNG Q 3 .   ? 11.567  -12.662 -12.603 1.00 77.34 ? 515  BNG A C4    1 
HETATM 1550 C C5    . BNG Q 3 .   ? 10.787  -12.600 -13.917 1.00 72.93 ? 515  BNG A C5    1 
HETATM 1551 C C6    . BNG Q 3 .   ? 9.759   -13.730 -13.979 1.00 72.11 ? 515  BNG A C6    1 
HETATM 1552 C "C1'" . BNG Q 3 .   ? 10.536  -7.811  -13.990 1.00 64.06 ? 515  BNG A "C1'" 1 
HETATM 1553 C "C2'" . BNG Q 3 .   ? 9.698   -6.726  -13.330 1.00 57.91 ? 515  BNG A "C2'" 1 
HETATM 1554 C "C3'" . BNG Q 3 .   ? 10.184  -5.355  -13.773 1.00 61.30 ? 515  BNG A "C3'" 1 
HETATM 1555 C "C4'" . BNG Q 3 .   ? 9.019   -4.502  -14.252 1.00 57.58 ? 515  BNG A "C4'" 1 
HETATM 1556 C "C5'" . BNG Q 3 .   ? 9.477   -3.527  -15.329 1.00 62.01 ? 515  BNG A "C5'" 1 
HETATM 1557 C "C6'" . BNG Q 3 .   ? 9.676   -2.131  -14.749 1.00 63.22 ? 515  BNG A "C6'" 1 
HETATM 1558 O O1    . BNG Q 3 .   ? 9.993   -9.083  -13.649 1.00 69.93 ? 515  BNG A O1    1 
HETATM 1559 O O2    . BNG Q 3 .   ? 12.871  -9.172  -12.866 1.00 81.39 ? 515  BNG A O2    1 
HETATM 1560 O O3    . BNG Q 3 .   ? 13.321  -11.546 -11.336 1.00 80.54 ? 515  BNG A O3    1 
HETATM 1561 O O4    . BNG Q 3 .   ? 12.238  -13.923 -12.461 1.00 82.75 ? 515  BNG A O4    1 
HETATM 1562 O O5    . BNG Q 3 .   ? 10.112  -11.342 -14.037 1.00 72.81 ? 515  BNG A O5    1 
HETATM 1563 O O6    . BNG Q 3 .   ? 8.571   -13.295 -14.658 1.00 68.69 ? 515  BNG A O6    1 
HETATM 1564 C "C1'" . BNG R 3 .   ? 10.353  -5.938  -9.962  1.00 58.27 ? 516  BNG A "C1'" 1 
HETATM 1565 C "C2'" . BNG R 3 .   ? 9.868   -7.120  -9.143  1.00 56.69 ? 516  BNG A "C2'" 1 
HETATM 1566 C "C3'" . BNG R 3 .   ? 9.754   -6.739  -7.671  1.00 53.37 ? 516  BNG A "C3'" 1 
HETATM 1567 C "C4'" . BNG R 3 .   ? 8.989   -5.429  -7.503  1.00 50.55 ? 516  BNG A "C4'" 1 
HETATM 1568 C "C5'" . BNG R 3 .   ? 7.478   -5.621  -7.528  1.00 49.33 ? 516  BNG A "C5'" 1 
HETATM 1569 O O     . HOH S 4 .   ? 0.924   16.309  -1.955  1.00 49.28 ? 2001 HOH A O     1 
HETATM 1570 O O     . HOH S 4 .   ? 15.310  -5.620  2.114   1.00 34.24 ? 2002 HOH A O     1 
HETATM 1571 O O     . HOH S 4 .   ? 21.310  -5.958  1.460   1.00 49.46 ? 2003 HOH A O     1 
HETATM 1572 O O     . HOH S 4 .   ? 21.425  -7.199  5.182   1.00 54.37 ? 2004 HOH A O     1 
HETATM 1573 O O     . HOH S 4 .   ? 13.555  -11.506 2.847   1.00 52.30 ? 2005 HOH A O     1 
HETATM 1574 O O     . HOH S 4 .   ? 15.881  -9.086  0.759   1.00 47.53 ? 2006 HOH A O     1 
HETATM 1575 O O     . HOH S 4 .   ? 18.452  -7.413  3.544   1.00 47.94 ? 2007 HOH A O     1 
HETATM 1576 O O     . HOH S 4 .   ? 16.610  -8.777  15.245  1.00 48.88 ? 2008 HOH A O     1 
HETATM 1577 O O     . HOH S 4 .   ? -0.183  -14.655 13.298  1.00 47.87 ? 2009 HOH A O     1 
HETATM 1578 O O     . HOH S 4 .   ? 1.047   -8.443  22.888  1.00 43.09 ? 2010 HOH A O     1 
HETATM 1579 O O     . HOH S 4 .   ? -0.273  18.490  -0.562  1.00 45.19 ? 2011 HOH A O     1 
HETATM 1580 O O     . HOH S 4 .   ? 2.053   -5.653  3.424   1.00 29.90 ? 2012 HOH A O     1 
HETATM 1581 O O     . HOH S 4 .   ? 11.089  -0.466  3.228   1.00 30.28 ? 2013 HOH A O     1 
HETATM 1582 O O     . HOH S 4 .   ? 6.805   -3.013  -6.030  1.00 48.02 ? 2014 HOH A O     1 
HETATM 1583 O O     . HOH S 4 .   ? -2.914  16.268  -8.640  1.00 67.32 ? 2015 HOH A O     1 
HETATM 1584 O O     . HOH S 4 .   ? -11.471 15.413  1.318   1.00 54.33 ? 2016 HOH A O     1 
HETATM 1585 O O     . HOH S 4 .   ? -14.534 12.224  0.786   1.00 55.88 ? 2017 HOH A O     1 
HETATM 1586 O O     . HOH S 4 .   ? -0.265  -4.845  2.144   1.00 43.45 ? 2018 HOH A O     1 
HETATM 1587 O O     . HOH S 4 .   ? 2.320   -14.121 3.819   1.00 41.63 ? 2019 HOH A O     1 
HETATM 1588 O O     . HOH S 4 .   ? -5.755  -12.996 9.028   1.00 44.74 ? 2020 HOH A O     1 
HETATM 1589 O O     . HOH S 4 .   ? 3.928   -16.320 6.317   1.00 42.10 ? 2021 HOH A O     1 
HETATM 1590 O O     . HOH S 4 .   ? 3.922   -9.049  8.297   1.00 31.92 ? 2022 HOH A O     1 
HETATM 1591 O O     . HOH S 4 .   ? 5.123   -18.418 11.815  1.00 42.86 ? 2023 HOH A O     1 
HETATM 1592 O O     . HOH S 4 .   ? 0.527   -2.551  1.662   1.00 30.39 ? 2024 HOH A O     1 
HETATM 1593 O O     . HOH S 4 .   ? -12.108 4.479   -17.257 1.00 53.83 ? 2025 HOH A O     1 
HETATM 1594 O O     . HOH S 4 .   ? -13.022 13.914  -0.245  1.00 51.39 ? 2026 HOH A O     1 
HETATM 1595 O O     . HOH S 4 .   ? -18.684 14.850  -9.459  1.00 61.51 ? 2027 HOH A O     1 
HETATM 1596 O O     . HOH S 4 .   ? -10.320 8.481   -12.871 1.00 45.30 ? 2028 HOH A O     1 
HETATM 1597 O O     . HOH S 4 .   ? -3.668  10.633  -13.139 1.00 57.21 ? 2029 HOH A O     1 
HETATM 1598 O O     . HOH S 4 .   ? -3.038  10.182  -21.128 1.00 45.08 ? 2030 HOH A O     1 
HETATM 1599 O O     . HOH S 4 .   ? -11.347 8.615   -27.345 1.00 59.22 ? 2031 HOH A O     1 
HETATM 1600 O O     . HOH S 4 .   ? 4.752   -2.020  -6.885  1.00 42.73 ? 2032 HOH A O     1 
HETATM 1601 O O     . HOH S 4 .   ? 2.347   -11.361 -7.528  1.00 50.40 ? 2033 HOH A O     1 
HETATM 1602 O O     . HOH S 4 .   ? 5.229   -12.035 -8.499  1.00 42.23 ? 2034 HOH A O     1 
HETATM 1603 O O     . HOH S 4 .   ? 3.546   -15.436 1.172   1.00 50.40 ? 2035 HOH A O     1 
HETATM 1604 O O     . HOH S 4 .   ? -2.809  -14.220 -0.004  1.00 48.81 ? 2036 HOH A O     1 
HETATM 1605 O O     . HOH S 4 .   ? 3.788   -12.968 -19.335 1.00 43.71 ? 2037 HOH A O     1 
HETATM 1606 O O     . HOH S 4 .   ? 8.371   -14.226 -19.368 1.00 54.59 ? 2038 HOH A O     1 
# 
